data_2KWQ
#
_entry.id   2KWQ
#
loop_
_entity.id
_entity.type
_entity.pdbx_description
1 polymer 'Protein MCM10 homolog'
2 non-polymer 'ZINC ION'
#
_entity_poly.entity_id   1
_entity_poly.type   'polypeptide(L)'
_entity_poly.pdbx_seq_one_letter_code
;GPMGMQSIREQSCRVVTCKTCKYTHFKPKETCVSENHDFHWHNGVKRFFKCPCGNRTISLDRLPKKHCSTCGLFKWERVG
MLKEKTGPKLGG
;
_entity_poly.pdbx_strand_id   A
#
loop_
_chem_comp.id
_chem_comp.type
_chem_comp.name
_chem_comp.formula
ZN non-polymer 'ZINC ION' 'Zn 2'
#
# COMPACT_ATOMS: atom_id res chain seq x y z
N GLY A 1 9.79 19.35 24.72
CA GLY A 1 9.76 18.30 23.68
C GLY A 1 10.84 18.51 22.61
N PRO A 2 11.15 17.47 21.82
CA PRO A 2 12.18 17.51 20.78
C PRO A 2 11.71 18.31 19.55
N MET A 3 12.67 18.77 18.74
CA MET A 3 12.42 19.46 17.46
C MET A 3 12.01 18.51 16.32
N GLY A 4 11.53 19.07 15.21
CA GLY A 4 11.11 18.32 14.00
C GLY A 4 9.62 17.96 14.04
N MET A 5 9.20 16.79 13.52
CA MET A 5 10.02 15.71 12.94
C MET A 5 10.66 16.09 11.60
N GLN A 6 11.85 15.53 11.32
CA GLN A 6 12.62 15.78 10.10
C GLN A 6 12.27 14.80 8.95
N SER A 7 11.65 13.67 9.27
CA SER A 7 11.26 12.61 8.31
C SER A 7 9.83 12.79 7.76
N ILE A 8 9.52 12.14 6.63
CA ILE A 8 8.19 12.13 5.99
C ILE A 8 7.46 10.82 6.36
N ARG A 9 6.12 10.88 6.49
CA ARG A 9 5.19 9.84 6.97
C ARG A 9 5.11 8.51 6.18
N GLU A 10 6.04 8.23 5.27
CA GLU A 10 6.08 7.01 4.47
C GLU A 10 6.98 5.95 5.13
N GLN A 11 7.27 4.85 4.42
CA GLN A 11 8.31 3.89 4.77
C GLN A 11 8.74 3.08 3.54
N SER A 12 10.04 2.76 3.44
CA SER A 12 10.57 1.89 2.37
C SER A 12 10.28 0.41 2.68
N CYS A 13 10.00 -0.38 1.64
CA CYS A 13 9.64 -1.81 1.73
C CYS A 13 9.94 -2.53 0.40
N ARG A 14 10.12 -3.85 0.43
CA ARG A 14 10.28 -4.64 -0.80
C ARG A 14 8.94 -4.80 -1.51
N VAL A 15 8.96 -4.61 -2.83
CA VAL A 15 7.83 -4.58 -3.76
C VAL A 15 8.14 -5.47 -4.97
N VAL A 16 7.15 -5.65 -5.85
CA VAL A 16 7.22 -6.64 -6.95
C VAL A 16 6.42 -6.17 -8.16
N THR A 17 7.00 -6.35 -9.36
CA THR A 17 6.33 -6.18 -10.65
C THR A 17 6.06 -7.56 -11.24
N CYS A 18 4.77 -7.89 -11.46
CA CYS A 18 4.39 -9.04 -12.27
C CYS A 18 4.66 -8.71 -13.74
N LYS A 19 5.52 -9.52 -14.38
CA LYS A 19 5.91 -9.36 -15.78
C LYS A 19 4.84 -9.87 -16.76
N THR A 20 3.90 -10.71 -16.28
CA THR A 20 2.81 -11.28 -17.08
C THR A 20 1.61 -10.34 -17.17
N CYS A 21 1.26 -9.62 -16.09
CA CYS A 21 0.15 -8.66 -16.04
C CYS A 21 0.57 -7.18 -16.12
N LYS A 22 1.86 -6.88 -15.88
CA LYS A 22 2.51 -5.56 -16.00
C LYS A 22 2.08 -4.54 -14.89
N TYR A 23 1.65 -5.03 -13.72
CA TYR A 23 1.40 -4.20 -12.52
C TYR A 23 2.54 -4.31 -11.49
N THR A 24 2.69 -3.28 -10.63
CA THR A 24 3.61 -3.25 -9.48
C THR A 24 2.82 -3.14 -8.18
N HIS A 25 3.22 -3.89 -7.16
CA HIS A 25 2.54 -3.99 -5.85
C HIS A 25 3.50 -4.48 -4.75
N PHE A 26 3.02 -4.61 -3.50
CA PHE A 26 3.81 -5.07 -2.35
C PHE A 26 4.12 -6.58 -2.39
N LYS A 27 3.24 -7.37 -3.03
CA LYS A 27 3.32 -8.84 -3.18
C LYS A 27 2.61 -9.30 -4.47
N PRO A 28 2.89 -10.51 -5.00
CA PRO A 28 2.08 -11.10 -6.06
C PRO A 28 0.73 -11.55 -5.49
N LYS A 29 -0.32 -11.48 -6.31
CA LYS A 29 -1.64 -12.01 -5.94
C LYS A 29 -1.62 -13.54 -5.82
N GLU A 30 -2.56 -14.09 -5.04
CA GLU A 30 -2.74 -15.54 -4.88
C GLU A 30 -3.01 -16.23 -6.22
N THR A 31 -3.73 -15.55 -7.14
CA THR A 31 -3.94 -15.97 -8.53
C THR A 31 -2.64 -15.94 -9.34
N CYS A 32 -1.80 -14.93 -9.18
CA CYS A 32 -0.50 -14.83 -9.85
C CYS A 32 0.49 -15.91 -9.36
N VAL A 33 0.44 -16.28 -8.08
CA VAL A 33 1.22 -17.40 -7.53
C VAL A 33 0.66 -18.76 -8.02
N SER A 34 -0.67 -18.94 -8.06
CA SER A 34 -1.31 -20.20 -8.45
C SER A 34 -1.21 -20.49 -9.96
N GLU A 35 -1.40 -19.48 -10.81
CA GLU A 35 -1.15 -19.55 -12.26
C GLU A 35 0.34 -19.43 -12.60
N ASN A 36 1.17 -19.04 -11.63
CA ASN A 36 2.62 -19.11 -11.64
C ASN A 36 3.28 -18.13 -12.63
N HIS A 37 2.79 -16.88 -12.63
CA HIS A 37 3.32 -15.76 -13.41
C HIS A 37 4.79 -15.46 -13.04
N ASP A 38 5.54 -14.86 -13.96
CA ASP A 38 6.89 -14.35 -13.69
C ASP A 38 6.81 -12.98 -12.99
N PHE A 39 7.67 -12.73 -12.00
CA PHE A 39 7.77 -11.44 -11.32
C PHE A 39 9.22 -11.04 -11.00
N HIS A 40 9.49 -9.73 -11.00
CA HIS A 40 10.75 -9.13 -10.55
C HIS A 40 10.54 -8.38 -9.23
N TRP A 41 11.28 -8.72 -8.17
CA TRP A 41 11.27 -8.03 -6.88
C TRP A 41 12.34 -6.92 -6.78
N HIS A 42 12.06 -5.87 -6.01
CA HIS A 42 12.91 -4.68 -5.80
C HIS A 42 12.39 -3.84 -4.61
N ASN A 43 13.10 -2.79 -4.17
CA ASN A 43 12.62 -1.89 -3.11
C ASN A 43 11.79 -0.71 -3.67
N GLY A 44 10.81 -0.23 -2.88
CA GLY A 44 9.96 0.93 -3.18
C GLY A 44 9.44 1.63 -1.91
N VAL A 45 8.61 2.65 -2.09
CA VAL A 45 7.99 3.43 -1.00
C VAL A 45 6.46 3.48 -1.19
N LYS A 46 5.71 3.34 -0.08
CA LYS A 46 4.26 3.16 -0.07
C LYS A 46 3.48 4.32 0.57
N ARG A 47 2.23 4.50 0.11
CA ARG A 47 1.33 5.63 0.40
C ARG A 47 0.02 5.10 1.00
N PHE A 48 -0.44 5.67 2.11
CA PHE A 48 -1.58 5.19 2.90
C PHE A 48 -2.85 6.02 2.67
N PHE A 49 -4.02 5.38 2.55
CA PHE A 49 -5.30 6.05 2.24
C PHE A 49 -6.46 5.58 3.14
N LYS A 50 -7.48 6.45 3.25
CA LYS A 50 -8.71 6.23 4.02
C LYS A 50 -9.94 6.74 3.25
N CYS A 51 -11.06 6.02 3.35
CA CYS A 51 -12.38 6.40 2.84
C CYS A 51 -13.26 6.99 3.98
N PRO A 52 -14.18 7.95 3.72
CA PRO A 52 -15.04 8.55 4.74
C PRO A 52 -15.93 7.59 5.55
N CYS A 53 -16.23 6.37 5.06
CA CYS A 53 -16.96 5.35 5.81
C CYS A 53 -16.10 4.62 6.89
N GLY A 54 -14.78 4.79 6.83
CA GLY A 54 -13.77 4.16 7.70
C GLY A 54 -12.93 3.08 7.02
N ASN A 55 -13.26 2.65 5.79
CA ASN A 55 -12.45 1.69 5.02
C ASN A 55 -11.04 2.22 4.70
N ARG A 56 -10.07 1.33 4.54
CA ARG A 56 -8.63 1.64 4.36
C ARG A 56 -8.04 0.93 3.14
N THR A 57 -6.95 1.50 2.58
CA THR A 57 -6.13 0.89 1.52
C THR A 57 -4.74 1.54 1.45
N ILE A 58 -3.86 0.98 0.63
CA ILE A 58 -2.46 1.36 0.44
C ILE A 58 -2.14 1.26 -1.06
N SER A 59 -1.30 2.13 -1.59
CA SER A 59 -0.76 2.03 -2.97
C SER A 59 0.72 2.43 -3.02
N LEU A 60 1.40 2.12 -4.13
CA LEU A 60 2.71 2.67 -4.49
C LEU A 60 2.59 3.99 -5.27
N ASP A 61 1.41 4.29 -5.85
CA ASP A 61 1.09 5.54 -6.53
C ASP A 61 0.44 6.57 -5.58
N ARG A 62 0.38 7.83 -6.01
CA ARG A 62 -0.19 8.97 -5.28
C ARG A 62 -1.70 8.87 -4.98
N LEU A 63 -2.41 7.91 -5.58
CA LEU A 63 -3.85 7.63 -5.38
C LEU A 63 -4.19 6.24 -5.95
N PRO A 64 -4.99 5.39 -5.25
CA PRO A 64 -5.46 4.12 -5.80
C PRO A 64 -6.54 4.37 -6.87
N LYS A 65 -6.69 3.41 -7.80
CA LYS A 65 -7.72 3.47 -8.86
C LYS A 65 -9.07 2.88 -8.47
N LYS A 66 -9.07 1.96 -7.50
CA LYS A 66 -10.20 1.09 -7.18
C LYS A 66 -11.33 1.83 -6.43
N HIS A 67 -12.59 1.42 -6.63
CA HIS A 67 -13.69 1.83 -5.76
C HIS A 67 -13.63 1.13 -4.39
N CYS A 68 -14.35 1.66 -3.41
CA CYS A 68 -14.44 1.13 -2.05
C CYS A 68 -15.12 -0.25 -2.00
N SER A 69 -14.52 -1.17 -1.23
CA SER A 69 -15.06 -2.50 -0.96
C SER A 69 -16.28 -2.50 -0.02
N THR A 70 -16.51 -1.39 0.72
CA THR A 70 -17.49 -1.30 1.82
C THR A 70 -18.73 -0.49 1.42
N CYS A 71 -18.57 0.61 0.68
CA CYS A 71 -19.70 1.48 0.26
C CYS A 71 -19.83 1.72 -1.26
N GLY A 72 -18.81 1.37 -2.05
CA GLY A 72 -18.89 1.23 -3.51
C GLY A 72 -18.55 2.48 -4.33
N LEU A 73 -18.35 3.64 -3.69
CA LEU A 73 -17.97 4.90 -4.34
C LEU A 73 -16.44 5.08 -4.47
N PHE A 74 -16.00 6.27 -4.90
CA PHE A 74 -14.60 6.67 -4.98
C PHE A 74 -14.39 8.01 -4.23
N LYS A 75 -13.85 7.94 -3.00
CA LYS A 75 -13.61 9.09 -2.10
C LYS A 75 -12.34 8.91 -1.22
N TRP A 76 -11.31 8.20 -1.73
CA TRP A 76 -10.03 8.00 -1.04
C TRP A 76 -9.32 9.33 -0.73
N GLU A 77 -8.88 9.48 0.52
CA GLU A 77 -8.08 10.58 1.03
C GLU A 77 -6.71 10.06 1.49
N ARG A 78 -5.64 10.77 1.15
CA ARG A 78 -4.27 10.45 1.58
C ARG A 78 -4.10 10.72 3.08
N VAL A 79 -3.62 9.73 3.84
CA VAL A 79 -3.35 9.79 5.29
C VAL A 79 -1.91 9.36 5.62
N GLY A 80 -1.47 9.64 6.86
CA GLY A 80 -0.09 9.43 7.31
C GLY A 80 0.22 8.03 7.86
N MET A 81 1.30 7.94 8.62
CA MET A 81 1.90 6.70 9.13
C MET A 81 1.02 6.03 10.20
N LEU A 82 1.09 4.69 10.28
CA LEU A 82 0.30 3.85 11.19
C LEU A 82 0.88 3.77 12.62
N LYS A 83 1.94 4.53 12.91
CA LYS A 83 2.65 4.65 14.21
C LYS A 83 3.45 3.39 14.64
N GLU A 84 3.52 2.38 13.76
CA GLU A 84 4.24 1.12 13.91
C GLU A 84 4.28 0.38 12.55
N LYS A 85 5.38 -0.32 12.26
CA LYS A 85 5.58 -1.05 11.00
C LYS A 85 4.84 -2.40 10.94
N THR A 86 4.71 -3.06 12.10
CA THR A 86 4.10 -4.39 12.33
C THR A 86 4.10 -4.72 13.83
N GLY A 87 3.28 -5.70 14.23
CA GLY A 87 3.21 -6.27 15.58
C GLY A 87 4.12 -7.51 15.75
N PRO A 88 3.82 -8.42 16.70
CA PRO A 88 4.55 -9.69 16.86
C PRO A 88 4.22 -10.67 15.73
N LYS A 89 5.02 -11.74 15.61
CA LYS A 89 4.83 -12.78 14.58
C LYS A 89 3.48 -13.51 14.75
N LEU A 90 2.73 -13.65 13.65
CA LEU A 90 1.34 -14.14 13.61
C LEU A 90 0.96 -14.60 12.19
N GLY A 91 0.07 -15.59 12.08
CA GLY A 91 -0.44 -16.14 10.82
C GLY A 91 0.49 -17.19 10.19
N GLY A 92 0.23 -17.56 8.93
CA GLY A 92 0.96 -18.57 8.16
C GLY A 92 0.47 -18.71 6.72
ZN ZN B . 0.06 -11.57 -12.78
ZN ZN C . -16.10 3.60 1.69
N GLY A 1 14.04 11.29 8.09
CA GLY A 1 14.20 12.72 8.42
C GLY A 1 14.14 12.97 9.92
N PRO A 2 14.25 14.25 10.36
CA PRO A 2 14.25 14.63 11.77
C PRO A 2 12.84 14.61 12.39
N MET A 3 11.84 15.11 11.65
CA MET A 3 10.43 15.34 12.03
C MET A 3 9.68 16.04 10.89
N GLY A 4 8.35 16.16 10.99
CA GLY A 4 7.54 16.94 10.03
C GLY A 4 7.86 18.43 10.09
N MET A 5 7.74 19.18 8.99
CA MET A 5 7.23 18.79 7.66
C MET A 5 8.25 18.07 6.77
N GLN A 6 9.52 17.97 7.16
CA GLN A 6 10.57 17.36 6.35
C GLN A 6 10.41 15.83 6.25
N SER A 7 10.07 15.16 7.35
CA SER A 7 9.63 13.76 7.35
C SER A 7 8.16 13.64 6.89
N ILE A 8 7.87 12.69 5.99
CA ILE A 8 6.53 12.40 5.44
C ILE A 8 6.04 11.04 5.99
N ARG A 9 4.71 10.83 6.04
CA ARG A 9 4.08 9.59 6.55
C ARG A 9 4.53 8.28 5.87
N GLU A 10 4.97 8.34 4.62
CA GLU A 10 5.30 7.19 3.77
C GLU A 10 6.65 6.54 4.13
N GLN A 11 6.86 5.28 3.71
CA GLN A 11 8.01 4.47 4.12
C GLN A 11 8.40 3.43 3.06
N SER A 12 9.71 3.21 2.88
CA SER A 12 10.27 2.35 1.84
C SER A 12 10.18 0.84 2.16
N CYS A 13 9.94 0.03 1.12
CA CYS A 13 9.80 -1.44 1.17
C CYS A 13 10.22 -2.10 -0.16
N ARG A 14 10.43 -3.41 -0.15
CA ARG A 14 10.56 -4.21 -1.38
C ARG A 14 9.17 -4.45 -2.00
N VAL A 15 9.07 -4.40 -3.32
CA VAL A 15 7.84 -4.48 -4.12
C VAL A 15 8.04 -5.36 -5.37
N VAL A 16 6.95 -5.88 -5.93
CA VAL A 16 6.94 -6.80 -7.07
C VAL A 16 6.04 -6.27 -8.20
N THR A 17 6.44 -6.53 -9.45
CA THR A 17 5.62 -6.32 -10.65
C THR A 17 5.39 -7.66 -11.33
N CYS A 18 4.13 -8.09 -11.42
CA CYS A 18 3.70 -9.20 -12.27
C CYS A 18 3.72 -8.75 -13.73
N LYS A 19 4.56 -9.37 -14.55
CA LYS A 19 4.69 -9.09 -15.97
C LYS A 19 3.54 -9.70 -16.79
N THR A 20 2.89 -10.75 -16.26
CA THR A 20 1.75 -11.44 -16.89
C THR A 20 0.47 -10.62 -16.77
N CYS A 21 0.14 -10.09 -15.58
CA CYS A 21 -1.07 -9.28 -15.35
C CYS A 21 -0.84 -7.75 -15.48
N LYS A 22 0.42 -7.31 -15.42
CA LYS A 22 0.89 -5.92 -15.53
C LYS A 22 0.57 -5.03 -14.31
N TYR A 23 0.36 -5.61 -13.12
CA TYR A 23 0.19 -4.87 -11.85
C TYR A 23 1.48 -4.78 -11.02
N THR A 24 1.55 -3.77 -10.14
CA THR A 24 2.61 -3.57 -9.13
C THR A 24 1.99 -3.68 -7.74
N HIS A 25 2.68 -4.33 -6.80
CA HIS A 25 2.20 -4.58 -5.43
C HIS A 25 3.35 -4.89 -4.45
N PHE A 26 3.02 -4.99 -3.15
CA PHE A 26 3.97 -5.33 -2.09
C PHE A 26 4.51 -6.78 -2.19
N LYS A 27 3.71 -7.70 -2.75
CA LYS A 27 3.97 -9.15 -2.86
C LYS A 27 3.01 -9.84 -3.87
N PRO A 28 3.40 -10.97 -4.49
CA PRO A 28 2.59 -11.63 -5.51
C PRO A 28 1.46 -12.44 -4.89
N LYS A 29 0.37 -12.65 -5.64
CA LYS A 29 -0.75 -13.47 -5.20
C LYS A 29 -0.43 -14.97 -5.22
N GLU A 30 -1.14 -15.73 -4.37
CA GLU A 30 -1.11 -17.20 -4.36
C GLU A 30 -1.55 -17.78 -5.72
N THR A 31 -2.52 -17.14 -6.39
CA THR A 31 -2.96 -17.49 -7.74
C THR A 31 -1.91 -17.19 -8.80
N CYS A 32 -1.16 -16.08 -8.67
CA CYS A 32 -0.05 -15.75 -9.57
C CYS A 32 1.11 -16.75 -9.41
N VAL A 33 1.44 -17.13 -8.17
CA VAL A 33 2.43 -18.18 -7.88
C VAL A 33 1.98 -19.56 -8.40
N SER A 34 0.70 -19.93 -8.19
CA SER A 34 0.15 -21.24 -8.60
C SER A 34 0.00 -21.39 -10.13
N GLU A 35 -0.38 -20.32 -10.84
CA GLU A 35 -0.47 -20.28 -12.31
C GLU A 35 0.89 -20.02 -12.99
N ASN A 36 1.96 -19.84 -12.21
CA ASN A 36 3.36 -19.71 -12.66
C ASN A 36 3.61 -18.43 -13.50
N HIS A 37 2.97 -17.31 -13.12
CA HIS A 37 3.16 -15.99 -13.74
C HIS A 37 4.62 -15.52 -13.57
N ASP A 38 5.10 -14.73 -14.53
CA ASP A 38 6.42 -14.10 -14.46
C ASP A 38 6.35 -12.79 -13.67
N PHE A 39 7.35 -12.54 -12.80
CA PHE A 39 7.44 -11.30 -12.02
C PHE A 39 8.88 -10.86 -11.79
N HIS A 40 9.03 -9.57 -11.47
CA HIS A 40 10.31 -8.94 -11.12
C HIS A 40 10.17 -8.12 -9.82
N TRP A 41 11.12 -8.26 -8.90
CA TRP A 41 11.19 -7.50 -7.65
C TRP A 41 12.10 -6.26 -7.79
N HIS A 42 11.83 -5.25 -6.96
CA HIS A 42 12.61 -4.01 -6.82
C HIS A 42 12.21 -3.28 -5.50
N ASN A 43 12.85 -2.13 -5.21
CA ASN A 43 12.48 -1.28 -4.08
C ASN A 43 11.47 -0.18 -4.48
N GLY A 44 10.58 0.17 -3.56
CA GLY A 44 9.54 1.20 -3.70
C GLY A 44 9.20 1.85 -2.35
N VAL A 45 8.01 2.47 -2.27
CA VAL A 45 7.54 3.23 -1.08
C VAL A 45 6.02 3.21 -0.98
N LYS A 46 5.50 2.93 0.21
CA LYS A 46 4.06 2.76 0.47
C LYS A 46 3.44 3.92 1.27
N ARG A 47 2.15 4.19 1.00
CA ARG A 47 1.40 5.38 1.42
C ARG A 47 0.00 4.95 1.87
N PHE A 48 -0.52 5.55 2.93
CA PHE A 48 -1.73 5.09 3.65
C PHE A 48 -2.94 5.97 3.34
N PHE A 49 -4.12 5.35 3.11
CA PHE A 49 -5.34 6.06 2.71
C PHE A 49 -6.59 5.60 3.49
N LYS A 50 -7.58 6.49 3.56
CA LYS A 50 -8.88 6.28 4.19
C LYS A 50 -10.02 6.83 3.32
N CYS A 51 -11.16 6.13 3.31
CA CYS A 51 -12.43 6.54 2.70
C CYS A 51 -13.40 7.06 3.77
N PRO A 52 -14.28 8.05 3.49
CA PRO A 52 -15.19 8.63 4.47
C PRO A 52 -16.21 7.67 5.10
N CYS A 53 -16.48 6.49 4.52
CA CYS A 53 -17.30 5.44 5.14
C CYS A 53 -16.57 4.66 6.27
N GLY A 54 -15.24 4.81 6.39
CA GLY A 54 -14.36 4.13 7.35
C GLY A 54 -13.46 3.06 6.73
N ASN A 55 -13.65 2.71 5.46
CA ASN A 55 -12.79 1.75 4.73
C ASN A 55 -11.35 2.29 4.57
N ARG A 56 -10.36 1.39 4.50
CA ARG A 56 -8.92 1.70 4.47
C ARG A 56 -8.23 0.98 3.30
N THR A 57 -7.08 1.53 2.85
CA THR A 57 -6.19 0.92 1.83
C THR A 57 -4.78 1.51 1.91
N ILE A 58 -3.86 0.91 1.17
CA ILE A 58 -2.44 1.25 1.07
C ILE A 58 -2.01 1.13 -0.40
N SER A 59 -1.17 2.02 -0.89
CA SER A 59 -0.68 1.99 -2.28
C SER A 59 0.70 2.62 -2.44
N LEU A 60 1.33 2.37 -3.58
CA LEU A 60 2.66 2.83 -3.97
C LEU A 60 2.59 4.18 -4.70
N ASP A 61 1.45 4.50 -5.32
CA ASP A 61 1.15 5.79 -5.93
C ASP A 61 0.70 6.84 -4.90
N ARG A 62 0.78 8.12 -5.26
CA ARG A 62 0.34 9.27 -4.44
C ARG A 62 -1.17 9.25 -4.09
N LEU A 63 -1.97 8.49 -4.84
CA LEU A 63 -3.39 8.22 -4.64
C LEU A 63 -3.73 6.86 -5.30
N PRO A 64 -4.53 5.97 -4.69
CA PRO A 64 -4.87 4.68 -5.27
C PRO A 64 -5.80 4.84 -6.46
N LYS A 65 -5.75 3.91 -7.42
CA LYS A 65 -6.51 3.97 -8.67
C LYS A 65 -7.93 3.37 -8.58
N LYS A 66 -8.17 2.43 -7.66
CA LYS A 66 -9.43 1.69 -7.54
C LYS A 66 -10.52 2.42 -6.74
N HIS A 67 -11.80 2.13 -7.03
CA HIS A 67 -12.94 2.58 -6.23
C HIS A 67 -13.12 1.70 -4.97
N CYS A 68 -13.90 2.20 -4.00
CA CYS A 68 -14.14 1.53 -2.72
C CYS A 68 -14.88 0.19 -2.86
N SER A 69 -14.52 -0.77 -2.02
CA SER A 69 -15.19 -2.08 -1.93
C SER A 69 -16.40 -2.07 -0.97
N THR A 70 -16.54 -1.04 -0.13
CA THR A 70 -17.57 -0.95 0.93
C THR A 70 -18.76 -0.08 0.52
N CYS A 71 -18.53 1.03 -0.19
CA CYS A 71 -19.59 1.96 -0.63
C CYS A 71 -19.61 2.27 -2.15
N GLY A 72 -18.54 1.96 -2.88
CA GLY A 72 -18.51 1.92 -4.35
C GLY A 72 -18.03 3.20 -5.06
N LEU A 73 -17.83 4.31 -4.32
CA LEU A 73 -17.37 5.60 -4.87
C LEU A 73 -15.83 5.76 -4.85
N PHE A 74 -15.33 6.96 -5.14
CA PHE A 74 -13.92 7.32 -5.16
C PHE A 74 -13.68 8.65 -4.41
N LYS A 75 -13.39 8.53 -3.11
CA LYS A 75 -13.18 9.66 -2.18
C LYS A 75 -12.02 9.41 -1.18
N TRP A 76 -11.02 8.64 -1.62
CA TRP A 76 -9.80 8.35 -0.84
C TRP A 76 -9.07 9.64 -0.41
N GLU A 77 -8.63 9.67 0.85
CA GLU A 77 -7.82 10.72 1.45
C GLU A 77 -6.53 10.11 2.01
N ARG A 78 -5.37 10.72 1.73
CA ARG A 78 -4.08 10.26 2.24
C ARG A 78 -3.95 10.64 3.73
N VAL A 79 -3.67 9.65 4.58
CA VAL A 79 -3.63 9.78 6.05
C VAL A 79 -2.24 9.53 6.60
N GLY A 80 -2.01 9.83 7.89
CA GLY A 80 -0.73 9.68 8.57
C GLY A 80 -0.36 8.23 8.82
N MET A 81 0.88 8.03 9.27
CA MET A 81 1.46 6.71 9.55
C MET A 81 0.77 6.04 10.76
N LEU A 82 0.68 4.71 10.74
CA LEU A 82 0.04 3.91 11.80
C LEU A 82 0.81 4.05 13.13
N LYS A 83 0.06 4.17 14.23
CA LYS A 83 0.58 4.30 15.61
C LYS A 83 0.30 3.07 16.52
N GLU A 84 -0.27 2.01 15.94
CA GLU A 84 -0.73 0.79 16.59
C GLU A 84 -0.55 -0.41 15.64
N LYS A 85 -0.36 -1.62 16.19
CA LYS A 85 -0.17 -2.86 15.43
C LYS A 85 -1.33 -3.19 14.46
N THR A 86 -1.00 -3.69 13.27
CA THR A 86 -1.93 -4.05 12.18
C THR A 86 -2.17 -5.56 12.10
N GLY A 87 -3.23 -5.96 11.38
CA GLY A 87 -3.62 -7.35 11.12
C GLY A 87 -5.11 -7.52 10.75
N PRO A 88 -5.50 -8.68 10.19
CA PRO A 88 -6.87 -8.94 9.74
C PRO A 88 -7.79 -9.23 10.94
N LYS A 89 -9.04 -8.75 10.87
CA LYS A 89 -10.07 -9.02 11.89
C LYS A 89 -10.58 -10.49 11.87
N LEU A 90 -10.35 -11.19 10.75
CA LEU A 90 -10.64 -12.62 10.56
C LEU A 90 -9.62 -13.52 11.30
N GLY A 91 -8.40 -13.03 11.53
CA GLY A 91 -7.30 -13.79 12.14
C GLY A 91 -6.65 -14.77 11.16
N GLY A 92 -6.13 -15.89 11.68
CA GLY A 92 -5.49 -16.96 10.89
C GLY A 92 -4.93 -18.08 11.76
ZN ZN B . -0.31 -12.25 -12.23
ZN ZN C . -15.98 3.87 1.03
N GLY A 1 18.83 16.98 15.02
CA GLY A 1 19.99 16.09 15.26
C GLY A 1 20.18 15.08 14.14
N PRO A 2 20.88 13.95 14.40
CA PRO A 2 21.11 12.87 13.44
C PRO A 2 19.82 12.32 12.83
N MET A 3 19.90 11.91 11.55
CA MET A 3 18.81 11.31 10.75
C MET A 3 17.69 12.30 10.36
N GLY A 4 17.83 13.59 10.70
CA GLY A 4 16.87 14.64 10.37
C GLY A 4 15.53 14.45 11.07
N MET A 5 14.46 14.29 10.29
CA MET A 5 13.12 13.95 10.79
C MET A 5 13.02 12.50 11.32
N GLN A 6 13.93 11.61 10.90
CA GLN A 6 14.13 10.22 11.33
C GLN A 6 13.04 9.26 10.80
N SER A 7 11.78 9.69 10.73
CA SER A 7 10.65 8.91 10.20
C SER A 7 9.53 9.79 9.61
N ILE A 8 8.85 9.29 8.58
CA ILE A 8 7.84 10.00 7.77
C ILE A 8 6.51 9.21 7.78
N ARG A 9 5.40 9.80 7.35
CA ARG A 9 4.09 9.14 7.13
C ARG A 9 4.04 8.19 5.91
N GLU A 10 5.13 7.46 5.68
CA GLU A 10 5.43 6.51 4.61
C GLU A 10 6.79 5.85 4.88
N GLN A 11 7.01 4.64 4.36
CA GLN A 11 8.15 3.80 4.71
C GLN A 11 8.63 2.92 3.55
N SER A 12 9.94 2.79 3.38
CA SER A 12 10.56 2.01 2.30
C SER A 12 10.41 0.50 2.51
N CYS A 13 10.17 -0.23 1.41
CA CYS A 13 9.98 -1.68 1.35
C CYS A 13 10.56 -2.28 0.05
N ARG A 14 10.61 -3.61 -0.02
CA ARG A 14 10.74 -4.35 -1.29
C ARG A 14 9.34 -4.61 -1.87
N VAL A 15 9.21 -4.53 -3.18
CA VAL A 15 7.95 -4.54 -3.95
C VAL A 15 8.10 -5.38 -5.23
N VAL A 16 6.98 -5.69 -5.88
CA VAL A 16 6.91 -6.54 -7.08
C VAL A 16 5.96 -5.93 -8.12
N THR A 17 6.34 -6.06 -9.39
CA THR A 17 5.47 -5.80 -10.56
C THR A 17 5.18 -7.14 -11.24
N CYS A 18 3.91 -7.55 -11.28
CA CYS A 18 3.46 -8.66 -12.13
C CYS A 18 3.48 -8.18 -13.59
N LYS A 19 4.24 -8.84 -14.45
CA LYS A 19 4.35 -8.52 -15.88
C LYS A 19 3.16 -9.07 -16.70
N THR A 20 2.46 -10.09 -16.18
CA THR A 20 1.28 -10.71 -16.81
C THR A 20 0.04 -9.82 -16.66
N CYS A 21 -0.20 -9.25 -15.47
CA CYS A 21 -1.35 -8.38 -15.17
C CYS A 21 -1.05 -6.86 -15.18
N LYS A 22 0.24 -6.49 -15.10
CA LYS A 22 0.79 -5.12 -15.20
C LYS A 22 0.55 -4.24 -13.94
N TYR A 23 0.25 -4.85 -12.78
CA TYR A 23 0.10 -4.14 -11.49
C TYR A 23 1.38 -4.15 -10.64
N THR A 24 1.49 -3.18 -9.73
CA THR A 24 2.57 -3.05 -8.73
C THR A 24 2.00 -3.17 -7.32
N HIS A 25 2.64 -3.95 -6.46
CA HIS A 25 2.30 -4.14 -5.04
C HIS A 25 3.51 -4.63 -4.22
N PHE A 26 3.37 -4.76 -2.90
CA PHE A 26 4.44 -5.24 -2.01
C PHE A 26 4.70 -6.74 -2.18
N LYS A 27 3.62 -7.52 -2.37
CA LYS A 27 3.63 -8.98 -2.54
C LYS A 27 2.77 -9.40 -3.77
N PRO A 28 3.08 -10.53 -4.44
CA PRO A 28 2.27 -11.06 -5.53
C PRO A 28 1.03 -11.77 -4.96
N LYS A 29 -0.08 -11.75 -5.72
CA LYS A 29 -1.33 -12.41 -5.32
C LYS A 29 -1.23 -13.94 -5.29
N GLU A 30 -2.14 -14.55 -4.53
CA GLU A 30 -2.30 -16.01 -4.44
C GLU A 30 -2.63 -16.63 -5.81
N THR A 31 -3.42 -15.95 -6.65
CA THR A 31 -3.69 -16.33 -8.03
C THR A 31 -2.44 -16.25 -8.89
N CYS A 32 -1.64 -15.20 -8.74
CA CYS A 32 -0.42 -14.98 -9.51
C CYS A 32 0.67 -16.01 -9.17
N VAL A 33 0.82 -16.36 -7.89
CA VAL A 33 1.73 -17.42 -7.44
C VAL A 33 1.24 -18.81 -7.87
N SER A 34 -0.08 -19.08 -7.77
CA SER A 34 -0.65 -20.39 -8.14
C SER A 34 -0.64 -20.64 -9.67
N GLU A 35 -1.00 -19.64 -10.49
CA GLU A 35 -0.96 -19.69 -11.95
C GLU A 35 0.47 -19.50 -12.51
N ASN A 36 1.44 -19.15 -11.66
CA ASN A 36 2.86 -18.94 -12.00
C ASN A 36 3.04 -17.83 -13.07
N HIS A 37 2.45 -16.65 -12.81
CA HIS A 37 2.70 -15.42 -13.57
C HIS A 37 4.18 -15.00 -13.49
N ASP A 38 4.65 -14.25 -14.48
CA ASP A 38 5.98 -13.64 -14.46
C ASP A 38 5.94 -12.32 -13.67
N PHE A 39 6.92 -12.11 -12.78
CA PHE A 39 7.06 -10.87 -12.01
C PHE A 39 8.53 -10.43 -11.92
N HIS A 40 8.74 -9.11 -11.86
CA HIS A 40 10.02 -8.49 -11.53
C HIS A 40 9.95 -7.81 -10.15
N TRP A 41 10.91 -8.11 -9.27
CA TRP A 41 11.03 -7.49 -7.93
C TRP A 41 12.01 -6.30 -7.93
N HIS A 42 11.78 -5.35 -7.01
CA HIS A 42 12.53 -4.11 -6.84
C HIS A 42 12.21 -3.43 -5.49
N ASN A 43 12.81 -2.28 -5.17
CA ASN A 43 12.46 -1.47 -3.99
C ASN A 43 11.48 -0.34 -4.31
N GLY A 44 10.73 0.11 -3.29
CA GLY A 44 9.75 1.18 -3.34
C GLY A 44 9.42 1.76 -1.96
N VAL A 45 8.32 2.53 -1.88
CA VAL A 45 7.82 3.17 -0.64
C VAL A 45 6.30 3.32 -0.68
N LYS A 46 5.64 2.95 0.42
CA LYS A 46 4.18 2.82 0.53
C LYS A 46 3.50 4.02 1.19
N ARG A 47 2.32 4.39 0.66
CA ARG A 47 1.48 5.54 1.01
C ARG A 47 0.14 5.02 1.59
N PHE A 48 -0.43 5.77 2.54
CA PHE A 48 -1.61 5.33 3.31
C PHE A 48 -2.87 6.15 2.97
N PHE A 49 -3.98 5.49 2.69
CA PHE A 49 -5.23 6.10 2.24
C PHE A 49 -6.46 5.67 3.03
N LYS A 50 -7.43 6.59 3.13
CA LYS A 50 -8.75 6.39 3.75
C LYS A 50 -9.90 6.88 2.86
N CYS A 51 -11.03 6.19 2.90
CA CYS A 51 -12.32 6.55 2.29
C CYS A 51 -13.26 7.21 3.34
N PRO A 52 -14.18 8.14 2.94
CA PRO A 52 -15.10 8.79 3.85
C PRO A 52 -16.01 7.85 4.68
N CYS A 53 -16.27 6.61 4.24
CA CYS A 53 -17.05 5.62 4.99
C CYS A 53 -16.29 4.95 6.16
N GLY A 54 -14.96 5.10 6.21
CA GLY A 54 -14.06 4.53 7.23
C GLY A 54 -13.15 3.40 6.72
N ASN A 55 -13.38 2.88 5.51
CA ASN A 55 -12.53 1.87 4.88
C ASN A 55 -11.15 2.45 4.47
N ARG A 56 -10.09 1.65 4.50
CA ARG A 56 -8.69 2.08 4.29
C ARG A 56 -7.92 1.14 3.37
N THR A 57 -6.84 1.64 2.74
CA THR A 57 -5.98 0.91 1.80
C THR A 57 -4.57 1.50 1.74
N ILE A 58 -3.67 0.79 1.07
CA ILE A 58 -2.23 1.09 0.97
C ILE A 58 -1.77 0.80 -0.48
N SER A 59 -0.91 1.65 -1.04
CA SER A 59 -0.31 1.50 -2.37
C SER A 59 1.01 2.28 -2.47
N LEU A 60 1.71 2.19 -3.60
CA LEU A 60 3.06 2.73 -3.79
C LEU A 60 3.04 4.09 -4.50
N ASP A 61 1.98 4.37 -5.27
CA ASP A 61 1.74 5.64 -5.97
C ASP A 61 0.91 6.59 -5.10
N ARG A 62 0.85 7.87 -5.49
CA ARG A 62 0.14 8.94 -4.77
C ARG A 62 -1.40 8.84 -4.79
N LEU A 63 -1.96 7.80 -5.43
CA LEU A 63 -3.36 7.38 -5.33
C LEU A 63 -3.47 5.89 -5.74
N PRO A 64 -4.25 5.04 -5.04
CA PRO A 64 -4.45 3.63 -5.40
C PRO A 64 -5.28 3.48 -6.68
N LYS A 65 -5.22 2.31 -7.30
CA LYS A 65 -5.86 2.02 -8.60
C LYS A 65 -7.28 1.44 -8.50
N LYS A 66 -7.71 1.02 -7.31
CA LYS A 66 -8.94 0.24 -7.07
C LYS A 66 -10.05 1.03 -6.36
N HIS A 67 -11.31 0.66 -6.59
CA HIS A 67 -12.48 1.22 -5.89
C HIS A 67 -12.63 0.64 -4.46
N CYS A 68 -13.43 1.30 -3.62
CA CYS A 68 -13.74 0.86 -2.26
C CYS A 68 -14.44 -0.51 -2.21
N SER A 69 -14.02 -1.37 -1.29
CA SER A 69 -14.64 -2.68 -1.03
C SER A 69 -15.94 -2.57 -0.21
N THR A 70 -16.18 -1.44 0.46
CA THR A 70 -17.25 -1.26 1.47
C THR A 70 -18.43 -0.47 0.91
N CYS A 71 -18.21 0.50 0.01
CA CYS A 71 -19.29 1.32 -0.60
C CYS A 71 -19.22 1.46 -2.14
N GLY A 72 -18.10 1.10 -2.77
CA GLY A 72 -17.99 0.88 -4.23
C GLY A 72 -17.52 2.06 -5.07
N LEU A 73 -17.39 3.26 -4.47
CA LEU A 73 -16.90 4.47 -5.16
C LEU A 73 -15.37 4.63 -5.11
N PHE A 74 -14.86 5.77 -5.59
CA PHE A 74 -13.44 6.12 -5.66
C PHE A 74 -13.22 7.55 -5.11
N LYS A 75 -13.06 7.67 -3.79
CA LYS A 75 -12.91 8.95 -3.05
C LYS A 75 -11.77 8.89 -2.00
N TRP A 76 -10.70 8.14 -2.30
CA TRP A 76 -9.53 7.97 -1.43
C TRP A 76 -8.82 9.31 -1.12
N GLU A 77 -8.40 9.46 0.14
CA GLU A 77 -7.65 10.61 0.66
C GLU A 77 -6.38 10.14 1.38
N ARG A 78 -5.25 10.82 1.16
CA ARG A 78 -3.97 10.52 1.82
C ARG A 78 -4.07 10.82 3.32
N VAL A 79 -3.81 9.80 4.16
CA VAL A 79 -3.78 9.88 5.63
C VAL A 79 -2.37 9.56 6.17
N GLY A 80 -2.15 9.76 7.47
CA GLY A 80 -0.85 9.54 8.11
C GLY A 80 -0.53 8.07 8.37
N MET A 81 0.61 7.85 9.05
CA MET A 81 1.07 6.52 9.47
C MET A 81 0.03 5.80 10.35
N LEU A 82 -0.10 4.49 10.17
CA LEU A 82 -1.06 3.65 10.89
C LEU A 82 -0.62 3.47 12.36
N LYS A 83 -1.46 3.90 13.29
CA LYS A 83 -1.21 3.84 14.75
C LYS A 83 -1.83 2.60 15.45
N GLU A 84 -2.39 1.68 14.68
CA GLU A 84 -3.12 0.50 15.15
C GLU A 84 -2.18 -0.49 15.89
N LYS A 85 -2.67 -1.08 16.98
CA LYS A 85 -1.91 -1.97 17.87
C LYS A 85 -1.67 -3.39 17.29
N THR A 86 -0.74 -4.13 17.93
CA THR A 86 -0.39 -5.56 17.74
C THR A 86 0.70 -5.72 16.67
N GLY A 87 1.67 -6.59 16.95
CA GLY A 87 2.79 -6.93 16.05
C GLY A 87 3.69 -8.04 16.61
N PRO A 88 4.69 -8.49 15.84
CA PRO A 88 5.59 -9.59 16.22
C PRO A 88 6.55 -9.17 17.33
N LYS A 89 6.79 -10.07 18.29
CA LYS A 89 7.69 -9.85 19.43
C LYS A 89 9.17 -10.21 19.17
N LEU A 90 9.46 -10.87 18.04
CA LEU A 90 10.77 -11.39 17.64
C LEU A 90 11.18 -10.90 16.23
N GLY A 91 12.45 -11.07 15.89
CA GLY A 91 13.03 -10.80 14.56
C GLY A 91 12.89 -11.98 13.60
N GLY A 92 13.78 -12.05 12.60
CA GLY A 92 13.81 -13.09 11.56
C GLY A 92 15.05 -13.01 10.65
ZN ZN B . -0.68 -11.49 -12.16
ZN ZN C . -15.87 3.61 1.02
N GLY A 1 5.03 20.02 20.98
CA GLY A 1 5.33 18.94 21.94
C GLY A 1 6.30 17.91 21.34
N PRO A 2 6.96 17.08 22.18
CA PRO A 2 7.97 16.11 21.74
C PRO A 2 7.39 14.88 21.03
N MET A 3 6.08 14.61 21.17
CA MET A 3 5.40 13.44 20.58
C MET A 3 5.03 13.59 19.09
N GLY A 4 5.33 14.75 18.47
CA GLY A 4 5.07 15.03 17.06
C GLY A 4 6.01 14.28 16.10
N MET A 5 5.61 14.19 14.83
CA MET A 5 6.40 13.51 13.78
C MET A 5 7.70 14.27 13.48
N GLN A 6 8.80 13.54 13.28
CA GLN A 6 10.12 14.05 12.92
C GLN A 6 10.59 13.57 11.53
N SER A 7 9.68 13.01 10.71
CA SER A 7 9.96 12.47 9.37
C SER A 7 8.67 12.41 8.50
N ILE A 8 8.79 11.95 7.26
CA ILE A 8 7.70 11.90 6.26
C ILE A 8 6.78 10.68 6.53
N ARG A 9 5.47 10.84 6.31
CA ARG A 9 4.40 9.85 6.59
C ARG A 9 4.31 8.68 5.59
N GLU A 10 5.45 8.09 5.26
CA GLU A 10 5.65 6.95 4.36
C GLU A 10 7.00 6.26 4.62
N GLN A 11 7.13 5.00 4.22
CA GLN A 11 8.25 4.13 4.61
C GLN A 11 8.61 3.10 3.52
N SER A 12 9.91 2.87 3.32
CA SER A 12 10.43 1.99 2.26
C SER A 12 10.22 0.50 2.55
N CYS A 13 10.07 -0.31 1.49
CA CYS A 13 9.86 -1.77 1.57
C CYS A 13 10.21 -2.46 0.23
N ARG A 14 10.36 -3.80 0.23
CA ARG A 14 10.46 -4.59 -1.00
C ARG A 14 9.07 -4.76 -1.64
N VAL A 15 9.00 -4.72 -2.97
CA VAL A 15 7.77 -4.73 -3.79
C VAL A 15 7.98 -5.56 -5.06
N VAL A 16 6.88 -5.96 -5.69
CA VAL A 16 6.84 -6.75 -6.93
C VAL A 16 6.02 -6.03 -7.99
N THR A 17 6.49 -6.06 -9.24
CA THR A 17 5.68 -5.75 -10.43
C THR A 17 5.39 -7.06 -11.18
N CYS A 18 4.11 -7.43 -11.26
CA CYS A 18 3.64 -8.52 -12.11
C CYS A 18 3.63 -8.02 -13.57
N LYS A 19 4.42 -8.65 -14.44
CA LYS A 19 4.53 -8.31 -15.86
C LYS A 19 3.36 -8.85 -16.69
N THR A 20 2.69 -9.90 -16.21
CA THR A 20 1.52 -10.54 -16.86
C THR A 20 0.26 -9.70 -16.71
N CYS A 21 0.01 -9.12 -15.53
CA CYS A 21 -1.16 -8.27 -15.24
C CYS A 21 -0.87 -6.75 -15.34
N LYS A 22 0.40 -6.35 -15.30
CA LYS A 22 0.91 -4.97 -15.44
C LYS A 22 0.52 -4.06 -14.24
N TYR A 23 0.91 -4.47 -13.02
CA TYR A 23 0.72 -3.69 -11.78
C TYR A 23 1.87 -3.89 -10.77
N THR A 24 2.04 -2.93 -9.84
CA THR A 24 3.03 -2.95 -8.75
C THR A 24 2.33 -3.05 -7.40
N HIS A 25 2.77 -3.96 -6.54
CA HIS A 25 2.26 -4.18 -5.18
C HIS A 25 3.31 -4.82 -4.24
N PHE A 26 2.97 -5.02 -2.97
CA PHE A 26 3.87 -5.53 -1.93
C PHE A 26 4.30 -7.01 -2.16
N LYS A 27 3.39 -7.82 -2.71
CA LYS A 27 3.55 -9.27 -2.95
C LYS A 27 2.56 -9.80 -4.03
N PRO A 28 2.88 -10.92 -4.72
CA PRO A 28 2.01 -11.48 -5.75
C PRO A 28 0.82 -12.23 -5.12
N LYS A 29 -0.27 -12.38 -5.88
CA LYS A 29 -1.43 -13.17 -5.45
C LYS A 29 -1.15 -14.69 -5.49
N GLU A 30 -1.94 -15.45 -4.73
CA GLU A 30 -1.90 -16.92 -4.78
C GLU A 30 -2.25 -17.45 -6.18
N THR A 31 -3.17 -16.79 -6.89
CA THR A 31 -3.51 -17.06 -8.29
C THR A 31 -2.34 -16.77 -9.23
N CYS A 32 -1.62 -15.66 -9.02
CA CYS A 32 -0.43 -15.29 -9.79
C CYS A 32 0.72 -16.29 -9.60
N VAL A 33 0.95 -16.74 -8.36
CA VAL A 33 1.96 -17.77 -8.04
C VAL A 33 1.55 -19.15 -8.60
N SER A 34 0.27 -19.53 -8.48
CA SER A 34 -0.23 -20.84 -8.93
C SER A 34 -0.31 -20.97 -10.47
N GLU A 35 -0.78 -19.94 -11.17
CA GLU A 35 -0.77 -19.85 -12.64
C GLU A 35 0.61 -19.47 -13.20
N ASN A 36 1.53 -19.07 -12.33
CA ASN A 36 2.96 -18.87 -12.59
C ASN A 36 3.23 -17.66 -13.52
N HIS A 37 2.61 -16.51 -13.19
CA HIS A 37 2.83 -15.22 -13.83
C HIS A 37 4.30 -14.80 -13.74
N ASP A 38 4.73 -13.96 -14.67
CA ASP A 38 6.07 -13.37 -14.67
C ASP A 38 6.10 -12.12 -13.77
N PHE A 39 7.14 -11.93 -12.97
CA PHE A 39 7.31 -10.77 -12.11
C PHE A 39 8.76 -10.31 -11.97
N HIS A 40 8.94 -9.02 -11.70
CA HIS A 40 10.20 -8.41 -11.29
C HIS A 40 10.06 -7.90 -9.84
N TRP A 41 10.96 -8.31 -8.93
CA TRP A 41 11.07 -7.76 -7.57
C TRP A 41 12.05 -6.59 -7.51
N HIS A 42 11.77 -5.61 -6.64
CA HIS A 42 12.51 -4.36 -6.47
C HIS A 42 12.13 -3.65 -5.15
N ASN A 43 12.73 -2.49 -4.88
CA ASN A 43 12.37 -1.65 -3.73
C ASN A 43 11.38 -0.53 -4.13
N GLY A 44 10.56 -0.12 -3.15
CA GLY A 44 9.56 0.94 -3.26
C GLY A 44 9.27 1.60 -1.91
N VAL A 45 8.15 2.31 -1.80
CA VAL A 45 7.71 3.05 -0.59
C VAL A 45 6.18 3.12 -0.53
N LYS A 46 5.62 2.78 0.64
CA LYS A 46 4.17 2.63 0.84
C LYS A 46 3.51 3.83 1.53
N ARG A 47 2.26 4.09 1.15
CA ARG A 47 1.49 5.33 1.35
C ARG A 47 0.06 4.98 1.75
N PHE A 48 -0.48 5.69 2.74
CA PHE A 48 -1.69 5.29 3.47
C PHE A 48 -2.89 6.17 3.09
N PHE A 49 -4.02 5.55 2.78
CA PHE A 49 -5.23 6.22 2.29
C PHE A 49 -6.50 5.86 3.07
N LYS A 50 -7.49 6.76 3.04
CA LYS A 50 -8.81 6.64 3.67
C LYS A 50 -9.93 7.08 2.70
N CYS A 51 -11.06 6.37 2.74
CA CYS A 51 -12.31 6.70 2.05
C CYS A 51 -13.27 7.47 3.01
N PRO A 52 -14.13 8.39 2.54
CA PRO A 52 -15.02 9.17 3.41
C PRO A 52 -16.00 8.36 4.28
N CYS A 53 -16.28 7.09 3.97
CA CYS A 53 -17.08 6.20 4.84
C CYS A 53 -16.30 5.64 6.06
N GLY A 54 -14.98 5.82 6.10
CA GLY A 54 -14.05 5.33 7.14
C GLY A 54 -13.20 4.12 6.74
N ASN A 55 -13.43 3.54 5.55
CA ASN A 55 -12.64 2.42 5.01
C ASN A 55 -11.20 2.86 4.66
N ARG A 56 -10.25 1.92 4.64
CA ARG A 56 -8.80 2.15 4.52
C ARG A 56 -8.16 1.30 3.41
N THR A 57 -7.02 1.76 2.87
CA THR A 57 -6.15 1.04 1.93
C THR A 57 -4.73 1.62 1.93
N ILE A 58 -3.82 0.94 1.25
CA ILE A 58 -2.38 1.28 1.15
C ILE A 58 -1.92 1.07 -0.29
N SER A 59 -1.06 1.95 -0.80
CA SER A 59 -0.51 1.87 -2.17
C SER A 59 0.93 2.38 -2.21
N LEU A 60 1.62 2.06 -3.31
CA LEU A 60 3.00 2.44 -3.59
C LEU A 60 3.07 3.72 -4.45
N ASP A 61 1.92 4.18 -4.97
CA ASP A 61 1.75 5.37 -5.81
C ASP A 61 1.01 6.49 -5.04
N ARG A 62 0.90 7.66 -5.66
CA ARG A 62 0.21 8.85 -5.13
C ARG A 62 -1.31 8.67 -4.90
N LEU A 63 -1.91 7.57 -5.39
CA LEU A 63 -3.31 7.21 -5.22
C LEU A 63 -3.48 5.69 -5.44
N PRO A 64 -4.35 4.98 -4.68
CA PRO A 64 -4.66 3.57 -4.92
C PRO A 64 -5.50 3.39 -6.19
N LYS A 65 -5.46 2.19 -6.77
CA LYS A 65 -6.10 1.86 -8.06
C LYS A 65 -7.55 1.34 -7.96
N LYS A 66 -7.96 0.91 -6.76
CA LYS A 66 -9.15 0.07 -6.52
C LYS A 66 -10.37 0.84 -5.99
N HIS A 67 -11.57 0.35 -6.30
CA HIS A 67 -12.82 0.83 -5.71
C HIS A 67 -13.02 0.31 -4.27
N CYS A 68 -13.79 1.04 -3.46
CA CYS A 68 -14.08 0.72 -2.07
C CYS A 68 -14.82 -0.63 -1.91
N SER A 69 -14.45 -1.37 -0.87
CA SER A 69 -15.12 -2.63 -0.48
C SER A 69 -16.38 -2.40 0.37
N THR A 70 -16.51 -1.22 1.00
CA THR A 70 -17.54 -0.88 1.99
C THR A 70 -18.72 -0.13 1.37
N CYS A 71 -18.48 0.78 0.41
CA CYS A 71 -19.52 1.57 -0.26
C CYS A 71 -19.48 1.58 -1.80
N GLY A 72 -18.40 1.11 -2.42
CA GLY A 72 -18.33 0.76 -3.85
C GLY A 72 -17.80 1.84 -4.80
N LEU A 73 -17.65 3.09 -4.33
CA LEU A 73 -17.16 4.24 -5.11
C LEU A 73 -15.62 4.40 -5.10
N PHE A 74 -15.13 5.54 -5.58
CA PHE A 74 -13.70 5.90 -5.65
C PHE A 74 -13.49 7.36 -5.21
N LYS A 75 -13.16 7.56 -3.93
CA LYS A 75 -13.01 8.88 -3.27
C LYS A 75 -11.86 8.91 -2.24
N TRP A 76 -10.79 8.12 -2.49
CA TRP A 76 -9.64 7.98 -1.60
C TRP A 76 -8.90 9.31 -1.34
N GLU A 77 -8.44 9.50 -0.11
CA GLU A 77 -7.67 10.65 0.37
C GLU A 77 -6.41 10.18 1.11
N ARG A 78 -5.27 10.81 0.84
CA ARG A 78 -4.00 10.53 1.53
C ARG A 78 -4.10 10.89 3.02
N VAL A 79 -3.70 9.97 3.90
CA VAL A 79 -3.63 10.15 5.35
C VAL A 79 -2.23 9.79 5.88
N GLY A 80 -1.99 10.00 7.16
CA GLY A 80 -0.67 9.84 7.81
C GLY A 80 -0.32 8.39 8.19
N MET A 81 0.89 8.25 8.73
CA MET A 81 1.47 6.97 9.16
C MET A 81 0.86 6.52 10.51
N LEU A 82 0.73 5.20 10.72
CA LEU A 82 -0.02 4.59 11.81
C LEU A 82 0.71 4.76 13.16
N LYS A 83 0.22 5.68 14.00
CA LYS A 83 0.77 5.98 15.34
C LYS A 83 0.27 5.02 16.45
N GLU A 84 -0.61 4.08 16.07
CA GLU A 84 -1.28 3.12 16.93
C GLU A 84 -1.53 1.82 16.15
N LYS A 85 -0.46 1.06 15.90
CA LYS A 85 -0.47 -0.17 15.12
C LYS A 85 -1.19 -1.35 15.83
N THR A 86 -1.85 -2.21 15.06
CA THR A 86 -2.51 -3.45 15.52
C THR A 86 -1.52 -4.61 15.62
N GLY A 87 -1.85 -5.61 16.45
CA GLY A 87 -1.07 -6.85 16.61
C GLY A 87 -1.78 -8.09 16.03
N PRO A 88 -1.04 -9.17 15.74
CA PRO A 88 -1.61 -10.44 15.28
C PRO A 88 -2.28 -11.20 16.43
N LYS A 89 -3.19 -12.12 16.08
CA LYS A 89 -3.93 -12.94 17.04
C LYS A 89 -3.12 -14.15 17.60
N LEU A 90 -1.98 -14.47 16.99
CA LEU A 90 -1.10 -15.59 17.33
C LEU A 90 0.33 -15.33 16.80
N GLY A 91 1.34 -15.85 17.50
CA GLY A 91 2.76 -15.74 17.13
C GLY A 91 3.22 -16.79 16.10
N GLY A 92 4.53 -16.90 15.92
CA GLY A 92 5.20 -17.84 14.99
C GLY A 92 6.72 -17.88 15.16
ZN ZN B . -0.54 -11.43 -12.11
ZN ZN C . -15.99 3.84 1.05
N GLY A 1 2.24 19.47 6.76
CA GLY A 1 2.83 19.17 8.08
C GLY A 1 4.34 19.38 8.10
N PRO A 2 4.93 19.71 9.27
CA PRO A 2 6.36 20.01 9.41
C PRO A 2 7.23 18.74 9.29
N MET A 3 8.45 18.91 8.77
CA MET A 3 9.41 17.81 8.54
C MET A 3 10.57 17.77 9.57
N GLY A 4 10.72 18.83 10.40
CA GLY A 4 11.85 19.01 11.32
C GLY A 4 11.92 18.00 12.47
N MET A 5 10.82 17.28 12.73
CA MET A 5 10.73 16.15 13.66
C MET A 5 11.43 14.88 13.16
N GLN A 6 11.84 14.86 11.88
CA GLN A 6 12.63 13.85 11.15
C GLN A 6 11.78 12.70 10.59
N SER A 7 10.62 12.40 11.18
CA SER A 7 9.68 11.38 10.69
C SER A 7 8.92 11.82 9.42
N ILE A 8 8.63 10.86 8.51
CA ILE A 8 7.82 11.06 7.30
C ILE A 8 6.68 10.01 7.29
N ARG A 9 5.49 10.38 6.82
CA ARG A 9 4.27 9.53 6.83
C ARG A 9 4.22 8.43 5.75
N GLU A 10 5.37 7.93 5.33
CA GLU A 10 5.60 6.88 4.34
C GLU A 10 6.99 6.25 4.53
N GLN A 11 7.16 4.99 4.12
CA GLN A 11 8.29 4.15 4.50
C GLN A 11 8.71 3.20 3.36
N SER A 12 10.02 2.92 3.29
CA SER A 12 10.59 2.05 2.25
C SER A 12 10.30 0.56 2.48
N CYS A 13 10.22 -0.21 1.40
CA CYS A 13 9.93 -1.65 1.40
C CYS A 13 10.46 -2.36 0.14
N ARG A 14 10.42 -3.71 0.13
CA ARG A 14 10.57 -4.52 -1.09
C ARG A 14 9.20 -4.63 -1.78
N VAL A 15 9.20 -4.58 -3.11
CA VAL A 15 8.02 -4.52 -3.99
C VAL A 15 8.20 -5.42 -5.22
N VAL A 16 7.12 -5.65 -5.96
CA VAL A 16 7.06 -6.60 -7.07
C VAL A 16 6.15 -6.09 -8.18
N THR A 17 6.67 -6.09 -9.42
CA THR A 17 5.92 -5.87 -10.65
C THR A 17 5.55 -7.22 -11.26
N CYS A 18 4.26 -7.53 -11.34
CA CYS A 18 3.75 -8.67 -12.10
C CYS A 18 3.82 -8.33 -13.59
N LYS A 19 4.63 -9.09 -14.34
CA LYS A 19 4.83 -8.91 -15.79
C LYS A 19 3.61 -9.39 -16.61
N THR A 20 2.80 -10.29 -16.03
CA THR A 20 1.60 -10.87 -16.66
C THR A 20 0.41 -9.91 -16.62
N CYS A 21 0.17 -9.23 -15.50
CA CYS A 21 -0.97 -8.32 -15.29
C CYS A 21 -0.61 -6.82 -15.44
N LYS A 22 0.69 -6.46 -15.37
CA LYS A 22 1.25 -5.12 -15.59
C LYS A 22 0.87 -4.12 -14.46
N TYR A 23 1.07 -4.52 -13.20
CA TYR A 23 0.95 -3.68 -12.00
C TYR A 23 2.11 -3.90 -11.01
N THR A 24 2.33 -2.96 -10.08
CA THR A 24 3.31 -3.08 -8.99
C THR A 24 2.60 -3.07 -7.63
N HIS A 25 2.84 -4.10 -6.82
CA HIS A 25 2.39 -4.25 -5.42
C HIS A 25 3.59 -4.55 -4.48
N PHE A 26 3.34 -4.66 -3.17
CA PHE A 26 4.35 -5.08 -2.18
C PHE A 26 4.70 -6.57 -2.30
N LYS A 27 3.69 -7.41 -2.60
CA LYS A 27 3.77 -8.88 -2.73
C LYS A 27 2.85 -9.38 -3.88
N PRO A 28 3.14 -10.55 -4.50
CA PRO A 28 2.29 -11.14 -5.53
C PRO A 28 1.06 -11.78 -4.87
N LYS A 29 -0.05 -11.85 -5.61
CA LYS A 29 -1.28 -12.45 -5.08
C LYS A 29 -1.22 -13.99 -5.07
N GLU A 30 -2.09 -14.59 -4.26
CA GLU A 30 -2.23 -16.04 -4.16
C GLU A 30 -2.64 -16.66 -5.51
N THR A 31 -3.50 -15.96 -6.27
CA THR A 31 -3.88 -16.33 -7.64
C THR A 31 -2.72 -16.19 -8.60
N CYS A 32 -1.91 -15.14 -8.50
CA CYS A 32 -0.72 -14.93 -9.34
C CYS A 32 0.34 -16.02 -9.12
N VAL A 33 0.57 -16.39 -7.86
CA VAL A 33 1.47 -17.50 -7.49
C VAL A 33 0.90 -18.85 -7.96
N SER A 34 -0.40 -19.10 -7.78
CA SER A 34 -1.06 -20.35 -8.18
C SER A 34 -1.12 -20.55 -9.72
N GLU A 35 -1.38 -19.47 -10.48
CA GLU A 35 -1.39 -19.46 -11.95
C GLU A 35 0.02 -19.35 -12.56
N ASN A 36 1.07 -19.18 -11.74
CA ASN A 36 2.49 -19.12 -12.13
C ASN A 36 2.82 -17.91 -13.03
N HIS A 37 2.28 -16.72 -12.70
CA HIS A 37 2.62 -15.45 -13.34
C HIS A 37 4.12 -15.15 -13.15
N ASP A 38 4.71 -14.42 -14.11
CA ASP A 38 6.09 -13.92 -14.02
C ASP A 38 6.14 -12.57 -13.29
N PHE A 39 7.17 -12.33 -12.47
CA PHE A 39 7.34 -11.07 -11.75
C PHE A 39 8.82 -10.63 -11.68
N HIS A 40 9.03 -9.32 -11.57
CA HIS A 40 10.31 -8.71 -11.22
C HIS A 40 10.20 -8.08 -9.82
N TRP A 41 11.09 -8.46 -8.89
CA TRP A 41 11.21 -7.85 -7.56
C TRP A 41 12.21 -6.68 -7.56
N HIS A 42 11.96 -5.67 -6.70
CA HIS A 42 12.74 -4.44 -6.55
C HIS A 42 12.33 -3.70 -5.24
N ASN A 43 12.79 -2.46 -5.01
CA ASN A 43 12.41 -1.64 -3.86
C ASN A 43 11.52 -0.44 -4.24
N GLY A 44 10.72 0.02 -3.28
CA GLY A 44 9.79 1.16 -3.41
C GLY A 44 9.41 1.79 -2.06
N VAL A 45 8.41 2.67 -2.05
CA VAL A 45 7.87 3.35 -0.84
C VAL A 45 6.35 3.29 -0.84
N LYS A 46 5.77 2.89 0.30
CA LYS A 46 4.32 2.67 0.47
C LYS A 46 3.60 3.81 1.21
N ARG A 47 2.32 3.99 0.89
CA ARG A 47 1.51 5.21 1.12
C ARG A 47 0.08 4.84 1.50
N PHE A 48 -0.50 5.55 2.47
CA PHE A 48 -1.69 5.12 3.21
C PHE A 48 -2.92 5.99 2.90
N PHE A 49 -4.06 5.35 2.62
CA PHE A 49 -5.29 6.03 2.20
C PHE A 49 -6.53 5.57 2.97
N LYS A 50 -7.53 6.45 3.07
CA LYS A 50 -8.81 6.25 3.77
C LYS A 50 -10.00 6.79 2.95
N CYS A 51 -11.14 6.10 3.05
CA CYS A 51 -12.43 6.43 2.43
C CYS A 51 -13.41 7.00 3.50
N PRO A 52 -14.35 7.91 3.15
CA PRO A 52 -15.29 8.51 4.09
C PRO A 52 -16.21 7.52 4.84
N CYS A 53 -16.41 6.28 4.35
CA CYS A 53 -17.15 5.24 5.09
C CYS A 53 -16.36 4.61 6.26
N GLY A 54 -15.04 4.86 6.32
CA GLY A 54 -14.10 4.34 7.33
C GLY A 54 -13.18 3.22 6.81
N ASN A 55 -13.39 2.71 5.59
CA ASN A 55 -12.52 1.72 4.95
C ASN A 55 -11.16 2.33 4.53
N ARG A 56 -10.09 1.52 4.52
CA ARG A 56 -8.71 1.95 4.29
C ARG A 56 -7.96 1.03 3.30
N THR A 57 -6.87 1.53 2.72
CA THR A 57 -5.98 0.80 1.79
C THR A 57 -4.58 1.40 1.78
N ILE A 58 -3.68 0.73 1.05
CA ILE A 58 -2.26 1.10 0.89
C ILE A 58 -1.89 0.99 -0.60
N SER A 59 -1.06 1.90 -1.09
CA SER A 59 -0.51 1.86 -2.46
C SER A 59 0.97 2.29 -2.47
N LEU A 60 1.66 2.05 -3.59
CA LEU A 60 2.99 2.63 -3.88
C LEU A 60 2.87 4.00 -4.57
N ASP A 61 1.71 4.30 -5.16
CA ASP A 61 1.43 5.56 -5.86
C ASP A 61 0.87 6.65 -4.92
N ARG A 62 0.85 7.90 -5.39
CA ARG A 62 0.28 9.06 -4.68
C ARG A 62 -1.26 9.00 -4.47
N LEU A 63 -1.95 8.05 -5.12
CA LEU A 63 -3.38 7.74 -4.98
C LEU A 63 -3.65 6.36 -5.61
N PRO A 64 -4.47 5.48 -5.00
CA PRO A 64 -4.82 4.18 -5.57
C PRO A 64 -5.81 4.36 -6.74
N LYS A 65 -5.85 3.39 -7.66
CA LYS A 65 -6.72 3.42 -8.84
C LYS A 65 -8.12 2.85 -8.61
N LYS A 66 -8.23 1.93 -7.64
CA LYS A 66 -9.39 1.05 -7.45
C LYS A 66 -10.56 1.73 -6.71
N HIS A 67 -11.78 1.28 -6.95
CA HIS A 67 -12.95 1.65 -6.14
C HIS A 67 -12.94 0.93 -4.76
N CYS A 68 -13.72 1.46 -3.81
CA CYS A 68 -13.85 0.93 -2.46
C CYS A 68 -14.50 -0.47 -2.42
N SER A 69 -13.92 -1.37 -1.62
CA SER A 69 -14.44 -2.72 -1.38
C SER A 69 -15.67 -2.74 -0.45
N THR A 70 -15.97 -1.63 0.25
CA THR A 70 -17.02 -1.55 1.29
C THR A 70 -18.27 -0.83 0.78
N CYS A 71 -18.14 0.28 0.04
CA CYS A 71 -19.28 1.07 -0.46
C CYS A 71 -19.35 1.27 -1.99
N GLY A 72 -18.27 0.98 -2.72
CA GLY A 72 -18.26 0.84 -4.19
C GLY A 72 -17.94 2.10 -4.99
N LEU A 73 -17.81 3.27 -4.35
CA LEU A 73 -17.44 4.53 -5.01
C LEU A 73 -15.90 4.77 -5.02
N PHE A 74 -15.49 5.96 -5.46
CA PHE A 74 -14.09 6.43 -5.44
C PHE A 74 -14.00 7.77 -4.71
N LYS A 75 -13.52 7.77 -3.45
CA LYS A 75 -13.37 8.94 -2.56
C LYS A 75 -12.14 8.81 -1.62
N TRP A 76 -11.07 8.15 -2.08
CA TRP A 76 -9.84 7.97 -1.31
C TRP A 76 -9.16 9.33 -0.98
N GLU A 77 -8.64 9.42 0.23
CA GLU A 77 -7.88 10.56 0.77
C GLU A 77 -6.58 10.06 1.41
N ARG A 78 -5.47 10.75 1.15
CA ARG A 78 -4.17 10.43 1.76
C ARG A 78 -4.21 10.69 3.27
N VAL A 79 -3.80 9.68 4.04
CA VAL A 79 -3.66 9.74 5.51
C VAL A 79 -2.22 9.42 5.94
N GLY A 80 -1.93 9.60 7.23
CA GLY A 80 -0.60 9.42 7.82
C GLY A 80 -0.24 7.96 8.11
N MET A 81 0.95 7.78 8.69
CA MET A 81 1.53 6.48 9.01
C MET A 81 0.77 5.76 10.15
N LEU A 82 0.68 4.43 10.06
CA LEU A 82 0.01 3.57 11.05
C LEU A 82 0.97 3.18 12.19
N LYS A 83 0.40 2.97 13.38
CA LYS A 83 1.08 2.33 14.52
C LYS A 83 0.40 0.99 14.87
N GLU A 84 1.18 0.01 15.32
CA GLU A 84 0.73 -1.34 15.71
C GLU A 84 1.74 -2.02 16.65
N LYS A 85 1.26 -3.00 17.42
CA LYS A 85 2.00 -3.74 18.45
C LYS A 85 1.29 -5.06 18.85
N THR A 86 2.01 -5.94 19.57
CA THR A 86 1.52 -7.25 20.08
C THR A 86 1.75 -7.36 21.60
N GLY A 87 0.89 -8.14 22.26
CA GLY A 87 0.95 -8.45 23.69
C GLY A 87 1.69 -9.78 23.94
N PRO A 88 1.02 -10.84 24.47
CA PRO A 88 1.64 -12.14 24.72
C PRO A 88 1.98 -12.86 23.41
N LYS A 89 3.04 -13.67 23.42
CA LYS A 89 3.58 -14.36 22.23
C LYS A 89 2.62 -15.40 21.61
N LEU A 90 1.71 -15.96 22.41
CA LEU A 90 0.73 -16.98 22.02
C LEU A 90 -0.65 -16.40 21.67
N GLY A 91 -0.96 -15.17 22.11
CA GLY A 91 -2.30 -14.58 22.06
C GLY A 91 -3.19 -15.08 23.20
N GLY A 92 -4.47 -15.32 22.91
CA GLY A 92 -5.45 -15.86 23.88
C GLY A 92 -6.82 -16.15 23.24
ZN ZN B . -0.53 -11.33 -11.97
ZN ZN C . -15.86 3.43 1.08
N GLY A 1 21.44 13.68 15.39
CA GLY A 1 21.91 12.29 15.56
C GLY A 1 21.39 11.36 14.44
N PRO A 2 21.51 10.03 14.62
CA PRO A 2 21.04 9.02 13.67
C PRO A 2 19.54 9.11 13.36
N MET A 3 19.14 8.54 12.21
CA MET A 3 17.76 8.57 11.70
C MET A 3 16.78 7.78 12.59
N GLY A 4 17.27 6.87 13.43
CA GLY A 4 16.47 6.05 14.35
C GLY A 4 15.83 6.81 15.52
N MET A 5 16.24 8.06 15.75
CA MET A 5 15.68 8.96 16.76
C MET A 5 14.37 9.66 16.32
N GLN A 6 13.92 9.45 15.07
CA GLN A 6 12.66 9.95 14.52
C GLN A 6 11.90 8.84 13.77
N SER A 7 10.69 9.12 13.28
CA SER A 7 9.84 8.16 12.55
C SER A 7 8.84 8.87 11.62
N ILE A 8 8.38 8.17 10.58
CA ILE A 8 7.49 8.67 9.51
C ILE A 8 6.51 7.54 9.11
N ARG A 9 5.29 7.90 8.71
CA ARG A 9 4.30 6.94 8.17
C ARG A 9 4.84 6.15 6.95
N GLU A 10 5.49 6.84 6.02
CA GLU A 10 6.09 6.26 4.81
C GLU A 10 7.38 5.49 5.15
N GLN A 11 7.56 4.36 4.48
CA GLN A 11 8.49 3.31 4.91
C GLN A 11 8.88 2.45 3.70
N SER A 12 10.18 2.22 3.50
CA SER A 12 10.68 1.43 2.36
C SER A 12 10.51 -0.08 2.58
N CYS A 13 10.17 -0.79 1.50
CA CYS A 13 9.89 -2.24 1.51
C CYS A 13 10.06 -2.82 0.10
N ARG A 14 10.30 -4.13 -0.01
CA ARG A 14 10.39 -4.81 -1.30
C ARG A 14 8.98 -4.94 -1.93
N VAL A 15 8.87 -4.55 -3.19
CA VAL A 15 7.67 -4.53 -4.03
C VAL A 15 7.86 -5.44 -5.25
N VAL A 16 6.75 -5.87 -5.85
CA VAL A 16 6.68 -6.73 -7.04
C VAL A 16 5.95 -6.02 -8.18
N THR A 17 6.32 -6.36 -9.42
CA THR A 17 5.59 -6.00 -10.64
C THR A 17 5.32 -7.26 -11.46
N CYS A 18 4.05 -7.67 -11.56
CA CYS A 18 3.61 -8.78 -12.43
C CYS A 18 3.60 -8.31 -13.89
N LYS A 19 4.41 -8.95 -14.72
CA LYS A 19 4.55 -8.68 -16.15
C LYS A 19 3.48 -9.42 -16.99
N THR A 20 2.79 -10.40 -16.42
CA THR A 20 1.70 -11.15 -17.07
C THR A 20 0.37 -10.37 -16.99
N CYS A 21 0.06 -9.78 -15.83
CA CYS A 21 -1.19 -9.04 -15.60
C CYS A 21 -1.06 -7.50 -15.76
N LYS A 22 0.15 -6.96 -15.59
CA LYS A 22 0.50 -5.52 -15.65
C LYS A 22 -0.02 -4.74 -14.42
N TYR A 23 0.53 -5.07 -13.24
CA TYR A 23 0.31 -4.30 -11.98
C TYR A 23 1.54 -4.31 -11.05
N THR A 24 1.62 -3.31 -10.18
CA THR A 24 2.64 -3.16 -9.11
C THR A 24 1.96 -3.28 -7.75
N HIS A 25 2.59 -4.01 -6.82
CA HIS A 25 2.08 -4.24 -5.47
C HIS A 25 3.22 -4.58 -4.49
N PHE A 26 2.90 -4.66 -3.20
CA PHE A 26 3.85 -5.06 -2.15
C PHE A 26 4.28 -6.53 -2.31
N LYS A 27 3.33 -7.41 -2.63
CA LYS A 27 3.51 -8.86 -2.83
C LYS A 27 2.47 -9.39 -3.85
N PRO A 28 2.77 -10.47 -4.61
CA PRO A 28 1.90 -11.00 -5.65
C PRO A 28 0.73 -11.79 -5.04
N LYS A 29 -0.33 -11.99 -5.82
CA LYS A 29 -1.47 -12.83 -5.41
C LYS A 29 -1.11 -14.32 -5.34
N GLU A 30 -1.87 -15.08 -4.54
CA GLU A 30 -1.71 -16.53 -4.45
C GLU A 30 -1.95 -17.22 -5.79
N THR A 31 -2.92 -16.73 -6.58
CA THR A 31 -3.17 -17.16 -7.96
C THR A 31 -1.99 -16.88 -8.88
N CYS A 32 -1.35 -15.71 -8.79
CA CYS A 32 -0.16 -15.35 -9.56
C CYS A 32 1.03 -16.27 -9.23
N VAL A 33 1.21 -16.62 -7.96
CA VAL A 33 2.25 -17.55 -7.51
C VAL A 33 1.95 -18.98 -7.97
N SER A 34 0.72 -19.48 -7.82
CA SER A 34 0.32 -20.83 -8.20
C SER A 34 0.30 -21.07 -9.73
N GLU A 35 -0.10 -20.06 -10.51
CA GLU A 35 -0.03 -20.09 -11.98
C GLU A 35 1.38 -19.78 -12.51
N ASN A 36 2.32 -19.38 -11.63
CA ASN A 36 3.72 -19.06 -11.94
C ASN A 36 3.84 -17.95 -13.02
N HIS A 37 3.14 -16.83 -12.79
CA HIS A 37 3.26 -15.61 -13.60
C HIS A 37 4.69 -15.05 -13.58
N ASP A 38 5.04 -14.27 -14.60
CA ASP A 38 6.33 -13.58 -14.68
C ASP A 38 6.29 -12.30 -13.85
N PHE A 39 7.30 -12.07 -13.00
CA PHE A 39 7.40 -10.86 -12.18
C PHE A 39 8.85 -10.44 -11.92
N HIS A 40 9.04 -9.12 -11.75
CA HIS A 40 10.28 -8.52 -11.26
C HIS A 40 10.07 -7.97 -9.84
N TRP A 41 11.09 -8.10 -8.97
CA TRP A 41 11.09 -7.56 -7.60
C TRP A 41 12.16 -6.48 -7.42
N HIS A 42 11.88 -5.50 -6.57
CA HIS A 42 12.76 -4.38 -6.24
C HIS A 42 12.31 -3.65 -4.96
N ASN A 43 13.10 -2.72 -4.42
CA ASN A 43 12.67 -1.87 -3.29
C ASN A 43 11.81 -0.68 -3.78
N GLY A 44 10.78 -0.34 -3.01
CA GLY A 44 9.89 0.82 -3.18
C GLY A 44 9.49 1.43 -1.83
N VAL A 45 8.52 2.35 -1.85
CA VAL A 45 7.98 3.04 -0.66
C VAL A 45 6.50 3.36 -0.85
N LYS A 46 5.72 3.17 0.21
CA LYS A 46 4.25 3.13 0.19
C LYS A 46 3.57 4.37 0.80
N ARG A 47 2.37 4.69 0.31
CA ARG A 47 1.51 5.83 0.65
C ARG A 47 0.16 5.32 1.18
N PHE A 48 -0.43 6.05 2.14
CA PHE A 48 -1.60 5.59 2.92
C PHE A 48 -2.81 6.52 2.75
N PHE A 49 -3.99 5.91 2.59
CA PHE A 49 -5.22 6.61 2.21
C PHE A 49 -6.45 6.14 3.01
N LYS A 50 -7.47 7.00 3.06
CA LYS A 50 -8.74 6.78 3.78
C LYS A 50 -9.95 7.27 2.95
N CYS A 51 -11.08 6.56 3.10
CA CYS A 51 -12.38 6.87 2.52
C CYS A 51 -13.32 7.52 3.58
N PRO A 52 -14.26 8.42 3.21
CA PRO A 52 -15.19 9.08 4.14
C PRO A 52 -16.08 8.14 4.97
N CYS A 53 -16.32 6.89 4.57
CA CYS A 53 -17.04 5.89 5.39
C CYS A 53 -16.19 5.31 6.55
N GLY A 54 -14.88 5.54 6.55
CA GLY A 54 -13.89 5.05 7.52
C GLY A 54 -12.98 3.94 6.99
N ASN A 55 -13.25 3.38 5.80
CA ASN A 55 -12.40 2.36 5.18
C ASN A 55 -11.01 2.90 4.79
N ARG A 56 -10.01 2.02 4.66
CA ARG A 56 -8.59 2.34 4.41
C ARG A 56 -8.05 1.61 3.17
N THR A 57 -6.96 2.15 2.60
CA THR A 57 -6.16 1.50 1.54
C THR A 57 -4.74 2.06 1.51
N ILE A 58 -3.87 1.40 0.74
CA ILE A 58 -2.43 1.66 0.64
C ILE A 58 -1.99 1.44 -0.81
N SER A 59 -1.06 2.25 -1.32
CA SER A 59 -0.55 2.12 -2.69
C SER A 59 0.87 2.69 -2.85
N LEU A 60 1.49 2.43 -4.00
CA LEU A 60 2.82 2.85 -4.37
C LEU A 60 2.78 4.12 -5.24
N ASP A 61 1.60 4.53 -5.72
CA ASP A 61 1.35 5.76 -6.48
C ASP A 61 0.83 6.89 -5.56
N ARG A 62 0.77 8.12 -6.09
CA ARG A 62 0.28 9.30 -5.37
C ARG A 62 -1.22 9.27 -5.02
N LEU A 63 -1.99 8.34 -5.59
CA LEU A 63 -3.42 8.08 -5.32
C LEU A 63 -3.73 6.60 -5.70
N PRO A 64 -4.52 5.86 -4.91
CA PRO A 64 -4.77 4.44 -5.15
C PRO A 64 -5.66 4.22 -6.37
N LYS A 65 -5.49 3.06 -7.01
CA LYS A 65 -6.10 2.73 -8.31
C LYS A 65 -7.53 2.16 -8.25
N LYS A 66 -7.95 1.60 -7.11
CA LYS A 66 -9.15 0.76 -6.98
C LYS A 66 -10.28 1.39 -6.14
N HIS A 67 -11.51 0.91 -6.29
CA HIS A 67 -12.70 1.40 -5.58
C HIS A 67 -12.76 0.89 -4.12
N CYS A 68 -13.59 1.53 -3.28
CA CYS A 68 -13.82 1.13 -1.90
C CYS A 68 -14.43 -0.29 -1.80
N SER A 69 -13.88 -1.11 -0.89
CA SER A 69 -14.38 -2.45 -0.57
C SER A 69 -15.57 -2.45 0.41
N THR A 70 -15.91 -1.29 1.01
CA THR A 70 -16.98 -1.14 2.01
C THR A 70 -18.23 -0.47 1.44
N CYS A 71 -18.10 0.57 0.60
CA CYS A 71 -19.24 1.31 0.02
C CYS A 71 -19.25 1.45 -1.53
N GLY A 72 -18.14 1.13 -2.20
CA GLY A 72 -18.07 0.90 -3.66
C GLY A 72 -17.71 2.11 -4.52
N LEU A 73 -17.64 3.32 -3.94
CA LEU A 73 -17.27 4.54 -4.68
C LEU A 73 -15.74 4.80 -4.70
N PHE A 74 -15.34 5.98 -5.16
CA PHE A 74 -13.94 6.45 -5.20
C PHE A 74 -13.85 7.88 -4.64
N LYS A 75 -13.41 8.01 -3.38
CA LYS A 75 -13.31 9.26 -2.62
C LYS A 75 -12.09 9.28 -1.67
N TRP A 76 -11.01 8.59 -2.06
CA TRP A 76 -9.79 8.45 -1.27
C TRP A 76 -9.07 9.79 -0.99
N GLU A 77 -8.60 9.96 0.25
CA GLU A 77 -7.79 11.10 0.71
C GLU A 77 -6.49 10.56 1.33
N ARG A 78 -5.36 11.22 1.08
CA ARG A 78 -4.05 10.92 1.69
C ARG A 78 -4.10 11.18 3.20
N VAL A 79 -3.64 10.22 4.01
CA VAL A 79 -3.59 10.29 5.48
C VAL A 79 -2.31 9.64 6.03
N GLY A 80 -2.21 9.52 7.36
CA GLY A 80 -1.13 8.79 8.05
C GLY A 80 -1.26 7.27 8.02
N MET A 81 -0.50 6.61 8.89
CA MET A 81 -0.37 5.15 8.96
C MET A 81 -1.65 4.45 9.49
N LEU A 82 -1.56 3.15 9.77
CA LEU A 82 -2.67 2.34 10.27
C LEU A 82 -2.79 2.48 11.79
N LYS A 83 -4.03 2.56 12.28
CA LYS A 83 -4.36 2.65 13.70
C LYS A 83 -4.85 1.30 14.25
N GLU A 84 -4.18 0.83 15.30
CA GLU A 84 -4.45 -0.43 16.02
C GLU A 84 -4.15 -0.25 17.51
N LYS A 85 -4.91 -0.92 18.38
CA LYS A 85 -4.69 -0.93 19.83
C LYS A 85 -3.39 -1.65 20.24
N THR A 86 -2.68 -1.09 21.23
CA THR A 86 -1.36 -1.53 21.74
C THR A 86 -1.01 -0.78 23.04
N GLY A 87 0.11 -1.14 23.67
CA GLY A 87 0.60 -0.56 24.92
C GLY A 87 1.35 0.77 24.77
N PRO A 88 2.05 1.23 25.81
CA PRO A 88 2.81 2.49 25.81
C PRO A 88 4.12 2.42 25.01
N LYS A 89 4.51 1.25 24.49
CA LYS A 89 5.67 1.03 23.61
C LYS A 89 5.44 -0.11 22.60
N LEU A 90 6.14 -0.06 21.46
CA LEU A 90 6.09 -1.08 20.39
C LEU A 90 6.88 -2.35 20.75
N GLY A 91 6.61 -3.43 20.01
CA GLY A 91 7.29 -4.73 20.18
C GLY A 91 6.77 -5.55 21.36
N GLY A 92 7.54 -6.58 21.74
CA GLY A 92 7.23 -7.49 22.86
C GLY A 92 8.25 -8.63 22.99
ZN ZN B . -0.37 -11.92 -12.36
ZN ZN C . -15.96 3.82 1.46
N GLY A 1 0.02 18.08 15.99
CA GLY A 1 0.36 18.60 14.64
C GLY A 1 0.95 17.52 13.73
N PRO A 2 1.65 17.89 12.65
CA PRO A 2 2.28 16.95 11.71
C PRO A 2 3.54 16.30 12.30
N MET A 3 4.10 15.32 11.57
CA MET A 3 5.33 14.60 11.94
C MET A 3 6.61 15.46 11.82
N GLY A 4 6.52 16.67 11.23
CA GLY A 4 7.60 17.66 11.15
C GLY A 4 8.66 17.31 10.10
N MET A 5 9.88 17.85 10.29
CA MET A 5 11.04 17.58 9.43
C MET A 5 11.85 16.33 9.87
N GLN A 6 11.59 15.80 11.07
CA GLN A 6 12.32 14.68 11.65
C GLN A 6 11.86 13.31 11.09
N SER A 7 10.61 13.19 10.65
CA SER A 7 10.03 11.94 10.10
C SER A 7 8.86 12.24 9.14
N ILE A 8 8.53 11.27 8.27
CA ILE A 8 7.48 11.38 7.24
C ILE A 8 6.58 10.13 7.30
N ARG A 9 5.28 10.28 6.98
CA ARG A 9 4.24 9.26 7.15
C ARG A 9 4.41 7.99 6.28
N GLU A 10 5.08 8.09 5.13
CA GLU A 10 5.34 6.99 4.19
C GLU A 10 6.65 6.24 4.53
N GLN A 11 6.79 5.01 4.03
CA GLN A 11 7.89 4.12 4.44
C GLN A 11 8.33 3.16 3.31
N SER A 12 9.63 2.89 3.25
CA SER A 12 10.24 2.03 2.23
C SER A 12 10.02 0.52 2.49
N CYS A 13 10.03 -0.28 1.42
CA CYS A 13 9.80 -1.72 1.44
C CYS A 13 10.33 -2.42 0.16
N ARG A 14 10.28 -3.74 0.12
CA ARG A 14 10.45 -4.53 -1.12
C ARG A 14 9.09 -4.70 -1.79
N VAL A 15 9.06 -4.56 -3.11
CA VAL A 15 7.85 -4.52 -3.96
C VAL A 15 8.07 -5.37 -5.22
N VAL A 16 6.99 -5.68 -5.95
CA VAL A 16 7.00 -6.61 -7.07
C VAL A 16 6.13 -6.13 -8.24
N THR A 17 6.67 -6.25 -9.45
CA THR A 17 5.93 -6.09 -10.70
C THR A 17 5.71 -7.48 -11.30
N CYS A 18 4.46 -7.89 -11.49
CA CYS A 18 4.13 -9.03 -12.34
C CYS A 18 4.30 -8.61 -13.80
N LYS A 19 5.23 -9.23 -14.52
CA LYS A 19 5.55 -8.90 -15.92
C LYS A 19 4.49 -9.45 -16.90
N THR A 20 3.73 -10.47 -16.49
CA THR A 20 2.61 -11.06 -17.25
C THR A 20 1.42 -10.10 -17.30
N CYS A 21 1.01 -9.54 -16.16
CA CYS A 21 -0.16 -8.64 -16.04
C CYS A 21 0.18 -7.13 -16.12
N LYS A 22 1.45 -6.76 -15.85
CA LYS A 22 2.05 -5.42 -15.91
C LYS A 22 1.65 -4.48 -14.74
N TYR A 23 1.12 -5.01 -13.62
CA TYR A 23 0.85 -4.24 -12.38
C TYR A 23 2.01 -4.33 -11.37
N THR A 24 2.10 -3.36 -10.44
CA THR A 24 3.09 -3.32 -9.35
C THR A 24 2.39 -3.17 -8.00
N HIS A 25 2.85 -3.91 -6.99
CA HIS A 25 2.35 -3.88 -5.60
C HIS A 25 3.35 -4.55 -4.62
N PHE A 26 2.96 -4.73 -3.36
CA PHE A 26 3.83 -5.20 -2.27
C PHE A 26 4.20 -6.70 -2.39
N LYS A 27 3.33 -7.49 -3.02
CA LYS A 27 3.39 -8.96 -3.11
C LYS A 27 2.56 -9.51 -4.30
N PRO A 28 2.89 -10.70 -4.85
CA PRO A 28 2.13 -11.28 -5.97
C PRO A 28 0.79 -11.82 -5.47
N LYS A 29 -0.24 -11.76 -6.32
CA LYS A 29 -1.58 -12.28 -5.99
C LYS A 29 -1.65 -13.82 -5.97
N GLU A 30 -2.66 -14.37 -5.30
CA GLU A 30 -2.86 -15.83 -5.19
C GLU A 30 -3.02 -16.51 -6.55
N THR A 31 -3.68 -15.85 -7.52
CA THR A 31 -3.78 -16.31 -8.91
C THR A 31 -2.44 -16.30 -9.62
N CYS A 32 -1.64 -15.24 -9.42
CA CYS A 32 -0.32 -15.08 -10.03
C CYS A 32 0.68 -16.12 -9.49
N VAL A 33 0.62 -16.44 -8.19
CA VAL A 33 1.39 -17.52 -7.57
C VAL A 33 0.90 -18.91 -8.03
N SER A 34 -0.43 -19.14 -8.09
CA SER A 34 -1.00 -20.44 -8.49
C SER A 34 -0.78 -20.77 -9.98
N GLU A 35 -0.94 -19.79 -10.87
CA GLU A 35 -0.64 -19.94 -12.31
C GLU A 35 0.86 -19.80 -12.64
N ASN A 36 1.69 -19.39 -11.67
CA ASN A 36 3.14 -19.19 -11.80
C ASN A 36 3.50 -18.15 -12.89
N HIS A 37 2.91 -16.95 -12.81
CA HIS A 37 3.29 -15.78 -13.60
C HIS A 37 4.76 -15.39 -13.31
N ASP A 38 5.39 -14.69 -14.24
CA ASP A 38 6.76 -14.17 -14.08
C ASP A 38 6.72 -12.78 -13.43
N PHE A 39 7.35 -12.62 -12.26
CA PHE A 39 7.46 -11.34 -11.55
C PHE A 39 8.92 -10.92 -11.33
N HIS A 40 9.17 -9.61 -11.34
CA HIS A 40 10.44 -9.00 -10.93
C HIS A 40 10.26 -8.22 -9.62
N TRP A 41 11.08 -8.54 -8.61
CA TRP A 41 11.14 -7.82 -7.34
C TRP A 41 12.16 -6.65 -7.37
N HIS A 42 11.89 -5.60 -6.60
CA HIS A 42 12.74 -4.41 -6.41
C HIS A 42 12.32 -3.63 -5.13
N ASN A 43 12.95 -2.50 -4.83
CA ASN A 43 12.55 -1.62 -3.71
C ASN A 43 11.62 -0.48 -4.15
N GLY A 44 10.71 -0.08 -3.24
CA GLY A 44 9.71 0.99 -3.41
C GLY A 44 9.28 1.62 -2.10
N VAL A 45 8.23 2.45 -2.14
CA VAL A 45 7.65 3.16 -0.97
C VAL A 45 6.12 3.10 -1.03
N LYS A 46 5.50 2.84 0.12
CA LYS A 46 4.03 2.74 0.28
C LYS A 46 3.42 3.94 1.03
N ARG A 47 2.21 4.32 0.63
CA ARG A 47 1.42 5.45 1.18
C ARG A 47 0.01 4.96 1.58
N PHE A 48 -0.58 5.61 2.58
CA PHE A 48 -1.80 5.16 3.28
C PHE A 48 -2.98 6.12 3.02
N PHE A 49 -4.19 5.57 2.88
CA PHE A 49 -5.39 6.30 2.42
C PHE A 49 -6.65 5.95 3.22
N LYS A 50 -7.55 6.93 3.34
CA LYS A 50 -8.86 6.85 4.00
C LYS A 50 -10.01 7.25 3.04
N CYS A 51 -11.16 6.58 3.18
CA CYS A 51 -12.43 6.90 2.51
C CYS A 51 -13.36 7.72 3.44
N PRO A 52 -14.29 8.56 2.93
CA PRO A 52 -15.26 9.30 3.76
C PRO A 52 -16.16 8.41 4.65
N CYS A 53 -16.39 7.13 4.30
CA CYS A 53 -17.13 6.19 5.17
C CYS A 53 -16.32 5.67 6.38
N GLY A 54 -15.01 5.92 6.41
CA GLY A 54 -14.07 5.49 7.45
C GLY A 54 -13.16 4.31 7.06
N ASN A 55 -13.45 3.64 5.94
CA ASN A 55 -12.64 2.53 5.40
C ASN A 55 -11.21 2.98 5.03
N ARG A 56 -10.25 2.05 4.99
CA ARG A 56 -8.82 2.32 4.84
C ARG A 56 -8.19 1.43 3.75
N THR A 57 -7.10 1.90 3.11
CA THR A 57 -6.29 1.12 2.16
C THR A 57 -4.87 1.67 2.00
N ILE A 58 -4.07 1.01 1.19
CA ILE A 58 -2.64 1.26 0.95
C ILE A 58 -2.35 1.19 -0.56
N SER A 59 -1.47 2.04 -1.07
CA SER A 59 -0.99 1.99 -2.46
C SER A 59 0.52 2.30 -2.52
N LEU A 60 1.18 1.92 -3.62
CA LEU A 60 2.52 2.39 -3.97
C LEU A 60 2.49 3.72 -4.74
N ASP A 61 1.35 4.12 -5.31
CA ASP A 61 1.18 5.38 -6.05
C ASP A 61 0.62 6.48 -5.13
N ARG A 62 0.60 7.72 -5.63
CA ARG A 62 0.09 8.92 -4.93
C ARG A 62 -1.43 8.87 -4.61
N LEU A 63 -2.16 7.89 -5.16
CA LEU A 63 -3.57 7.59 -4.90
C LEU A 63 -3.88 6.13 -5.32
N PRO A 64 -4.83 5.44 -4.67
CA PRO A 64 -5.37 4.15 -5.12
C PRO A 64 -6.02 4.19 -6.51
N LYS A 65 -6.47 3.02 -6.98
CA LYS A 65 -7.18 2.82 -8.26
C LYS A 65 -8.23 1.69 -8.20
N LYS A 66 -8.49 1.18 -6.99
CA LYS A 66 -9.07 -0.14 -6.72
C LYS A 66 -10.59 -0.14 -6.38
N HIS A 67 -11.13 1.01 -5.99
CA HIS A 67 -12.47 1.24 -5.40
C HIS A 67 -12.60 0.72 -3.95
N CYS A 68 -13.49 1.34 -3.16
CA CYS A 68 -13.78 0.97 -1.78
C CYS A 68 -14.41 -0.42 -1.66
N SER A 69 -13.99 -1.18 -0.64
CA SER A 69 -14.54 -2.48 -0.27
C SER A 69 -15.78 -2.41 0.64
N THR A 70 -16.10 -1.22 1.19
CA THR A 70 -17.20 -1.00 2.15
C THR A 70 -18.43 -0.34 1.51
N CYS A 71 -18.23 0.67 0.64
CA CYS A 71 -19.33 1.41 -0.01
C CYS A 71 -19.29 1.42 -1.56
N GLY A 72 -18.17 1.01 -2.17
CA GLY A 72 -18.05 0.66 -3.61
C GLY A 72 -17.64 1.78 -4.55
N LEU A 73 -17.61 3.04 -4.08
CA LEU A 73 -17.21 4.21 -4.87
C LEU A 73 -15.69 4.47 -4.87
N PHE A 74 -15.27 5.62 -5.37
CA PHE A 74 -13.88 6.11 -5.31
C PHE A 74 -13.84 7.57 -4.80
N LYS A 75 -13.40 7.77 -3.55
CA LYS A 75 -13.31 9.07 -2.85
C LYS A 75 -12.10 9.12 -1.87
N TRP A 76 -11.02 8.39 -2.16
CA TRP A 76 -9.84 8.27 -1.28
C TRP A 76 -9.12 9.61 -1.02
N GLU A 77 -8.57 9.75 0.18
CA GLU A 77 -7.73 10.85 0.65
C GLU A 77 -6.50 10.28 1.35
N ARG A 78 -5.32 10.89 1.15
CA ARG A 78 -4.07 10.46 1.80
C ARG A 78 -4.10 10.78 3.30
N VAL A 79 -3.65 9.83 4.13
CA VAL A 79 -3.56 9.96 5.60
C VAL A 79 -2.19 9.51 6.13
N GLY A 80 -1.98 9.65 7.44
CA GLY A 80 -0.72 9.40 8.13
C GLY A 80 -0.37 7.93 8.38
N MET A 81 0.72 7.73 9.13
CA MET A 81 1.31 6.41 9.44
C MET A 81 0.39 5.54 10.33
N LEU A 82 0.45 4.22 10.14
CA LEU A 82 -0.27 3.24 10.96
C LEU A 82 0.34 3.18 12.38
N LYS A 83 -0.51 3.34 13.40
CA LYS A 83 -0.11 3.35 14.82
C LYS A 83 -0.14 1.96 15.51
N GLU A 84 -0.52 0.93 14.76
CA GLU A 84 -0.78 -0.45 15.19
C GLU A 84 -0.84 -1.38 13.98
N LYS A 85 -0.47 -2.66 14.13
CA LYS A 85 -0.40 -3.63 13.01
C LYS A 85 -1.78 -3.97 12.40
N THR A 86 -2.86 -3.75 13.16
CA THR A 86 -4.27 -3.84 12.73
C THR A 86 -4.66 -2.67 11.81
N GLY A 87 -3.97 -1.54 11.90
CA GLY A 87 -4.32 -0.27 11.25
C GLY A 87 -5.46 0.47 11.98
N PRO A 88 -5.86 1.66 11.49
CA PRO A 88 -7.02 2.40 11.99
C PRO A 88 -8.31 1.57 11.88
N LYS A 89 -9.26 1.84 12.77
CA LYS A 89 -10.49 1.05 12.93
C LYS A 89 -11.67 1.89 13.48
N LEU A 90 -12.90 1.43 13.20
CA LEU A 90 -14.15 2.15 13.51
C LEU A 90 -14.58 2.03 14.98
N GLY A 91 -14.06 1.05 15.72
CA GLY A 91 -14.36 0.80 17.14
C GLY A 91 -13.57 -0.34 17.76
N GLY A 92 -13.98 -0.76 18.96
CA GLY A 92 -13.38 -1.85 19.74
C GLY A 92 -14.16 -2.20 21.01
ZN ZN B . -0.07 -11.72 -12.81
ZN ZN C . -15.98 3.89 1.38
N GLY A 1 17.53 19.04 24.56
CA GLY A 1 16.93 17.73 24.90
C GLY A 1 17.72 16.56 24.31
N PRO A 2 17.16 15.33 24.34
CA PRO A 2 17.76 14.11 23.79
C PRO A 2 18.04 14.22 22.28
N MET A 3 19.04 13.46 21.81
CA MET A 3 19.40 13.36 20.39
C MET A 3 18.60 12.28 19.65
N GLY A 4 18.32 12.50 18.36
CA GLY A 4 17.57 11.58 17.49
C GLY A 4 17.23 12.16 16.12
N MET A 5 16.81 11.29 15.21
CA MET A 5 16.43 11.64 13.83
C MET A 5 14.92 11.89 13.67
N GLN A 6 14.55 12.74 12.73
CA GLN A 6 13.17 12.92 12.25
C GLN A 6 12.92 12.11 10.96
N SER A 7 11.66 11.98 10.54
CA SER A 7 11.27 11.23 9.34
C SER A 7 9.88 11.65 8.80
N ILE A 8 9.45 11.04 7.69
CA ILE A 8 8.24 11.38 6.92
C ILE A 8 7.13 10.32 7.15
N ARG A 9 5.86 10.68 6.90
CA ARG A 9 4.67 9.83 7.06
C ARG A 9 4.51 8.67 6.05
N GLU A 10 5.60 8.24 5.40
CA GLU A 10 5.69 7.12 4.47
C GLU A 10 7.00 6.34 4.72
N GLN A 11 7.03 5.06 4.35
CA GLN A 11 8.10 4.13 4.72
C GLN A 11 8.49 3.20 3.57
N SER A 12 9.79 2.93 3.43
CA SER A 12 10.32 2.02 2.40
C SER A 12 9.99 0.54 2.69
N CYS A 13 9.86 -0.26 1.63
CA CYS A 13 9.42 -1.65 1.66
C CYS A 13 9.88 -2.39 0.39
N ARG A 14 9.90 -3.72 0.40
CA ARG A 14 10.09 -4.54 -0.80
C ARG A 14 8.76 -4.73 -1.53
N VAL A 15 8.79 -4.75 -2.86
CA VAL A 15 7.63 -4.75 -3.76
C VAL A 15 7.89 -5.63 -5.00
N VAL A 16 6.83 -5.97 -5.72
CA VAL A 16 6.84 -6.84 -6.90
C VAL A 16 6.00 -6.25 -8.03
N THR A 17 6.51 -6.36 -9.26
CA THR A 17 5.79 -6.07 -10.51
C THR A 17 5.52 -7.38 -11.23
N CYS A 18 4.25 -7.75 -11.38
CA CYS A 18 3.84 -8.86 -12.25
C CYS A 18 3.97 -8.39 -13.71
N LYS A 19 4.85 -9.03 -14.48
CA LYS A 19 5.09 -8.73 -15.90
C LYS A 19 3.95 -9.24 -16.80
N THR A 20 3.15 -10.21 -16.32
CA THR A 20 2.02 -10.81 -17.06
C THR A 20 0.77 -9.93 -16.99
N CYS A 21 0.44 -9.37 -15.81
CA CYS A 21 -0.74 -8.52 -15.59
C CYS A 21 -0.44 -7.00 -15.62
N LYS A 22 0.83 -6.60 -15.45
CA LYS A 22 1.36 -5.23 -15.52
C LYS A 22 0.91 -4.33 -14.33
N TYR A 23 0.77 -4.89 -13.12
CA TYR A 23 0.56 -4.16 -11.86
C TYR A 23 1.78 -4.26 -10.92
N THR A 24 1.89 -3.30 -9.99
CA THR A 24 2.92 -3.24 -8.93
C THR A 24 2.24 -3.22 -7.56
N HIS A 25 2.72 -4.05 -6.62
CA HIS A 25 2.24 -4.13 -5.23
C HIS A 25 3.29 -4.79 -4.31
N PHE A 26 2.97 -4.96 -3.02
CA PHE A 26 3.88 -5.49 -1.99
C PHE A 26 4.18 -6.99 -2.15
N LYS A 27 3.26 -7.74 -2.76
CA LYS A 27 3.32 -9.21 -2.94
C LYS A 27 2.41 -9.70 -4.10
N PRO A 28 2.68 -10.86 -4.74
CA PRO A 28 1.88 -11.39 -5.83
C PRO A 28 0.64 -12.11 -5.28
N LYS A 29 -0.37 -12.29 -6.13
CA LYS A 29 -1.57 -13.06 -5.79
C LYS A 29 -1.33 -14.59 -5.80
N GLU A 30 -2.18 -15.32 -5.08
CA GLU A 30 -2.16 -16.79 -5.10
C GLU A 30 -2.44 -17.35 -6.51
N THR A 31 -3.28 -16.67 -7.29
CA THR A 31 -3.52 -16.98 -8.71
C THR A 31 -2.30 -16.73 -9.57
N CYS A 32 -1.58 -15.62 -9.35
CA CYS A 32 -0.33 -15.31 -10.06
C CYS A 32 0.77 -16.36 -9.77
N VAL A 33 0.88 -16.81 -8.52
CA VAL A 33 1.79 -17.89 -8.12
C VAL A 33 1.36 -19.24 -8.71
N SER A 34 0.06 -19.58 -8.70
CA SER A 34 -0.48 -20.86 -9.18
C SER A 34 -0.45 -21.00 -10.71
N GLU A 35 -0.74 -19.92 -11.45
CA GLU A 35 -0.64 -19.87 -12.92
C GLU A 35 0.81 -19.62 -13.41
N ASN A 36 1.75 -19.41 -12.49
CA ASN A 36 3.18 -19.20 -12.75
C ASN A 36 3.43 -17.98 -13.68
N HIS A 37 2.81 -16.83 -13.34
CA HIS A 37 3.11 -15.53 -13.96
C HIS A 37 4.59 -15.16 -13.70
N ASP A 38 5.17 -14.37 -14.60
CA ASP A 38 6.52 -13.81 -14.41
C ASP A 38 6.43 -12.51 -13.58
N PHE A 39 7.37 -12.32 -12.65
CA PHE A 39 7.45 -11.11 -11.82
C PHE A 39 8.89 -10.65 -11.58
N HIS A 40 9.09 -9.34 -11.48
CA HIS A 40 10.33 -8.70 -11.04
C HIS A 40 10.14 -8.10 -9.64
N TRP A 41 10.99 -8.49 -8.67
CA TRP A 41 11.02 -7.90 -7.33
C TRP A 41 12.03 -6.74 -7.23
N HIS A 42 11.73 -5.75 -6.39
CA HIS A 42 12.56 -4.57 -6.11
C HIS A 42 12.12 -3.86 -4.82
N ASN A 43 12.76 -2.75 -4.45
CA ASN A 43 12.35 -1.89 -3.32
C ASN A 43 11.57 -0.64 -3.79
N GLY A 44 10.67 -0.15 -2.94
CA GLY A 44 9.84 1.05 -3.13
C GLY A 44 9.44 1.70 -1.81
N VAL A 45 8.34 2.48 -1.81
CA VAL A 45 7.82 3.21 -0.64
C VAL A 45 6.30 3.36 -0.75
N LYS A 46 5.61 3.16 0.38
CA LYS A 46 4.14 3.08 0.46
C LYS A 46 3.48 4.25 1.21
N ARG A 47 2.31 4.68 0.72
CA ARG A 47 1.44 5.74 1.27
C ARG A 47 0.10 5.14 1.72
N PHE A 48 -0.55 5.81 2.68
CA PHE A 48 -1.76 5.34 3.36
C PHE A 48 -2.97 6.20 3.00
N PHE A 49 -4.16 5.58 2.87
CA PHE A 49 -5.36 6.25 2.36
C PHE A 49 -6.62 5.88 3.16
N LYS A 50 -7.56 6.83 3.20
CA LYS A 50 -8.86 6.74 3.89
C LYS A 50 -10.02 7.16 2.97
N CYS A 51 -11.15 6.46 3.08
CA CYS A 51 -12.43 6.79 2.44
C CYS A 51 -13.35 7.53 3.44
N PRO A 52 -14.26 8.44 3.01
CA PRO A 52 -15.17 9.15 3.91
C PRO A 52 -16.09 8.28 4.77
N CYS A 53 -16.36 7.01 4.41
CA CYS A 53 -17.12 6.07 5.27
C CYS A 53 -16.28 5.49 6.45
N GLY A 54 -14.97 5.72 6.46
CA GLY A 54 -14.00 5.23 7.46
C GLY A 54 -13.10 4.09 6.97
N ASN A 55 -13.42 3.44 5.84
CA ASN A 55 -12.61 2.36 5.26
C ASN A 55 -11.20 2.84 4.82
N ARG A 56 -10.24 1.91 4.68
CA ARG A 56 -8.80 2.21 4.46
C ARG A 56 -8.20 1.39 3.31
N THR A 57 -7.05 1.83 2.80
CA THR A 57 -6.18 1.10 1.85
C THR A 57 -4.76 1.68 1.83
N ILE A 58 -3.86 1.04 1.10
CA ILE A 58 -2.41 1.34 1.03
C ILE A 58 -1.95 1.13 -0.43
N SER A 59 -1.06 1.97 -0.93
CA SER A 59 -0.53 1.89 -2.30
C SER A 59 0.84 2.55 -2.42
N LEU A 60 1.51 2.30 -3.55
CA LEU A 60 2.84 2.78 -3.90
C LEU A 60 2.75 4.07 -4.74
N ASP A 61 1.63 4.29 -5.43
CA ASP A 61 1.33 5.50 -6.19
C ASP A 61 0.71 6.59 -5.29
N ARG A 62 0.60 7.81 -5.85
CA ARG A 62 0.01 8.99 -5.19
C ARG A 62 -1.47 8.84 -4.79
N LEU A 63 -2.19 7.84 -5.33
CA LEU A 63 -3.62 7.56 -5.14
C LEU A 63 -3.90 6.08 -5.55
N PRO A 64 -4.61 5.27 -4.73
CA PRO A 64 -4.86 3.85 -5.02
C PRO A 64 -5.77 3.67 -6.25
N LYS A 65 -5.60 2.54 -6.95
CA LYS A 65 -6.16 2.33 -8.29
C LYS A 65 -7.62 1.83 -8.34
N LYS A 66 -8.18 1.31 -7.23
CA LYS A 66 -9.45 0.56 -7.20
C LYS A 66 -10.49 1.10 -6.20
N HIS A 67 -11.73 0.60 -6.30
CA HIS A 67 -12.89 1.06 -5.52
C HIS A 67 -12.85 0.67 -4.02
N CYS A 68 -13.66 1.35 -3.20
CA CYS A 68 -13.88 1.01 -1.79
C CYS A 68 -14.50 -0.39 -1.61
N SER A 69 -13.91 -1.18 -0.73
CA SER A 69 -14.40 -2.51 -0.35
C SER A 69 -15.68 -2.48 0.51
N THR A 70 -16.05 -1.31 1.06
CA THR A 70 -17.14 -1.14 2.04
C THR A 70 -18.37 -0.46 1.43
N CYS A 71 -18.20 0.56 0.58
CA CYS A 71 -19.33 1.30 -0.02
C CYS A 71 -19.32 1.39 -1.57
N GLY A 72 -18.21 1.03 -2.22
CA GLY A 72 -18.14 0.76 -3.67
C GLY A 72 -17.78 1.94 -4.58
N LEU A 73 -17.67 3.17 -4.03
CA LEU A 73 -17.28 4.37 -4.77
C LEU A 73 -15.75 4.57 -4.82
N PHE A 74 -15.30 5.75 -5.27
CA PHE A 74 -13.90 6.14 -5.39
C PHE A 74 -13.69 7.56 -4.87
N LYS A 75 -13.42 7.70 -3.57
CA LYS A 75 -13.27 8.98 -2.84
C LYS A 75 -12.08 8.97 -1.86
N TRP A 76 -11.01 8.24 -2.21
CA TRP A 76 -9.81 8.10 -1.40
C TRP A 76 -9.10 9.45 -1.13
N GLU A 77 -8.63 9.62 0.10
CA GLU A 77 -7.81 10.75 0.56
C GLU A 77 -6.52 10.21 1.19
N ARG A 78 -5.37 10.78 0.80
CA ARG A 78 -4.06 10.38 1.35
C ARG A 78 -3.93 10.88 2.79
N VAL A 79 -3.55 10.00 3.70
CA VAL A 79 -3.44 10.25 5.16
C VAL A 79 -2.06 9.82 5.69
N GLY A 80 -1.74 10.21 6.94
CA GLY A 80 -0.44 10.00 7.57
C GLY A 80 -0.19 8.60 8.11
N MET A 81 0.93 8.45 8.82
CA MET A 81 1.47 7.16 9.26
C MET A 81 0.71 6.60 10.47
N LEU A 82 0.19 5.39 10.29
CA LEU A 82 -0.37 4.50 11.30
C LEU A 82 0.68 4.08 12.35
N LYS A 83 0.25 3.99 13.62
CA LYS A 83 1.10 3.56 14.74
C LYS A 83 1.07 2.04 15.03
N GLU A 84 0.22 1.33 14.30
CA GLU A 84 0.03 -0.13 14.36
C GLU A 84 0.89 -0.84 13.29
N LYS A 85 0.74 -2.17 13.16
CA LYS A 85 1.38 -2.97 12.11
C LYS A 85 0.96 -2.52 10.68
N THR A 86 1.79 -2.84 9.68
CA THR A 86 1.63 -2.46 8.26
C THR A 86 0.42 -3.06 7.55
N GLY A 87 -0.14 -4.16 8.09
CA GLY A 87 -1.42 -4.74 7.66
C GLY A 87 -2.57 -4.27 8.57
N PRO A 88 -3.45 -3.35 8.13
CA PRO A 88 -4.58 -2.87 8.91
C PRO A 88 -5.73 -3.86 8.93
N LYS A 89 -6.61 -3.76 9.93
CA LYS A 89 -7.82 -4.60 10.05
C LYS A 89 -8.96 -4.17 9.08
N LEU A 90 -8.95 -2.90 8.65
CA LEU A 90 -9.85 -2.35 7.62
C LEU A 90 -9.26 -2.56 6.21
N GLY A 91 -10.10 -2.39 5.18
CA GLY A 91 -9.74 -2.59 3.77
C GLY A 91 -9.80 -4.06 3.33
N GLY A 92 -9.38 -4.32 2.09
CA GLY A 92 -9.37 -5.64 1.45
C GLY A 92 -8.84 -5.62 0.01
ZN ZN B . -0.31 -11.69 -12.55
ZN ZN C . -16.02 3.81 1.43
N GLY A 1 24.99 22.35 10.02
CA GLY A 1 24.73 21.03 10.66
C GLY A 1 25.08 19.87 9.73
N PRO A 2 25.21 18.64 10.27
CA PRO A 2 25.58 17.45 9.50
C PRO A 2 24.42 16.89 8.66
N MET A 3 23.17 17.16 9.03
CA MET A 3 21.94 16.71 8.35
C MET A 3 20.87 17.81 8.31
N GLY A 4 19.97 17.73 7.31
CA GLY A 4 18.78 18.59 7.19
C GLY A 4 17.53 17.96 7.80
N MET A 5 16.44 18.73 7.85
CA MET A 5 15.12 18.27 8.33
C MET A 5 14.44 17.36 7.31
N GLN A 6 13.86 16.25 7.77
CA GLN A 6 13.15 15.25 6.94
C GLN A 6 12.31 14.33 7.86
N SER A 7 11.01 14.22 7.60
CA SER A 7 10.03 13.45 8.39
C SER A 7 8.65 13.43 7.71
N ILE A 8 8.41 12.42 6.84
CA ILE A 8 7.17 12.25 6.06
C ILE A 8 6.45 10.97 6.50
N ARG A 9 5.10 10.99 6.50
CA ARG A 9 4.21 9.91 6.98
C ARG A 9 4.01 8.72 6.01
N GLU A 10 4.99 8.47 5.15
CA GLU A 10 5.06 7.36 4.20
C GLU A 10 6.44 6.68 4.29
N GLN A 11 6.53 5.40 3.93
CA GLN A 11 7.65 4.54 4.33
C GLN A 11 8.08 3.56 3.23
N SER A 12 9.40 3.35 3.10
CA SER A 12 9.97 2.44 2.11
C SER A 12 9.82 0.95 2.49
N CYS A 13 9.63 0.10 1.49
CA CYS A 13 9.41 -1.35 1.64
C CYS A 13 9.67 -2.12 0.32
N ARG A 14 9.76 -3.45 0.38
CA ARG A 14 9.87 -4.31 -0.80
C ARG A 14 8.52 -4.45 -1.52
N VAL A 15 8.55 -4.46 -2.85
CA VAL A 15 7.40 -4.50 -3.77
C VAL A 15 7.71 -5.42 -4.96
N VAL A 16 6.69 -5.81 -5.72
CA VAL A 16 6.79 -6.78 -6.84
C VAL A 16 6.05 -6.27 -8.09
N THR A 17 6.68 -6.44 -9.25
CA THR A 17 6.06 -6.24 -10.57
C THR A 17 5.82 -7.60 -11.21
N CYS A 18 4.56 -7.97 -11.46
CA CYS A 18 4.21 -9.13 -12.30
C CYS A 18 4.47 -8.76 -13.77
N LYS A 19 5.29 -9.53 -14.46
CA LYS A 19 5.67 -9.31 -15.86
C LYS A 19 4.59 -9.83 -16.84
N THR A 20 3.73 -10.75 -16.38
CA THR A 20 2.66 -11.36 -17.18
C THR A 20 1.41 -10.47 -17.24
N CYS A 21 1.05 -9.79 -16.13
CA CYS A 21 -0.10 -8.89 -16.05
C CYS A 21 0.28 -7.39 -16.10
N LYS A 22 1.56 -7.06 -15.87
CA LYS A 22 2.17 -5.72 -15.95
C LYS A 22 1.76 -4.77 -14.78
N TYR A 23 1.27 -5.33 -13.66
CA TYR A 23 0.98 -4.56 -12.44
C TYR A 23 2.20 -4.45 -11.51
N THR A 24 2.18 -3.49 -10.57
CA THR A 24 3.11 -3.42 -9.42
C THR A 24 2.31 -3.33 -8.12
N HIS A 25 2.54 -4.27 -7.21
CA HIS A 25 1.89 -4.39 -5.90
C HIS A 25 2.92 -4.72 -4.79
N PHE A 26 2.47 -4.82 -3.54
CA PHE A 26 3.27 -5.23 -2.37
C PHE A 26 3.72 -6.70 -2.44
N LYS A 27 2.88 -7.56 -3.05
CA LYS A 27 3.05 -9.03 -3.13
C LYS A 27 2.22 -9.62 -4.31
N PRO A 28 2.59 -10.79 -4.86
CA PRO A 28 1.87 -11.38 -5.98
C PRO A 28 0.55 -12.01 -5.49
N LYS A 29 -0.45 -12.03 -6.37
CA LYS A 29 -1.76 -12.65 -6.07
C LYS A 29 -1.68 -14.19 -6.02
N GLU A 30 -2.67 -14.80 -5.36
CA GLU A 30 -2.82 -16.25 -5.27
C GLU A 30 -2.93 -16.90 -6.66
N THR A 31 -3.63 -16.25 -7.59
CA THR A 31 -3.71 -16.63 -9.01
C THR A 31 -2.36 -16.52 -9.70
N CYS A 32 -1.58 -15.46 -9.45
CA CYS A 32 -0.26 -15.24 -10.03
C CYS A 32 0.76 -16.29 -9.55
N VAL A 33 0.70 -16.65 -8.27
CA VAL A 33 1.52 -17.72 -7.68
C VAL A 33 1.09 -19.11 -8.19
N SER A 34 -0.22 -19.38 -8.26
CA SER A 34 -0.76 -20.69 -8.68
C SER A 34 -0.58 -20.97 -10.19
N GLU A 35 -0.83 -19.98 -11.05
CA GLU A 35 -0.55 -20.04 -12.50
C GLU A 35 0.95 -19.88 -12.81
N ASN A 36 1.75 -19.42 -11.84
CA ASN A 36 3.20 -19.36 -11.89
C ASN A 36 3.72 -18.28 -12.87
N HIS A 37 3.09 -17.10 -12.85
CA HIS A 37 3.51 -15.91 -13.60
C HIS A 37 4.95 -15.52 -13.22
N ASP A 38 5.65 -14.84 -14.13
CA ASP A 38 6.98 -14.26 -13.87
C ASP A 38 6.83 -12.93 -13.11
N PHE A 39 7.68 -12.69 -12.10
CA PHE A 39 7.72 -11.41 -11.37
C PHE A 39 9.15 -10.94 -11.09
N HIS A 40 9.33 -9.62 -11.01
CA HIS A 40 10.55 -8.97 -10.54
C HIS A 40 10.25 -8.25 -9.20
N TRP A 41 10.97 -8.61 -8.13
CA TRP A 41 10.94 -7.89 -6.84
C TRP A 41 11.96 -6.74 -6.80
N HIS A 42 11.63 -5.67 -6.08
CA HIS A 42 12.48 -4.48 -5.88
C HIS A 42 12.00 -3.65 -4.67
N ASN A 43 12.69 -2.55 -4.36
CA ASN A 43 12.27 -1.61 -3.30
C ASN A 43 11.43 -0.46 -3.86
N GLY A 44 10.46 0.02 -3.07
CA GLY A 44 9.56 1.14 -3.34
C GLY A 44 9.14 1.86 -2.05
N VAL A 45 7.99 2.53 -2.07
CA VAL A 45 7.43 3.31 -0.95
C VAL A 45 5.91 3.27 -0.97
N LYS A 46 5.29 3.10 0.21
CA LYS A 46 3.84 2.95 0.39
C LYS A 46 3.23 4.12 1.19
N ARG A 47 2.03 4.54 0.77
CA ARG A 47 1.21 5.59 1.37
C ARG A 47 -0.21 5.06 1.63
N PHE A 48 -0.90 5.67 2.60
CA PHE A 48 -2.12 5.15 3.23
C PHE A 48 -3.33 6.04 2.95
N PHE A 49 -4.52 5.46 2.84
CA PHE A 49 -5.74 6.17 2.44
C PHE A 49 -6.99 5.70 3.20
N LYS A 50 -7.93 6.62 3.39
CA LYS A 50 -9.20 6.42 4.10
C LYS A 50 -10.40 6.96 3.28
N CYS A 51 -11.51 6.22 3.29
CA CYS A 51 -12.81 6.57 2.72
C CYS A 51 -13.74 7.16 3.80
N PRO A 52 -14.66 8.08 3.49
CA PRO A 52 -15.58 8.68 4.47
C PRO A 52 -16.50 7.69 5.22
N CYS A 53 -16.73 6.46 4.74
CA CYS A 53 -17.46 5.43 5.48
C CYS A 53 -16.63 4.75 6.60
N GLY A 54 -15.32 5.00 6.64
CA GLY A 54 -14.34 4.44 7.59
C GLY A 54 -13.45 3.32 7.02
N ASN A 55 -13.74 2.81 5.82
CA ASN A 55 -12.91 1.82 5.12
C ASN A 55 -11.56 2.41 4.67
N ARG A 56 -10.50 1.60 4.59
CA ARG A 56 -9.11 2.04 4.34
C ARG A 56 -8.39 1.17 3.30
N THR A 57 -7.32 1.72 2.69
CA THR A 57 -6.46 1.05 1.70
C THR A 57 -5.05 1.65 1.68
N ILE A 58 -4.19 1.11 0.84
CA ILE A 58 -2.74 1.42 0.72
C ILE A 58 -2.36 1.44 -0.77
N SER A 59 -1.41 2.29 -1.17
CA SER A 59 -0.90 2.34 -2.54
C SER A 59 0.58 2.73 -2.61
N LEU A 60 1.19 2.40 -3.74
CA LEU A 60 2.56 2.71 -4.12
C LEU A 60 2.65 4.02 -4.93
N ASP A 61 1.51 4.60 -5.31
CA ASP A 61 1.37 5.91 -5.96
C ASP A 61 0.69 6.93 -5.02
N ARG A 62 0.61 8.19 -5.46
CA ARG A 62 -0.03 9.31 -4.73
C ARG A 62 -1.53 9.14 -4.44
N LEU A 63 -2.18 8.13 -5.05
CA LEU A 63 -3.60 7.77 -4.91
C LEU A 63 -3.78 6.28 -5.28
N PRO A 64 -4.69 5.51 -4.62
CA PRO A 64 -5.01 4.15 -5.01
C PRO A 64 -5.78 4.12 -6.33
N LYS A 65 -5.64 3.01 -7.07
CA LYS A 65 -6.26 2.81 -8.40
C LYS A 65 -7.62 2.10 -8.36
N LYS A 66 -8.07 1.69 -7.16
CA LYS A 66 -9.26 0.86 -6.93
C LYS A 66 -10.37 1.59 -6.16
N HIS A 67 -11.62 1.16 -6.31
CA HIS A 67 -12.79 1.68 -5.59
C HIS A 67 -12.90 1.10 -4.15
N CYS A 68 -13.73 1.70 -3.29
CA CYS A 68 -14.01 1.19 -1.95
C CYS A 68 -14.65 -0.21 -1.97
N SER A 69 -14.13 -1.11 -1.13
CA SER A 69 -14.65 -2.47 -0.96
C SER A 69 -15.98 -2.52 -0.18
N THR A 70 -16.33 -1.42 0.52
CA THR A 70 -17.44 -1.35 1.49
C THR A 70 -18.63 -0.56 0.96
N CYS A 71 -18.42 0.46 0.11
CA CYS A 71 -19.51 1.26 -0.49
C CYS A 71 -19.34 1.62 -1.99
N GLY A 72 -18.16 1.43 -2.57
CA GLY A 72 -17.90 1.59 -4.02
C GLY A 72 -17.47 2.99 -4.48
N LEU A 73 -17.25 3.93 -3.55
CA LEU A 73 -16.74 5.28 -3.86
C LEU A 73 -15.30 5.29 -4.39
N PHE A 74 -14.91 6.46 -4.91
CA PHE A 74 -13.53 6.84 -5.24
C PHE A 74 -13.19 8.21 -4.65
N LYS A 75 -13.49 8.37 -3.35
CA LYS A 75 -13.35 9.63 -2.57
C LYS A 75 -12.22 9.56 -1.52
N TRP A 76 -11.25 8.67 -1.76
CA TRP A 76 -10.07 8.41 -0.92
C TRP A 76 -9.33 9.68 -0.47
N GLU A 77 -9.06 9.78 0.83
CA GLU A 77 -8.26 10.82 1.46
C GLU A 77 -6.91 10.26 1.88
N ARG A 78 -5.82 10.97 1.55
CA ARG A 78 -4.46 10.62 2.00
C ARG A 78 -4.37 10.71 3.53
N VAL A 79 -3.93 9.62 4.18
CA VAL A 79 -3.55 9.54 5.60
C VAL A 79 -2.13 9.00 5.74
N GLY A 80 -1.61 8.91 6.97
CA GLY A 80 -0.20 8.59 7.25
C GLY A 80 0.03 7.35 8.11
N MET A 81 1.25 6.81 8.02
CA MET A 81 1.79 5.79 8.94
C MET A 81 3.31 5.62 8.87
N LEU A 82 3.96 5.49 10.03
CA LEU A 82 5.40 5.47 10.25
C LEU A 82 5.74 5.08 11.70
N LYS A 83 6.94 4.53 11.92
CA LYS A 83 7.32 3.86 13.18
C LYS A 83 8.10 4.72 14.19
N GLU A 84 8.45 5.95 13.82
CA GLU A 84 9.29 6.86 14.60
C GLU A 84 8.45 7.89 15.39
N LYS A 85 8.98 8.34 16.52
CA LYS A 85 8.45 9.45 17.31
C LYS A 85 8.77 10.84 16.69
N THR A 86 8.04 11.88 17.12
CA THR A 86 8.22 13.29 16.70
C THR A 86 7.50 14.24 17.68
N GLY A 87 7.94 15.50 17.72
CA GLY A 87 7.38 16.57 18.58
C GLY A 87 6.44 17.54 17.82
N PRO A 88 5.60 18.30 18.55
CA PRO A 88 4.67 19.27 17.97
C PRO A 88 5.44 20.51 17.50
N LYS A 89 5.62 20.64 16.19
CA LYS A 89 6.52 21.63 15.57
C LYS A 89 6.08 23.11 15.70
N LEU A 90 4.80 23.35 16.02
CA LEU A 90 4.19 24.69 16.13
C LEU A 90 4.47 25.41 17.46
N GLY A 91 4.93 24.68 18.50
CA GLY A 91 5.18 25.23 19.83
C GLY A 91 3.89 25.52 20.62
N GLY A 92 3.90 26.59 21.41
CA GLY A 92 2.75 27.06 22.21
C GLY A 92 3.07 28.32 23.02
ZN ZN B . 0.04 -11.89 -12.85
ZN ZN C . -16.34 3.61 1.44
N GLY A 1 9.59 4.18 19.48
CA GLY A 1 9.25 4.58 18.11
C GLY A 1 9.98 3.76 17.05
N PRO A 2 9.70 3.99 15.75
CA PRO A 2 10.33 3.27 14.63
C PRO A 2 11.78 3.75 14.42
N MET A 3 12.59 2.92 13.77
CA MET A 3 14.01 3.20 13.52
C MET A 3 14.21 4.11 12.29
N GLY A 4 13.60 3.75 11.16
CA GLY A 4 13.75 4.47 9.88
C GLY A 4 12.62 5.46 9.57
N MET A 5 11.40 5.19 10.05
CA MET A 5 10.17 5.91 9.72
C MET A 5 9.95 7.18 10.57
N GLN A 6 11.03 7.86 10.97
CA GLN A 6 11.03 9.04 11.84
C GLN A 6 10.79 10.36 11.08
N SER A 7 10.81 10.35 9.75
CA SER A 7 10.60 11.51 8.88
C SER A 7 9.11 11.74 8.53
N ILE A 8 8.72 11.36 7.33
CA ILE A 8 7.42 11.61 6.68
C ILE A 8 6.46 10.41 6.90
N ARG A 9 5.16 10.63 6.69
CA ARG A 9 4.08 9.62 6.82
C ARG A 9 4.05 8.57 5.71
N GLU A 10 5.17 7.88 5.53
CA GLU A 10 5.47 6.85 4.52
C GLU A 10 6.77 6.11 4.88
N GLN A 11 7.01 4.95 4.24
CA GLN A 11 8.11 4.06 4.59
C GLN A 11 8.56 3.23 3.39
N SER A 12 9.87 3.01 3.28
CA SER A 12 10.46 2.16 2.24
C SER A 12 10.14 0.67 2.48
N CYS A 13 9.89 -0.06 1.40
CA CYS A 13 9.43 -1.46 1.42
C CYS A 13 9.83 -2.22 0.15
N ARG A 14 9.94 -3.54 0.25
CA ARG A 14 10.10 -4.43 -0.90
C ARG A 14 8.78 -4.54 -1.67
N VAL A 15 8.88 -4.58 -3.00
CA VAL A 15 7.77 -4.58 -3.98
C VAL A 15 8.05 -5.55 -5.13
N VAL A 16 7.01 -5.90 -5.88
CA VAL A 16 7.00 -6.83 -7.01
C VAL A 16 6.22 -6.25 -8.19
N THR A 17 6.71 -6.47 -9.41
CA THR A 17 6.00 -6.21 -10.67
C THR A 17 5.70 -7.54 -11.34
N CYS A 18 4.41 -7.85 -11.51
CA CYS A 18 3.95 -8.97 -12.35
C CYS A 18 4.10 -8.58 -13.83
N LYS A 19 4.84 -9.37 -14.60
CA LYS A 19 5.07 -9.13 -16.03
C LYS A 19 3.89 -9.65 -16.90
N THR A 20 3.03 -10.52 -16.36
CA THR A 20 1.86 -11.07 -17.07
C THR A 20 0.67 -10.10 -17.01
N CYS A 21 0.44 -9.44 -15.87
CA CYS A 21 -0.66 -8.48 -15.67
C CYS A 21 -0.24 -6.99 -15.73
N LYS A 22 1.07 -6.72 -15.62
CA LYS A 22 1.71 -5.40 -15.76
C LYS A 22 1.44 -4.44 -14.57
N TYR A 23 1.07 -4.96 -13.38
CA TYR A 23 0.90 -4.19 -12.14
C TYR A 23 2.12 -4.27 -11.20
N THR A 24 2.28 -3.25 -10.33
CA THR A 24 3.27 -3.21 -9.24
C THR A 24 2.57 -3.06 -7.90
N HIS A 25 2.97 -3.89 -6.92
CA HIS A 25 2.47 -3.89 -5.53
C HIS A 25 3.52 -4.50 -4.56
N PHE A 26 3.19 -4.61 -3.27
CA PHE A 26 4.10 -5.09 -2.22
C PHE A 26 4.44 -6.59 -2.35
N LYS A 27 3.49 -7.39 -2.85
CA LYS A 27 3.55 -8.85 -2.99
C LYS A 27 2.54 -9.37 -4.04
N PRO A 28 2.77 -10.54 -4.67
CA PRO A 28 1.91 -11.05 -5.74
C PRO A 28 0.65 -11.66 -5.15
N LYS A 29 -0.45 -11.63 -5.92
CA LYS A 29 -1.73 -12.23 -5.53
C LYS A 29 -1.67 -13.76 -5.48
N GLU A 30 -2.58 -14.37 -4.73
CA GLU A 30 -2.68 -15.84 -4.65
C GLU A 30 -3.00 -16.49 -6.01
N THR A 31 -3.75 -15.79 -6.86
CA THR A 31 -4.02 -16.16 -8.27
C THR A 31 -2.73 -16.11 -9.10
N CYS A 32 -1.92 -15.06 -8.96
CA CYS A 32 -0.66 -14.91 -9.67
C CYS A 32 0.36 -15.98 -9.25
N VAL A 33 0.44 -16.29 -7.97
CA VAL A 33 1.29 -17.37 -7.43
C VAL A 33 0.79 -18.76 -7.87
N SER A 34 -0.52 -19.03 -7.82
CA SER A 34 -1.09 -20.34 -8.18
C SER A 34 -1.05 -20.63 -9.68
N GLU A 35 -1.31 -19.63 -10.53
CA GLU A 35 -1.21 -19.73 -12.00
C GLU A 35 0.24 -19.58 -12.51
N ASN A 36 1.20 -19.33 -11.61
CA ASN A 36 2.64 -19.26 -11.88
C ASN A 36 3.01 -18.12 -12.86
N HIS A 37 2.45 -16.92 -12.65
CA HIS A 37 2.81 -15.69 -13.39
C HIS A 37 4.30 -15.36 -13.19
N ASP A 38 4.88 -14.65 -14.17
CA ASP A 38 6.26 -14.15 -14.10
C ASP A 38 6.32 -12.82 -13.36
N PHE A 39 7.31 -12.61 -12.50
CA PHE A 39 7.49 -11.37 -11.75
C PHE A 39 8.95 -11.01 -11.46
N HIS A 40 9.24 -9.72 -11.35
CA HIS A 40 10.50 -9.17 -10.86
C HIS A 40 10.30 -8.39 -9.55
N TRP A 41 11.20 -8.58 -8.59
CA TRP A 41 11.18 -7.91 -7.28
C TRP A 41 12.22 -6.78 -7.18
N HIS A 42 11.92 -5.77 -6.36
CA HIS A 42 12.77 -4.60 -6.07
C HIS A 42 12.25 -3.84 -4.81
N ASN A 43 12.73 -2.62 -4.56
CA ASN A 43 12.28 -1.77 -3.46
C ASN A 43 11.61 -0.47 -3.95
N GLY A 44 10.68 0.06 -3.15
CA GLY A 44 9.93 1.30 -3.35
C GLY A 44 9.51 1.95 -2.01
N VAL A 45 8.41 2.70 -2.00
CA VAL A 45 7.85 3.40 -0.83
C VAL A 45 6.33 3.53 -0.95
N LYS A 46 5.63 3.27 0.17
CA LYS A 46 4.17 3.13 0.25
C LYS A 46 3.47 4.29 0.98
N ARG A 47 2.27 4.64 0.49
CA ARG A 47 1.40 5.75 0.92
C ARG A 47 0.05 5.18 1.43
N PHE A 48 -0.56 5.83 2.43
CA PHE A 48 -1.74 5.32 3.14
C PHE A 48 -2.99 6.17 2.87
N PHE A 49 -4.14 5.50 2.67
CA PHE A 49 -5.40 6.14 2.25
C PHE A 49 -6.61 5.70 3.08
N LYS A 50 -7.57 6.62 3.22
CA LYS A 50 -8.86 6.43 3.90
C LYS A 50 -10.04 6.87 3.00
N CYS A 51 -11.13 6.11 3.06
CA CYS A 51 -12.44 6.40 2.47
C CYS A 51 -13.37 7.04 3.54
N PRO A 52 -14.33 7.93 3.19
CA PRO A 52 -15.23 8.57 4.14
C PRO A 52 -16.12 7.60 4.96
N CYS A 53 -16.33 6.35 4.55
CA CYS A 53 -17.03 5.33 5.35
C CYS A 53 -16.16 4.72 6.48
N GLY A 54 -14.85 4.99 6.48
CA GLY A 54 -13.85 4.49 7.42
C GLY A 54 -12.89 3.42 6.85
N ASN A 55 -13.22 2.84 5.69
CA ASN A 55 -12.38 1.82 5.03
C ASN A 55 -11.00 2.38 4.62
N ARG A 56 -10.00 1.51 4.50
CA ARG A 56 -8.59 1.85 4.27
C ARG A 56 -7.97 1.09 3.09
N THR A 57 -6.91 1.65 2.49
CA THR A 57 -6.03 0.99 1.50
C THR A 57 -4.64 1.62 1.48
N ILE A 58 -3.72 1.00 0.73
CA ILE A 58 -2.30 1.36 0.63
C ILE A 58 -1.85 1.20 -0.84
N SER A 59 -1.01 2.10 -1.33
CA SER A 59 -0.45 2.04 -2.69
C SER A 59 0.90 2.75 -2.78
N LEU A 60 1.58 2.62 -3.91
CA LEU A 60 2.92 3.15 -4.17
C LEU A 60 2.88 4.55 -4.80
N ASP A 61 1.79 4.90 -5.49
CA ASP A 61 1.54 6.23 -6.07
C ASP A 61 0.77 7.13 -5.08
N ARG A 62 0.73 8.44 -5.38
CA ARG A 62 0.07 9.48 -4.58
C ARG A 62 -1.45 9.33 -4.46
N LEU A 63 -2.07 8.42 -5.23
CA LEU A 63 -3.48 8.01 -5.14
C LEU A 63 -3.65 6.58 -5.71
N PRO A 64 -4.44 5.69 -5.07
CA PRO A 64 -4.72 4.36 -5.60
C PRO A 64 -5.69 4.43 -6.79
N LYS A 65 -5.71 3.38 -7.62
CA LYS A 65 -6.58 3.27 -8.80
C LYS A 65 -7.90 2.49 -8.58
N LYS A 66 -8.00 1.74 -7.49
CA LYS A 66 -9.11 0.80 -7.20
C LYS A 66 -10.24 1.46 -6.37
N HIS A 67 -11.46 0.95 -6.50
CA HIS A 67 -12.64 1.40 -5.73
C HIS A 67 -12.68 0.78 -4.31
N CYS A 68 -13.51 1.36 -3.43
CA CYS A 68 -13.75 0.86 -2.07
C CYS A 68 -14.34 -0.56 -2.06
N SER A 69 -13.81 -1.40 -1.18
CA SER A 69 -14.28 -2.76 -0.92
C SER A 69 -15.47 -2.83 0.06
N THR A 70 -15.85 -1.71 0.70
CA THR A 70 -16.92 -1.63 1.71
C THR A 70 -18.19 -0.95 1.17
N CYS A 71 -18.07 0.12 0.39
CA CYS A 71 -19.22 0.88 -0.16
C CYS A 71 -19.23 1.07 -1.70
N GLY A 72 -18.11 0.81 -2.38
CA GLY A 72 -18.04 0.62 -3.84
C GLY A 72 -17.70 1.85 -4.68
N LEU A 73 -17.64 3.05 -4.08
CA LEU A 73 -17.27 4.30 -4.77
C LEU A 73 -15.75 4.55 -4.79
N PHE A 74 -15.34 5.73 -5.26
CA PHE A 74 -13.96 6.20 -5.29
C PHE A 74 -13.86 7.60 -4.65
N LYS A 75 -13.42 7.67 -3.39
CA LYS A 75 -13.34 8.90 -2.57
C LYS A 75 -12.10 8.90 -1.63
N TRP A 76 -11.02 8.23 -2.02
CA TRP A 76 -9.79 8.08 -1.23
C TRP A 76 -9.12 9.42 -0.90
N GLU A 77 -8.60 9.54 0.32
CA GLU A 77 -7.84 10.68 0.84
C GLU A 77 -6.54 10.19 1.49
N ARG A 78 -5.43 10.88 1.25
CA ARG A 78 -4.12 10.62 1.85
C ARG A 78 -4.16 10.85 3.37
N VAL A 79 -3.89 9.80 4.14
CA VAL A 79 -3.79 9.84 5.62
C VAL A 79 -2.39 9.42 6.08
N GLY A 80 -2.09 9.64 7.36
CA GLY A 80 -0.79 9.36 7.95
C GLY A 80 -0.53 7.87 8.26
N MET A 81 0.69 7.60 8.69
CA MET A 81 1.23 6.25 8.89
C MET A 81 0.55 5.53 10.07
N LEU A 82 0.43 4.20 9.94
CA LEU A 82 -0.19 3.33 10.94
C LEU A 82 0.77 3.09 12.11
N LYS A 83 0.43 3.61 13.29
CA LYS A 83 1.17 3.39 14.55
C LYS A 83 0.89 2.01 15.19
N GLU A 84 -0.22 1.43 14.77
CA GLU A 84 -0.71 0.07 15.04
C GLU A 84 -1.62 -0.39 13.88
N LYS A 85 -1.61 -1.68 13.58
CA LYS A 85 -2.30 -2.23 12.40
C LYS A 85 -3.84 -2.26 12.59
N THR A 86 -4.58 -2.07 11.49
CA THR A 86 -6.06 -2.11 11.42
C THR A 86 -6.56 -3.52 11.68
N GLY A 87 -7.64 -3.64 12.45
CA GLY A 87 -8.27 -4.93 12.81
C GLY A 87 -9.26 -5.45 11.75
N PRO A 88 -9.95 -6.57 12.03
CA PRO A 88 -10.96 -7.16 11.15
C PRO A 88 -12.09 -6.17 10.81
N LYS A 89 -12.54 -6.18 9.56
CA LYS A 89 -13.59 -5.29 9.03
C LYS A 89 -15.01 -5.83 9.28
N LEU A 90 -16.02 -4.94 9.20
CA LEU A 90 -17.44 -5.26 9.44
C LEU A 90 -18.07 -6.05 8.27
N GLY A 91 -17.52 -5.92 7.05
CA GLY A 91 -17.99 -6.62 5.85
C GLY A 91 -19.23 -5.99 5.22
N GLY A 92 -19.93 -6.76 4.39
CA GLY A 92 -21.13 -6.35 3.63
C GLY A 92 -21.80 -7.51 2.88
ZN ZN B . -0.39 -11.52 -12.49
ZN ZN C . -15.97 3.37 1.36
N GLY A 1 17.47 12.07 -3.30
CA GLY A 1 17.74 10.69 -2.83
C GLY A 1 17.84 10.59 -1.30
N PRO A 2 18.23 9.41 -0.77
CA PRO A 2 18.36 9.14 0.68
C PRO A 2 19.23 10.13 1.45
N MET A 3 20.25 10.72 0.80
CA MET A 3 21.21 11.65 1.39
C MET A 3 20.57 12.92 1.95
N GLY A 4 19.41 13.33 1.42
CA GLY A 4 18.61 14.49 1.86
C GLY A 4 17.24 14.13 2.45
N MET A 5 16.94 12.84 2.62
CA MET A 5 15.63 12.32 3.05
C MET A 5 15.38 12.52 4.56
N GLN A 6 14.10 12.51 4.96
CA GLN A 6 13.62 12.68 6.34
C GLN A 6 12.63 11.57 6.72
N SER A 7 12.13 11.57 7.96
CA SER A 7 11.21 10.54 8.48
C SER A 7 9.74 10.81 8.09
N ILE A 8 9.43 10.64 6.79
CA ILE A 8 8.10 10.88 6.21
C ILE A 8 7.07 9.80 6.65
N ARG A 9 5.78 10.16 6.70
CA ARG A 9 4.64 9.28 7.05
C ARG A 9 4.22 8.28 5.94
N GLU A 10 5.08 8.01 4.97
CA GLU A 10 5.03 6.89 4.04
C GLU A 10 6.40 6.21 4.03
N GLN A 11 6.42 4.88 4.13
CA GLN A 11 7.58 4.13 4.62
C GLN A 11 8.14 3.14 3.57
N SER A 12 9.46 2.99 3.52
CA SER A 12 10.14 2.08 2.61
C SER A 12 9.78 0.60 2.87
N CYS A 13 9.61 -0.18 1.81
CA CYS A 13 9.12 -1.55 1.84
C CYS A 13 9.71 -2.39 0.69
N ARG A 14 9.64 -3.73 0.78
CA ARG A 14 9.95 -4.64 -0.33
C ARG A 14 8.67 -4.94 -1.13
N VAL A 15 8.78 -4.89 -2.46
CA VAL A 15 7.67 -4.87 -3.44
C VAL A 15 8.03 -5.73 -4.66
N VAL A 16 7.05 -5.98 -5.54
CA VAL A 16 7.18 -6.87 -6.71
C VAL A 16 6.65 -6.20 -7.98
N THR A 17 7.33 -6.43 -9.12
CA THR A 17 6.78 -6.21 -10.46
C THR A 17 6.58 -7.55 -11.13
N CYS A 18 5.31 -7.89 -11.45
CA CYS A 18 4.97 -9.02 -12.31
C CYS A 18 5.28 -8.63 -13.76
N LYS A 19 6.20 -9.36 -14.40
CA LYS A 19 6.62 -9.13 -15.80
C LYS A 19 5.60 -9.69 -16.80
N THR A 20 4.75 -10.63 -16.38
CA THR A 20 3.69 -11.25 -17.19
C THR A 20 2.48 -10.31 -17.35
N CYS A 21 2.06 -9.63 -16.27
CA CYS A 21 0.90 -8.71 -16.29
C CYS A 21 1.31 -7.22 -16.38
N LYS A 22 2.58 -6.89 -16.10
CA LYS A 22 3.28 -5.60 -16.32
C LYS A 22 3.10 -4.56 -15.17
N TYR A 23 2.48 -4.94 -14.05
CA TYR A 23 2.19 -4.03 -12.91
C TYR A 23 3.14 -4.23 -11.70
N THR A 24 3.19 -3.22 -10.83
CA THR A 24 3.94 -3.21 -9.56
C THR A 24 2.97 -3.26 -8.37
N HIS A 25 3.30 -4.05 -7.35
CA HIS A 25 2.46 -4.32 -6.19
C HIS A 25 3.28 -4.71 -4.94
N PHE A 26 2.63 -4.84 -3.77
CA PHE A 26 3.26 -5.29 -2.53
C PHE A 26 3.68 -6.77 -2.56
N LYS A 27 2.89 -7.60 -3.28
CA LYS A 27 3.01 -9.07 -3.38
C LYS A 27 2.22 -9.61 -4.59
N PRO A 28 2.60 -10.77 -5.17
CA PRO A 28 1.91 -11.35 -6.32
C PRO A 28 0.60 -12.00 -5.86
N LYS A 29 -0.34 -12.17 -6.79
CA LYS A 29 -1.61 -12.88 -6.52
C LYS A 29 -1.41 -14.39 -6.37
N GLU A 30 -2.37 -15.04 -5.71
CA GLU A 30 -2.47 -16.50 -5.65
C GLU A 30 -2.65 -17.11 -7.06
N THR A 31 -3.34 -16.41 -7.96
CA THR A 31 -3.46 -16.77 -9.38
C THR A 31 -2.15 -16.59 -10.14
N CYS A 32 -1.38 -15.53 -9.86
CA CYS A 32 -0.06 -15.32 -10.45
C CYS A 32 0.94 -16.40 -10.00
N VAL A 33 0.92 -16.76 -8.72
CA VAL A 33 1.76 -17.83 -8.16
C VAL A 33 1.33 -19.21 -8.72
N SER A 34 0.03 -19.50 -8.82
CA SER A 34 -0.49 -20.77 -9.33
C SER A 34 -0.22 -20.96 -10.84
N GLU A 35 -0.43 -19.91 -11.64
CA GLU A 35 -0.12 -19.91 -13.09
C GLU A 35 1.40 -19.72 -13.38
N ASN A 36 2.22 -19.53 -12.34
CA ASN A 36 3.68 -19.41 -12.40
C ASN A 36 4.13 -18.25 -13.34
N HIS A 37 3.56 -17.06 -13.13
CA HIS A 37 4.00 -15.81 -13.75
C HIS A 37 5.44 -15.48 -13.34
N ASP A 38 6.15 -14.75 -14.20
CA ASP A 38 7.49 -14.24 -13.91
C ASP A 38 7.40 -12.89 -13.17
N PHE A 39 8.20 -12.72 -12.11
CA PHE A 39 8.27 -11.46 -11.36
C PHE A 39 9.72 -11.10 -10.97
N HIS A 40 9.97 -9.81 -10.79
CA HIS A 40 11.16 -9.25 -10.16
C HIS A 40 10.78 -8.56 -8.84
N TRP A 41 11.46 -8.92 -7.74
CA TRP A 41 11.34 -8.26 -6.44
C TRP A 41 12.37 -7.13 -6.29
N HIS A 42 12.00 -6.06 -5.60
CA HIS A 42 12.77 -4.82 -5.42
C HIS A 42 12.22 -4.00 -4.24
N ASN A 43 12.85 -2.85 -3.93
CA ASN A 43 12.34 -1.91 -2.93
C ASN A 43 11.49 -0.78 -3.55
N GLY A 44 10.59 -0.23 -2.71
CA GLY A 44 9.67 0.87 -3.02
C GLY A 44 9.15 1.53 -1.75
N VAL A 45 8.00 2.21 -1.83
CA VAL A 45 7.33 2.91 -0.72
C VAL A 45 5.82 3.02 -0.98
N LYS A 46 5.05 2.82 0.10
CA LYS A 46 3.59 2.72 0.10
C LYS A 46 2.91 3.92 0.78
N ARG A 47 1.84 4.43 0.17
CA ARG A 47 1.00 5.53 0.67
C ARG A 47 -0.35 4.96 1.15
N PHE A 48 -0.88 5.52 2.23
CA PHE A 48 -2.10 5.05 2.89
C PHE A 48 -3.28 5.98 2.56
N PHE A 49 -4.50 5.45 2.48
CA PHE A 49 -5.69 6.20 2.09
C PHE A 49 -6.90 5.91 2.98
N LYS A 50 -7.69 6.95 3.23
CA LYS A 50 -8.93 6.91 4.01
C LYS A 50 -10.14 7.39 3.18
N CYS A 51 -11.28 6.74 3.37
CA CYS A 51 -12.61 7.14 2.88
C CYS A 51 -13.38 7.91 3.99
N PRO A 52 -14.27 8.88 3.67
CA PRO A 52 -15.04 9.63 4.65
C PRO A 52 -15.91 8.79 5.60
N CYS A 53 -16.31 7.56 5.24
CA CYS A 53 -17.04 6.64 6.13
C CYS A 53 -16.16 5.96 7.21
N GLY A 54 -14.83 6.05 7.08
CA GLY A 54 -13.83 5.44 7.96
C GLY A 54 -13.07 4.25 7.35
N ASN A 55 -13.53 3.69 6.23
CA ASN A 55 -12.82 2.61 5.53
C ASN A 55 -11.42 3.03 5.05
N ARG A 56 -10.48 2.08 4.90
CA ARG A 56 -9.07 2.32 4.55
C ARG A 56 -8.59 1.45 3.37
N THR A 57 -7.50 1.88 2.72
CA THR A 57 -6.74 1.13 1.70
C THR A 57 -5.30 1.66 1.59
N ILE A 58 -4.49 1.05 0.73
CA ILE A 58 -3.05 1.34 0.53
C ILE A 58 -2.74 1.24 -0.98
N SER A 59 -1.81 2.05 -1.47
CA SER A 59 -1.26 1.92 -2.84
C SER A 59 0.25 2.20 -2.87
N LEU A 60 0.96 1.72 -3.90
CA LEU A 60 2.31 2.18 -4.25
C LEU A 60 2.28 3.48 -5.09
N ASP A 61 1.12 3.84 -5.65
CA ASP A 61 0.89 5.08 -6.43
C ASP A 61 0.19 6.18 -5.58
N ARG A 62 0.15 7.39 -6.14
CA ARG A 62 -0.44 8.59 -5.56
C ARG A 62 -1.95 8.50 -5.26
N LEU A 63 -2.66 7.49 -5.78
CA LEU A 63 -4.09 7.23 -5.58
C LEU A 63 -4.42 5.77 -5.92
N PRO A 64 -5.26 5.05 -5.15
CA PRO A 64 -5.75 3.71 -5.50
C PRO A 64 -6.80 3.79 -6.61
N LYS A 65 -7.00 2.68 -7.35
CA LYS A 65 -8.00 2.59 -8.42
C LYS A 65 -9.41 2.15 -7.93
N LYS A 66 -9.46 1.39 -6.83
CA LYS A 66 -10.64 0.62 -6.41
C LYS A 66 -11.70 1.48 -5.69
N HIS A 67 -12.98 1.15 -5.82
CA HIS A 67 -14.06 1.78 -5.06
C HIS A 67 -14.21 1.16 -3.65
N CYS A 68 -14.88 1.87 -2.74
CA CYS A 68 -15.04 1.48 -1.34
C CYS A 68 -15.80 0.16 -1.17
N SER A 69 -15.34 -0.67 -0.22
CA SER A 69 -15.99 -1.93 0.17
C SER A 69 -17.16 -1.72 1.13
N THR A 70 -17.26 -0.54 1.78
CA THR A 70 -18.17 -0.26 2.90
C THR A 70 -19.36 0.59 2.47
N CYS A 71 -19.18 1.55 1.56
CA CYS A 71 -20.25 2.45 1.06
C CYS A 71 -20.36 2.55 -0.48
N GLY A 72 -19.36 2.09 -1.23
CA GLY A 72 -19.44 1.80 -2.68
C GLY A 72 -18.97 2.91 -3.61
N LEU A 73 -18.69 4.11 -3.10
CA LEU A 73 -18.23 5.27 -3.89
C LEU A 73 -16.69 5.33 -4.02
N PHE A 74 -16.17 6.45 -4.56
CA PHE A 74 -14.75 6.72 -4.74
C PHE A 74 -14.42 8.14 -4.25
N LYS A 75 -13.95 8.25 -2.99
CA LYS A 75 -13.65 9.52 -2.29
C LYS A 75 -12.37 9.41 -1.42
N TRP A 76 -11.38 8.62 -1.86
CA TRP A 76 -10.12 8.39 -1.15
C TRP A 76 -9.31 9.69 -0.94
N GLU A 77 -8.80 9.86 0.27
CA GLU A 77 -7.87 10.92 0.68
C GLU A 77 -6.56 10.29 1.19
N ARG A 78 -5.41 10.81 0.78
CA ARG A 78 -4.10 10.35 1.26
C ARG A 78 -3.93 10.67 2.76
N VAL A 79 -3.51 9.68 3.54
CA VAL A 79 -3.19 9.79 4.97
C VAL A 79 -1.83 9.11 5.26
N GLY A 80 -1.29 9.30 6.48
CA GLY A 80 0.02 8.78 6.89
C GLY A 80 -0.03 7.53 7.75
N MET A 81 1.08 6.78 7.78
CA MET A 81 1.35 5.67 8.70
C MET A 81 2.85 5.32 8.78
N LEU A 82 3.30 4.94 9.98
CA LEU A 82 4.72 4.83 10.35
C LEU A 82 4.91 3.76 11.43
N LYS A 83 5.73 3.99 12.45
CA LYS A 83 6.15 2.98 13.44
C LYS A 83 5.07 2.49 14.42
N GLU A 84 3.86 3.05 14.35
CA GLU A 84 2.69 2.65 15.15
C GLU A 84 1.96 1.43 14.56
N LYS A 85 1.35 0.61 15.43
CA LYS A 85 0.48 -0.54 15.13
C LYS A 85 1.16 -1.71 14.38
N THR A 86 1.56 -1.48 13.12
CA THR A 86 2.15 -2.40 12.11
C THR A 86 1.16 -3.43 11.56
N GLY A 87 0.33 -4.02 12.42
CA GLY A 87 -0.87 -4.80 12.10
C GLY A 87 -2.08 -4.36 12.96
N PRO A 88 -3.27 -4.95 12.75
CA PRO A 88 -4.50 -4.59 13.48
C PRO A 88 -4.47 -5.06 14.94
N LYS A 89 -3.67 -6.09 15.26
CA LYS A 89 -3.51 -6.66 16.60
C LYS A 89 -2.08 -7.22 16.82
N LEU A 90 -1.70 -7.40 18.08
CA LEU A 90 -0.38 -7.91 18.51
C LEU A 90 -0.38 -9.45 18.59
N GLY A 91 0.76 -10.07 18.27
CA GLY A 91 0.97 -11.53 18.30
C GLY A 91 0.55 -12.24 17.01
N GLY A 92 0.76 -13.56 16.97
CA GLY A 92 0.50 -14.45 15.83
C GLY A 92 0.87 -15.90 16.11
ZN ZN B . 0.69 -11.67 -12.97
ZN ZN C . -16.49 4.45 2.13
N GLY A 1 18.32 -0.38 12.72
CA GLY A 1 16.96 0.01 12.30
C GLY A 1 16.86 1.50 11.96
N PRO A 2 15.68 2.13 12.15
CA PRO A 2 15.44 3.56 11.95
C PRO A 2 16.33 4.46 12.82
N MET A 3 16.41 5.74 12.47
CA MET A 3 17.24 6.76 13.15
C MET A 3 16.70 8.19 12.96
N GLY A 4 17.15 9.11 13.82
CA GLY A 4 16.75 10.53 13.83
C GLY A 4 15.52 10.82 14.68
N MET A 5 15.31 12.10 15.01
CA MET A 5 14.20 12.59 15.87
C MET A 5 12.90 12.89 15.10
N GLN A 6 12.87 12.65 13.78
CA GLN A 6 11.73 12.89 12.88
C GLN A 6 11.77 11.91 11.70
N SER A 7 10.59 11.50 11.21
CA SER A 7 10.41 10.60 10.06
C SER A 7 9.03 10.81 9.41
N ILE A 8 8.87 10.37 8.16
CA ILE A 8 7.64 10.55 7.36
C ILE A 8 6.67 9.39 7.63
N ARG A 9 5.35 9.65 7.53
CA ARG A 9 4.24 8.71 7.79
C ARG A 9 3.98 7.68 6.67
N GLU A 10 5.08 7.13 6.15
CA GLU A 10 5.22 6.12 5.09
C GLU A 10 6.63 5.52 5.17
N GLN A 11 6.77 4.22 4.87
CA GLN A 11 7.98 3.43 5.15
C GLN A 11 8.52 2.71 3.90
N SER A 12 9.84 2.72 3.73
CA SER A 12 10.52 2.02 2.62
C SER A 12 10.34 0.50 2.71
N CYS A 13 9.92 -0.12 1.60
CA CYS A 13 9.56 -1.53 1.49
C CYS A 13 10.26 -2.21 0.29
N ARG A 14 10.10 -3.53 0.18
CA ARG A 14 10.32 -4.27 -1.07
C ARG A 14 8.99 -4.35 -1.86
N VAL A 15 9.07 -4.28 -3.18
CA VAL A 15 7.96 -4.28 -4.14
C VAL A 15 8.21 -5.27 -5.28
N VAL A 16 7.17 -5.63 -6.02
CA VAL A 16 7.20 -6.66 -7.06
C VAL A 16 6.47 -6.18 -8.32
N THR A 17 7.06 -6.44 -9.49
CA THR A 17 6.43 -6.25 -10.80
C THR A 17 6.11 -7.62 -11.40
N CYS A 18 4.82 -7.92 -11.56
CA CYS A 18 4.36 -9.09 -12.32
C CYS A 18 4.52 -8.80 -13.82
N LYS A 19 5.37 -9.58 -14.50
CA LYS A 19 5.67 -9.43 -15.93
C LYS A 19 4.56 -10.04 -16.81
N THR A 20 3.71 -10.90 -16.25
CA THR A 20 2.59 -11.56 -16.93
C THR A 20 1.35 -10.66 -16.99
N CYS A 21 1.06 -9.89 -15.94
CA CYS A 21 -0.09 -8.96 -15.87
C CYS A 21 0.28 -7.48 -16.12
N LYS A 22 1.57 -7.13 -16.02
CA LYS A 22 2.15 -5.80 -16.31
C LYS A 22 1.71 -4.73 -15.28
N TYR A 23 1.83 -5.04 -13.98
CA TYR A 23 1.64 -4.09 -12.86
C TYR A 23 2.73 -4.23 -11.78
N THR A 24 2.89 -3.19 -10.95
CA THR A 24 3.78 -3.16 -9.77
C THR A 24 2.98 -2.91 -8.50
N HIS A 25 3.29 -3.65 -7.44
CA HIS A 25 2.67 -3.56 -6.11
C HIS A 25 3.61 -4.15 -5.03
N PHE A 26 3.23 -4.12 -3.74
CA PHE A 26 4.06 -4.63 -2.64
C PHE A 26 4.18 -6.16 -2.57
N LYS A 27 3.24 -6.91 -3.17
CA LYS A 27 3.21 -8.39 -3.14
C LYS A 27 2.44 -9.00 -4.34
N PRO A 28 2.75 -10.25 -4.77
CA PRO A 28 2.02 -10.94 -5.82
C PRO A 28 0.74 -11.56 -5.22
N LYS A 29 -0.27 -11.75 -6.07
CA LYS A 29 -1.54 -12.38 -5.64
C LYS A 29 -1.40 -13.90 -5.49
N GLU A 30 -2.32 -14.50 -4.72
CA GLU A 30 -2.40 -15.96 -4.57
C GLU A 30 -2.69 -16.67 -5.91
N THR A 31 -3.45 -16.02 -6.81
CA THR A 31 -3.68 -16.48 -8.19
C THR A 31 -2.39 -16.41 -9.01
N CYS A 32 -1.60 -15.34 -8.90
CA CYS A 32 -0.32 -15.18 -9.58
C CYS A 32 0.71 -16.22 -9.12
N VAL A 33 0.78 -16.49 -7.81
CA VAL A 33 1.66 -17.53 -7.24
C VAL A 33 1.17 -18.94 -7.63
N SER A 34 -0.13 -19.21 -7.64
CA SER A 34 -0.69 -20.51 -8.03
C SER A 34 -0.55 -20.82 -9.54
N GLU A 35 -0.81 -19.83 -10.41
CA GLU A 35 -0.64 -19.93 -11.86
C GLU A 35 0.84 -19.81 -12.30
N ASN A 36 1.76 -19.52 -11.37
CA ASN A 36 3.20 -19.35 -11.58
C ASN A 36 3.51 -18.28 -12.64
N HIS A 37 2.94 -17.07 -12.46
CA HIS A 37 3.31 -15.86 -13.22
C HIS A 37 4.78 -15.51 -12.98
N ASP A 38 5.39 -14.84 -13.95
CA ASP A 38 6.75 -14.34 -13.85
C ASP A 38 6.78 -12.98 -13.14
N PHE A 39 7.75 -12.76 -12.25
CA PHE A 39 7.92 -11.49 -11.54
C PHE A 39 9.39 -11.18 -11.22
N HIS A 40 9.69 -9.89 -11.11
CA HIS A 40 10.95 -9.36 -10.55
C HIS A 40 10.64 -8.51 -9.30
N TRP A 41 11.52 -8.56 -8.30
CA TRP A 41 11.42 -7.77 -7.07
C TRP A 41 12.43 -6.60 -7.05
N HIS A 42 12.03 -5.49 -6.42
CA HIS A 42 12.75 -4.20 -6.33
C HIS A 42 12.42 -3.52 -4.98
N ASN A 43 13.00 -2.36 -4.66
CA ASN A 43 12.59 -1.53 -3.51
C ASN A 43 11.68 -0.35 -3.91
N GLY A 44 10.86 0.13 -2.96
CA GLY A 44 9.94 1.26 -3.12
C GLY A 44 9.39 1.78 -1.79
N VAL A 45 8.24 2.43 -1.82
CA VAL A 45 7.50 2.93 -0.65
C VAL A 45 6.00 3.02 -0.94
N LYS A 46 5.20 2.55 0.01
CA LYS A 46 3.73 2.47 -0.06
C LYS A 46 3.02 3.61 0.68
N ARG A 47 1.84 3.98 0.18
CA ARG A 47 1.04 5.17 0.55
C ARG A 47 -0.32 4.71 1.08
N PHE A 48 -0.81 5.32 2.15
CA PHE A 48 -2.02 4.89 2.88
C PHE A 48 -3.20 5.85 2.67
N PHE A 49 -4.41 5.31 2.57
CA PHE A 49 -5.64 6.07 2.24
C PHE A 49 -6.83 5.68 3.11
N LYS A 50 -7.77 6.61 3.24
CA LYS A 50 -9.02 6.48 4.01
C LYS A 50 -10.24 7.00 3.22
N CYS A 51 -11.38 6.31 3.36
CA CYS A 51 -12.68 6.63 2.78
C CYS A 51 -13.61 7.32 3.82
N PRO A 52 -14.57 8.19 3.42
CA PRO A 52 -15.57 8.78 4.31
C PRO A 52 -16.29 7.82 5.27
N CYS A 53 -16.55 6.55 4.89
CA CYS A 53 -17.20 5.55 5.74
C CYS A 53 -16.28 4.92 6.82
N GLY A 54 -14.97 5.18 6.77
CA GLY A 54 -13.94 4.63 7.66
C GLY A 54 -13.11 3.48 7.05
N ASN A 55 -13.49 2.95 5.87
CA ASN A 55 -12.71 1.94 5.15
C ASN A 55 -11.33 2.48 4.72
N ARG A 56 -10.36 1.58 4.54
CA ARG A 56 -8.94 1.87 4.25
C ARG A 56 -8.46 1.15 2.98
N THR A 57 -7.40 1.69 2.37
CA THR A 57 -6.62 1.03 1.30
C THR A 57 -5.20 1.57 1.23
N ILE A 58 -4.37 0.93 0.39
CA ILE A 58 -2.93 1.18 0.22
C ILE A 58 -2.60 1.11 -1.28
N SER A 59 -1.64 1.90 -1.74
CA SER A 59 -1.10 1.87 -3.12
C SER A 59 0.39 2.25 -3.14
N LEU A 60 1.08 2.05 -4.27
CA LEU A 60 2.40 2.66 -4.52
C LEU A 60 2.30 4.07 -5.15
N ASP A 61 1.13 4.42 -5.71
CA ASP A 61 0.84 5.72 -6.32
C ASP A 61 0.32 6.74 -5.28
N ARG A 62 0.39 8.03 -5.62
CA ARG A 62 -0.07 9.15 -4.78
C ARG A 62 -1.59 9.17 -4.51
N LEU A 63 -2.37 8.37 -5.25
CA LEU A 63 -3.80 8.11 -5.07
C LEU A 63 -4.12 6.74 -5.70
N PRO A 64 -4.97 5.89 -5.07
CA PRO A 64 -5.42 4.62 -5.65
C PRO A 64 -6.40 4.88 -6.80
N LYS A 65 -6.68 3.84 -7.60
CA LYS A 65 -7.63 3.89 -8.73
C LYS A 65 -8.87 2.99 -8.54
N LYS A 66 -8.86 2.16 -7.49
CA LYS A 66 -9.97 1.28 -7.08
C LYS A 66 -11.11 2.05 -6.39
N HIS A 67 -12.35 1.57 -6.51
CA HIS A 67 -13.46 2.05 -5.69
C HIS A 67 -13.44 1.39 -4.28
N CYS A 68 -14.20 1.94 -3.34
CA CYS A 68 -14.34 1.39 -1.99
C CYS A 68 -14.95 -0.03 -1.97
N SER A 69 -14.36 -0.92 -1.20
CA SER A 69 -14.85 -2.29 -0.98
C SER A 69 -16.10 -2.36 -0.06
N THR A 70 -16.40 -1.29 0.68
CA THR A 70 -17.43 -1.25 1.74
C THR A 70 -18.69 -0.48 1.31
N CYS A 71 -18.56 0.63 0.55
CA CYS A 71 -19.69 1.46 0.11
C CYS A 71 -19.73 1.81 -1.41
N GLY A 72 -18.62 1.60 -2.14
CA GLY A 72 -18.59 1.56 -3.61
C GLY A 72 -18.28 2.89 -4.33
N LEU A 73 -18.14 4.01 -3.59
CA LEU A 73 -17.76 5.31 -4.17
C LEU A 73 -16.24 5.49 -4.36
N PHE A 74 -15.83 6.67 -4.83
CA PHE A 74 -14.43 7.09 -4.96
C PHE A 74 -14.25 8.48 -4.32
N LYS A 75 -13.77 8.51 -3.07
CA LYS A 75 -13.53 9.72 -2.26
C LYS A 75 -12.27 9.57 -1.36
N TRP A 76 -11.30 8.75 -1.78
CA TRP A 76 -10.08 8.46 -1.03
C TRP A 76 -9.29 9.73 -0.63
N GLU A 77 -8.88 9.79 0.63
CA GLU A 77 -8.02 10.83 1.20
C GLU A 77 -6.68 10.21 1.61
N ARG A 78 -5.57 10.84 1.23
CA ARG A 78 -4.22 10.43 1.66
C ARG A 78 -4.08 10.63 3.17
N VAL A 79 -3.67 9.57 3.88
CA VAL A 79 -3.39 9.56 5.32
C VAL A 79 -2.03 8.90 5.60
N GLY A 80 -1.61 8.91 6.89
CA GLY A 80 -0.34 8.36 7.34
C GLY A 80 -0.45 7.05 8.10
N MET A 81 0.68 6.34 8.19
CA MET A 81 0.88 5.17 9.05
C MET A 81 2.37 4.89 9.28
N LEU A 82 2.67 4.17 10.37
CA LEU A 82 3.98 3.59 10.71
C LEU A 82 3.79 2.50 11.79
N LYS A 83 4.88 1.87 12.24
CA LYS A 83 4.86 0.65 13.06
C LYS A 83 4.30 0.80 14.49
N GLU A 84 4.16 2.03 14.95
CA GLU A 84 3.70 2.44 16.28
C GLU A 84 2.92 3.77 16.18
N LYS A 85 1.82 3.88 16.93
CA LYS A 85 1.05 5.13 17.08
C LYS A 85 1.71 6.11 18.08
N THR A 86 1.70 7.41 17.76
CA THR A 86 2.34 8.52 18.50
C THR A 86 1.57 9.83 18.29
N GLY A 87 1.89 10.85 19.08
CA GLY A 87 1.41 12.23 18.87
C GLY A 87 2.11 12.86 17.65
N PRO A 88 1.39 13.48 16.70
CA PRO A 88 1.97 14.11 15.51
C PRO A 88 3.02 15.18 15.82
N LYS A 89 4.05 15.28 14.96
CA LYS A 89 5.09 16.31 15.05
C LYS A 89 4.57 17.71 14.63
N LEU A 90 3.47 17.75 13.86
CA LEU A 90 2.77 18.97 13.45
C LEU A 90 2.10 19.64 14.67
N GLY A 91 2.23 20.96 14.79
CA GLY A 91 1.70 21.74 15.92
C GLY A 91 2.57 21.67 17.18
N GLY A 92 2.01 22.06 18.32
CA GLY A 92 2.65 22.06 19.65
C GLY A 92 1.78 22.66 20.74
ZN ZN B . 0.03 -11.72 -12.40
ZN ZN C . -16.30 3.70 1.69
N GLY A 1 16.04 7.58 19.76
CA GLY A 1 15.03 7.57 18.67
C GLY A 1 14.30 8.92 18.53
N PRO A 2 13.64 9.17 17.38
CA PRO A 2 12.99 10.44 17.08
C PRO A 2 11.71 10.67 17.89
N MET A 3 10.84 9.65 18.02
CA MET A 3 9.58 9.62 18.80
C MET A 3 8.44 10.46 18.18
N GLY A 4 8.75 11.51 17.42
CA GLY A 4 7.80 12.35 16.69
C GLY A 4 8.45 13.43 15.83
N MET A 5 7.74 13.86 14.78
CA MET A 5 7.94 15.10 13.98
C MET A 5 9.16 15.12 13.05
N GLN A 6 10.24 14.42 13.41
CA GLN A 6 11.45 14.30 12.59
C GLN A 6 11.27 13.33 11.42
N SER A 7 10.45 12.28 11.57
CA SER A 7 10.18 11.27 10.53
C SER A 7 8.93 11.58 9.70
N ILE A 8 8.88 11.09 8.45
CA ILE A 8 7.73 11.23 7.54
C ILE A 8 6.76 10.04 7.74
N ARG A 9 5.45 10.26 7.59
CA ARG A 9 4.37 9.28 7.82
C ARG A 9 4.25 8.14 6.78
N GLU A 10 5.32 7.81 6.05
CA GLU A 10 5.42 6.71 5.08
C GLU A 10 6.78 6.02 5.17
N GLN A 11 6.86 4.76 4.71
CA GLN A 11 7.99 3.87 4.93
C GLN A 11 8.45 3.15 3.65
N SER A 12 9.74 2.87 3.56
CA SER A 12 10.31 2.02 2.50
C SER A 12 10.07 0.53 2.77
N CYS A 13 9.89 -0.23 1.68
CA CYS A 13 9.64 -1.69 1.67
C CYS A 13 10.28 -2.33 0.43
N ARG A 14 10.48 -3.65 0.46
CA ARG A 14 10.74 -4.42 -0.77
C ARG A 14 9.41 -4.64 -1.51
N VAL A 15 9.44 -4.47 -2.82
CA VAL A 15 8.30 -4.45 -3.75
C VAL A 15 8.55 -5.42 -4.91
N VAL A 16 7.49 -5.76 -5.64
CA VAL A 16 7.47 -6.78 -6.69
C VAL A 16 6.73 -6.26 -7.92
N THR A 17 7.37 -6.43 -9.09
CA THR A 17 6.73 -6.26 -10.40
C THR A 17 6.33 -7.63 -10.92
N CYS A 18 5.05 -7.81 -11.22
CA CYS A 18 4.57 -8.94 -12.03
C CYS A 18 5.02 -8.70 -13.48
N LYS A 19 5.83 -9.60 -14.03
CA LYS A 19 6.31 -9.51 -15.40
C LYS A 19 5.23 -9.89 -16.44
N THR A 20 4.21 -10.66 -16.03
CA THR A 20 3.08 -11.07 -16.87
C THR A 20 2.12 -9.92 -17.11
N CYS A 21 1.70 -9.20 -16.06
CA CYS A 21 0.73 -8.09 -16.14
C CYS A 21 1.38 -6.69 -16.24
N LYS A 22 2.65 -6.57 -15.86
CA LYS A 22 3.50 -5.35 -15.91
C LYS A 22 3.14 -4.28 -14.85
N TYR A 23 2.49 -4.66 -13.73
CA TYR A 23 2.23 -3.77 -12.57
C TYR A 23 3.23 -4.00 -11.43
N THR A 24 3.39 -3.00 -10.54
CA THR A 24 4.23 -3.06 -9.32
C THR A 24 3.39 -2.84 -8.07
N HIS A 25 3.66 -3.63 -7.02
CA HIS A 25 3.05 -3.53 -5.67
C HIS A 25 4.01 -4.14 -4.62
N PHE A 26 3.68 -4.06 -3.33
CA PHE A 26 4.47 -4.66 -2.23
C PHE A 26 4.43 -6.20 -2.23
N LYS A 27 3.30 -6.80 -2.64
CA LYS A 27 3.10 -8.24 -2.82
C LYS A 27 2.32 -8.54 -4.13
N PRO A 28 2.43 -9.76 -4.72
CA PRO A 28 1.62 -10.16 -5.87
C PRO A 28 0.17 -10.35 -5.45
N LYS A 29 -0.78 -10.17 -6.39
CA LYS A 29 -2.21 -10.45 -6.18
C LYS A 29 -2.51 -11.95 -5.97
N GLU A 30 -3.67 -12.25 -5.39
CA GLU A 30 -4.16 -13.62 -5.23
C GLU A 30 -4.31 -14.33 -6.59
N THR A 31 -4.76 -13.61 -7.63
CA THR A 31 -4.83 -14.09 -9.01
C THR A 31 -3.46 -14.42 -9.56
N CYS A 32 -2.46 -13.58 -9.30
CA CYS A 32 -1.09 -13.75 -9.80
C CYS A 32 -0.39 -14.95 -9.14
N VAL A 33 -0.62 -15.18 -7.84
CA VAL A 33 -0.14 -16.38 -7.14
C VAL A 33 -0.91 -17.63 -7.61
N SER A 34 -2.23 -17.55 -7.77
CA SER A 34 -3.08 -18.69 -8.18
C SER A 34 -2.84 -19.15 -9.64
N GLU A 35 -2.70 -18.21 -10.58
CA GLU A 35 -2.40 -18.47 -11.99
C GLU A 35 -0.89 -18.74 -12.25
N ASN A 36 -0.02 -18.55 -11.24
CA ASN A 36 1.42 -18.80 -11.29
C ASN A 36 2.15 -17.85 -12.27
N HIS A 37 1.81 -16.56 -12.24
CA HIS A 37 2.53 -15.51 -13.00
C HIS A 37 4.00 -15.41 -12.55
N ASP A 38 4.87 -14.91 -13.42
CA ASP A 38 6.28 -14.64 -13.10
C ASP A 38 6.46 -13.22 -12.54
N PHE A 39 7.28 -13.07 -11.50
CA PHE A 39 7.54 -11.76 -10.87
C PHE A 39 9.02 -11.52 -10.56
N HIS A 40 9.38 -10.25 -10.30
CA HIS A 40 10.73 -9.81 -9.98
C HIS A 40 10.73 -8.74 -8.87
N TRP A 41 11.66 -8.85 -7.91
CA TRP A 41 11.71 -8.04 -6.69
C TRP A 41 12.77 -6.92 -6.75
N HIS A 42 12.51 -5.83 -6.03
CA HIS A 42 13.28 -4.58 -5.94
C HIS A 42 12.72 -3.71 -4.78
N ASN A 43 13.23 -2.50 -4.54
CA ASN A 43 12.86 -1.66 -3.39
C ASN A 43 12.11 -0.37 -3.78
N GLY A 44 11.22 0.12 -2.91
CA GLY A 44 10.40 1.32 -3.10
C GLY A 44 9.80 1.88 -1.80
N VAL A 45 8.84 2.81 -1.93
CA VAL A 45 8.10 3.45 -0.82
C VAL A 45 6.60 3.43 -1.10
N LYS A 46 5.80 3.05 -0.08
CA LYS A 46 4.35 2.88 -0.17
C LYS A 46 3.54 4.09 0.34
N ARG A 47 2.25 4.11 -0.01
CA ARG A 47 1.31 5.23 0.16
C ARG A 47 0.00 4.71 0.76
N PHE A 48 -0.44 5.28 1.89
CA PHE A 48 -1.61 4.85 2.65
C PHE A 48 -2.84 5.71 2.33
N PHE A 49 -4.02 5.08 2.21
CA PHE A 49 -5.29 5.73 1.89
C PHE A 49 -6.45 5.30 2.80
N LYS A 50 -7.44 6.19 2.95
CA LYS A 50 -8.66 6.00 3.74
C LYS A 50 -9.92 6.43 2.95
N CYS A 51 -11.01 5.71 3.14
CA CYS A 51 -12.36 6.00 2.63
C CYS A 51 -13.25 6.61 3.76
N PRO A 52 -14.20 7.51 3.46
CA PRO A 52 -15.07 8.14 4.47
C PRO A 52 -15.93 7.17 5.31
N CYS A 53 -16.18 5.93 4.86
CA CYS A 53 -16.88 4.91 5.66
C CYS A 53 -15.99 4.27 6.76
N GLY A 54 -14.67 4.51 6.72
CA GLY A 54 -13.66 3.96 7.63
C GLY A 54 -12.79 2.85 7.03
N ASN A 55 -13.12 2.36 5.82
CA ASN A 55 -12.31 1.37 5.10
C ASN A 55 -10.93 1.94 4.68
N ARG A 56 -9.93 1.08 4.52
CA ARG A 56 -8.52 1.42 4.26
C ARG A 56 -7.98 0.67 3.03
N THR A 57 -6.96 1.23 2.38
CA THR A 57 -6.15 0.57 1.34
C THR A 57 -4.77 1.22 1.20
N ILE A 58 -3.92 0.63 0.36
CA ILE A 58 -2.51 1.01 0.18
C ILE A 58 -2.16 0.91 -1.31
N SER A 59 -1.27 1.76 -1.81
CA SER A 59 -0.69 1.67 -3.16
C SER A 59 0.79 2.11 -3.16
N LEU A 60 1.47 1.99 -4.30
CA LEU A 60 2.74 2.68 -4.55
C LEU A 60 2.51 4.02 -5.28
N ASP A 61 1.34 4.20 -5.91
CA ASP A 61 0.96 5.42 -6.66
C ASP A 61 0.32 6.49 -5.75
N ARG A 62 0.20 7.71 -6.29
CA ARG A 62 -0.36 8.88 -5.60
C ARG A 62 -1.86 8.78 -5.26
N LEU A 63 -2.57 7.81 -5.84
CA LEU A 63 -3.99 7.48 -5.59
C LEU A 63 -4.29 6.06 -6.12
N PRO A 64 -5.03 5.20 -5.40
CA PRO A 64 -5.42 3.88 -5.89
C PRO A 64 -6.52 4.00 -6.95
N LYS A 65 -6.62 2.99 -7.83
CA LYS A 65 -7.61 2.93 -8.92
C LYS A 65 -8.87 2.12 -8.58
N LYS A 66 -8.81 1.28 -7.55
CA LYS A 66 -9.90 0.40 -7.08
C LYS A 66 -11.07 1.20 -6.45
N HIS A 67 -12.30 0.73 -6.60
CA HIS A 67 -13.44 1.16 -5.79
C HIS A 67 -13.44 0.45 -4.42
N CYS A 68 -14.18 1.00 -3.46
CA CYS A 68 -14.29 0.46 -2.10
C CYS A 68 -14.95 -0.92 -2.05
N SER A 69 -14.43 -1.81 -1.20
CA SER A 69 -15.00 -3.12 -0.92
C SER A 69 -16.10 -3.12 0.15
N THR A 70 -16.28 -2.00 0.88
CA THR A 70 -17.22 -1.88 2.02
C THR A 70 -18.49 -1.14 1.61
N CYS A 71 -18.40 -0.05 0.84
CA CYS A 71 -19.55 0.77 0.43
C CYS A 71 -19.71 0.95 -1.11
N GLY A 72 -18.69 0.62 -1.91
CA GLY A 72 -18.78 0.43 -3.36
C GLY A 72 -18.46 1.67 -4.23
N LEU A 73 -18.26 2.85 -3.63
CA LEU A 73 -17.93 4.10 -4.34
C LEU A 73 -16.42 4.32 -4.49
N PHE A 74 -16.03 5.53 -4.94
CA PHE A 74 -14.63 5.98 -5.07
C PHE A 74 -14.47 7.36 -4.40
N LYS A 75 -13.91 7.39 -3.18
CA LYS A 75 -13.71 8.59 -2.34
C LYS A 75 -12.39 8.53 -1.50
N TRP A 76 -11.37 7.83 -2.01
CA TRP A 76 -10.07 7.67 -1.31
C TRP A 76 -9.38 9.02 -1.03
N GLU A 77 -8.82 9.13 0.18
CA GLU A 77 -8.04 10.26 0.68
C GLU A 77 -6.65 9.77 1.11
N ARG A 78 -5.59 10.48 0.69
CA ARG A 78 -4.21 10.19 1.10
C ARG A 78 -4.03 10.47 2.60
N VAL A 79 -3.55 9.47 3.33
CA VAL A 79 -3.26 9.53 4.78
C VAL A 79 -1.86 8.97 5.08
N GLY A 80 -1.43 9.02 6.34
CA GLY A 80 -0.16 8.46 6.81
C GLY A 80 -0.31 7.23 7.68
N MET A 81 0.82 6.60 8.01
CA MET A 81 0.95 5.58 9.05
C MET A 81 2.39 5.32 9.49
N LEU A 82 2.70 5.64 10.75
CA LEU A 82 3.97 5.36 11.44
C LEU A 82 3.84 5.64 12.95
N LYS A 83 4.75 5.09 13.76
CA LYS A 83 4.72 5.21 15.23
C LYS A 83 5.18 6.57 15.78
N GLU A 84 5.79 7.38 14.92
CA GLU A 84 6.15 8.79 15.17
C GLU A 84 4.93 9.69 14.91
N LYS A 85 4.57 10.55 15.87
CA LYS A 85 3.49 11.54 15.69
C LYS A 85 3.85 12.65 14.66
N THR A 86 2.85 13.17 13.94
CA THR A 86 3.00 14.11 12.82
C THR A 86 3.29 15.56 13.25
N GLY A 87 2.89 15.95 14.47
CA GLY A 87 3.11 17.31 15.01
C GLY A 87 1.79 18.12 15.09
N PRO A 88 1.69 19.29 14.44
CA PRO A 88 0.56 20.19 14.60
C PRO A 88 -0.72 19.67 13.94
N LYS A 89 -1.87 20.05 14.49
CA LYS A 89 -3.22 19.65 14.04
C LYS A 89 -3.74 20.51 12.87
N LEU A 90 -3.09 21.64 12.57
CA LEU A 90 -3.51 22.64 11.57
C LEU A 90 -3.32 22.10 10.13
N GLY A 91 -4.14 22.60 9.20
CA GLY A 91 -4.05 22.30 7.76
C GLY A 91 -4.75 21.00 7.31
N GLY A 92 -5.39 20.26 8.22
CA GLY A 92 -6.12 19.01 7.93
C GLY A 92 -6.69 18.35 9.18
ZN ZN B . 0.01 -10.80 -12.78
ZN ZN C . -15.94 3.03 1.58
N GLY A 1 9.19 23.20 14.40
CA GLY A 1 10.66 23.11 14.24
C GLY A 1 11.05 22.18 13.09
N PRO A 2 12.36 22.13 12.74
CA PRO A 2 12.89 21.28 11.68
C PRO A 2 12.92 19.79 12.09
N MET A 3 13.07 18.90 11.10
CA MET A 3 13.19 17.44 11.25
C MET A 3 13.87 16.80 10.04
N GLY A 4 14.38 15.57 10.20
CA GLY A 4 15.06 14.82 9.13
C GLY A 4 14.08 14.23 8.14
N MET A 5 14.18 14.63 6.87
CA MET A 5 13.29 14.19 5.77
C MET A 5 13.40 12.71 5.39
N GLN A 6 14.41 12.00 5.90
CA GLN A 6 14.56 10.55 5.77
C GLN A 6 13.52 9.78 6.63
N SER A 7 12.92 10.41 7.64
CA SER A 7 11.76 9.87 8.38
C SER A 7 10.43 10.43 7.81
N ILE A 8 9.43 9.55 7.62
CA ILE A 8 8.12 9.89 7.06
C ILE A 8 7.04 9.00 7.72
N ARG A 9 5.80 9.50 7.81
CA ARG A 9 4.58 8.78 8.21
C ARG A 9 4.08 7.76 7.16
N GLU A 10 5.01 7.12 6.47
CA GLU A 10 4.86 6.11 5.43
C GLU A 10 6.21 5.39 5.24
N GLN A 11 6.18 4.07 5.05
CA GLN A 11 7.33 3.19 5.29
C GLN A 11 7.78 2.46 4.02
N SER A 12 9.10 2.25 3.90
CA SER A 12 9.70 1.48 2.80
C SER A 12 9.52 -0.04 2.97
N CYS A 13 9.48 -0.76 1.85
CA CYS A 13 9.30 -2.21 1.76
C CYS A 13 9.85 -2.76 0.43
N ARG A 14 9.81 -4.08 0.23
CA ARG A 14 10.05 -4.71 -1.07
C ARG A 14 8.72 -4.86 -1.83
N VAL A 15 8.75 -4.65 -3.14
CA VAL A 15 7.60 -4.65 -4.06
C VAL A 15 7.92 -5.45 -5.33
N VAL A 16 6.89 -5.85 -6.09
CA VAL A 16 7.00 -6.74 -7.26
C VAL A 16 6.28 -6.16 -8.48
N THR A 17 6.79 -6.43 -9.68
CA THR A 17 6.07 -6.28 -10.94
C THR A 17 6.04 -7.63 -11.66
N CYS A 18 4.85 -8.18 -11.85
CA CYS A 18 4.63 -9.35 -12.71
C CYS A 18 4.83 -8.94 -14.18
N LYS A 19 5.77 -9.56 -14.88
CA LYS A 19 6.05 -9.28 -16.29
C LYS A 19 5.05 -9.97 -17.23
N THR A 20 4.39 -11.04 -16.76
CA THR A 20 3.38 -11.80 -17.50
C THR A 20 2.06 -11.03 -17.57
N CYS A 21 1.57 -10.48 -16.46
CA CYS A 21 0.30 -9.71 -16.41
C CYS A 21 0.48 -8.18 -16.47
N LYS A 22 1.70 -7.68 -16.24
CA LYS A 22 2.14 -6.27 -16.34
C LYS A 22 1.63 -5.36 -15.19
N TYR A 23 1.24 -5.91 -14.03
CA TYR A 23 0.85 -5.16 -12.82
C TYR A 23 2.00 -5.02 -11.80
N THR A 24 1.94 -3.99 -10.94
CA THR A 24 2.85 -3.75 -9.80
C THR A 24 2.09 -3.93 -8.49
N HIS A 25 2.73 -4.50 -7.47
CA HIS A 25 2.11 -4.98 -6.24
C HIS A 25 3.10 -5.11 -5.07
N PHE A 26 2.59 -5.32 -3.86
CA PHE A 26 3.41 -5.60 -2.67
C PHE A 26 4.02 -7.01 -2.68
N LYS A 27 3.30 -7.97 -3.28
CA LYS A 27 3.68 -9.38 -3.47
C LYS A 27 2.81 -10.03 -4.57
N PRO A 28 3.28 -11.10 -5.26
CA PRO A 28 2.54 -11.71 -6.37
C PRO A 28 1.37 -12.55 -5.85
N LYS A 29 0.31 -12.66 -6.67
CA LYS A 29 -0.90 -13.44 -6.34
C LYS A 29 -0.66 -14.96 -6.31
N GLU A 30 -1.56 -15.70 -5.67
CA GLU A 30 -1.48 -17.16 -5.57
C GLU A 30 -1.53 -17.85 -6.94
N THR A 31 -2.31 -17.32 -7.88
CA THR A 31 -2.34 -17.74 -9.29
C THR A 31 -1.01 -17.47 -9.98
N CYS A 32 -0.39 -16.31 -9.75
CA CYS A 32 0.91 -15.94 -10.34
C CYS A 32 2.05 -16.85 -9.82
N VAL A 33 2.04 -17.18 -8.52
CA VAL A 33 3.00 -18.11 -7.92
C VAL A 33 2.75 -19.57 -8.36
N SER A 34 1.49 -20.02 -8.43
CA SER A 34 1.12 -21.39 -8.82
C SER A 34 1.37 -21.67 -10.32
N GLU A 35 1.03 -20.73 -11.20
CA GLU A 35 1.33 -20.81 -12.64
C GLU A 35 2.81 -20.49 -12.96
N ASN A 36 3.57 -20.01 -11.98
CA ASN A 36 4.99 -19.62 -12.11
C ASN A 36 5.21 -18.53 -13.19
N HIS A 37 4.45 -17.43 -13.08
CA HIS A 37 4.65 -16.20 -13.86
C HIS A 37 6.06 -15.63 -13.61
N ASP A 38 6.57 -14.83 -14.55
CA ASP A 38 7.83 -14.10 -14.39
C ASP A 38 7.59 -12.78 -13.64
N PHE A 39 8.46 -12.42 -12.70
CA PHE A 39 8.38 -11.15 -11.97
C PHE A 39 9.76 -10.51 -11.75
N HIS A 40 9.77 -9.18 -11.73
CA HIS A 40 10.90 -8.35 -11.27
C HIS A 40 10.58 -7.78 -9.88
N TRP A 41 11.45 -8.05 -8.89
CA TRP A 41 11.37 -7.45 -7.55
C TRP A 41 12.29 -6.22 -7.41
N HIS A 42 11.89 -5.27 -6.57
CA HIS A 42 12.62 -4.04 -6.23
C HIS A 42 12.07 -3.44 -4.92
N ASN A 43 12.65 -2.34 -4.42
CA ASN A 43 12.14 -1.61 -3.26
C ASN A 43 11.21 -0.43 -3.65
N GLY A 44 10.32 -0.06 -2.74
CA GLY A 44 9.38 1.08 -2.87
C GLY A 44 8.88 1.59 -1.51
N VAL A 45 7.97 2.56 -1.53
CA VAL A 45 7.28 3.09 -0.34
C VAL A 45 5.76 3.05 -0.56
N LYS A 46 5.05 2.39 0.35
CA LYS A 46 3.59 2.25 0.33
C LYS A 46 2.87 3.48 0.92
N ARG A 47 1.75 3.87 0.31
CA ARG A 47 0.97 5.07 0.63
C ARG A 47 -0.37 4.68 1.26
N PHE A 48 -0.77 5.35 2.33
CA PHE A 48 -1.99 5.04 3.10
C PHE A 48 -3.14 6.01 2.74
N PHE A 49 -4.37 5.51 2.68
CA PHE A 49 -5.56 6.30 2.30
C PHE A 49 -6.75 6.06 3.22
N LYS A 50 -7.65 7.05 3.27
CA LYS A 50 -8.87 7.05 4.07
C LYS A 50 -10.06 7.65 3.28
N CYS A 51 -11.25 7.08 3.46
CA CYS A 51 -12.54 7.55 2.95
C CYS A 51 -13.32 8.30 4.06
N PRO A 52 -14.14 9.32 3.76
CA PRO A 52 -14.89 10.08 4.76
C PRO A 52 -15.87 9.26 5.63
N CYS A 53 -16.29 8.05 5.24
CA CYS A 53 -17.09 7.15 6.08
C CYS A 53 -16.29 6.41 7.18
N GLY A 54 -14.94 6.46 7.11
CA GLY A 54 -13.99 5.80 8.02
C GLY A 54 -13.28 4.59 7.41
N ASN A 55 -13.67 4.12 6.21
CA ASN A 55 -13.00 3.02 5.51
C ASN A 55 -11.56 3.39 5.08
N ARG A 56 -10.68 2.38 4.91
CA ARG A 56 -9.23 2.53 4.68
C ARG A 56 -8.75 1.67 3.50
N THR A 57 -7.60 2.04 2.90
CA THR A 57 -6.86 1.25 1.89
C THR A 57 -5.40 1.70 1.78
N ILE A 58 -4.61 0.98 1.01
CA ILE A 58 -3.16 1.16 0.81
C ILE A 58 -2.85 0.95 -0.69
N SER A 59 -1.93 1.72 -1.25
CA SER A 59 -1.43 1.55 -2.63
C SER A 59 0.06 1.87 -2.75
N LEU A 60 0.70 1.38 -3.82
CA LEU A 60 2.04 1.83 -4.24
C LEU A 60 1.99 3.10 -5.12
N ASP A 61 0.81 3.47 -5.64
CA ASP A 61 0.58 4.70 -6.41
C ASP A 61 0.15 5.88 -5.52
N ARG A 62 0.18 7.10 -6.07
CA ARG A 62 -0.22 8.35 -5.41
C ARG A 62 -1.71 8.41 -5.02
N LEU A 63 -2.56 7.53 -5.56
CA LEU A 63 -3.99 7.38 -5.29
C LEU A 63 -4.46 5.99 -5.76
N PRO A 64 -5.33 5.27 -5.01
CA PRO A 64 -5.91 4.01 -5.46
C PRO A 64 -6.95 4.23 -6.56
N LYS A 65 -7.15 3.23 -7.42
CA LYS A 65 -8.13 3.29 -8.53
C LYS A 65 -9.54 2.74 -8.17
N LYS A 66 -9.64 1.91 -7.13
CA LYS A 66 -10.87 1.21 -6.71
C LYS A 66 -11.83 2.11 -5.92
N HIS A 67 -13.15 1.89 -6.04
CA HIS A 67 -14.16 2.58 -5.24
C HIS A 67 -14.32 1.93 -3.84
N CYS A 68 -14.96 2.64 -2.90
CA CYS A 68 -15.17 2.20 -1.53
C CYS A 68 -16.00 0.90 -1.44
N SER A 69 -15.60 0.02 -0.53
CA SER A 69 -16.31 -1.24 -0.24
C SER A 69 -17.42 -1.06 0.83
N THR A 70 -17.45 0.09 1.52
CA THR A 70 -18.38 0.38 2.64
C THR A 70 -19.54 1.27 2.21
N CYS A 71 -19.29 2.30 1.39
CA CYS A 71 -20.33 3.25 0.93
C CYS A 71 -20.46 3.42 -0.60
N GLY A 72 -19.49 2.92 -1.38
CA GLY A 72 -19.60 2.71 -2.84
C GLY A 72 -19.08 3.84 -3.74
N LEU A 73 -18.74 5.01 -3.19
CA LEU A 73 -18.23 6.17 -3.93
C LEU A 73 -16.70 6.18 -4.08
N PHE A 74 -16.14 7.28 -4.60
CA PHE A 74 -14.70 7.51 -4.76
C PHE A 74 -14.32 8.88 -4.16
N LYS A 75 -13.84 8.87 -2.92
CA LYS A 75 -13.47 10.06 -2.14
C LYS A 75 -12.21 9.81 -1.26
N TRP A 76 -11.28 8.97 -1.73
CA TRP A 76 -10.02 8.66 -1.05
C TRP A 76 -9.16 9.92 -0.83
N GLU A 77 -8.65 10.05 0.39
CA GLU A 77 -7.69 11.08 0.80
C GLU A 77 -6.40 10.39 1.28
N ARG A 78 -5.24 10.89 0.87
CA ARG A 78 -3.94 10.39 1.34
C ARG A 78 -3.70 10.79 2.80
N VAL A 79 -3.32 9.83 3.64
CA VAL A 79 -3.09 9.98 5.09
C VAL A 79 -1.76 9.34 5.49
N GLY A 80 -1.33 9.58 6.73
CA GLY A 80 -0.12 8.98 7.34
C GLY A 80 -0.42 7.88 8.34
N MET A 81 0.59 7.06 8.63
CA MET A 81 0.58 6.03 9.67
C MET A 81 2.00 5.64 10.10
N LEU A 82 2.20 5.37 11.41
CA LEU A 82 3.45 4.87 11.99
C LEU A 82 3.24 4.42 13.46
N LYS A 83 4.19 3.69 14.02
CA LYS A 83 4.11 3.12 15.38
C LYS A 83 4.50 4.10 16.51
N GLU A 84 4.87 5.33 16.15
CA GLU A 84 5.32 6.42 17.04
C GLU A 84 4.72 7.76 16.62
N LYS A 85 4.61 8.69 17.56
CA LYS A 85 4.10 10.06 17.35
C LYS A 85 5.06 10.95 16.51
N THR A 86 4.48 11.93 15.81
CA THR A 86 5.17 12.91 14.94
C THR A 86 6.02 13.90 15.76
N GLY A 87 5.51 14.32 16.92
CA GLY A 87 6.22 15.15 17.91
C GLY A 87 5.88 14.78 19.36
N PRO A 88 6.71 15.17 20.34
CA PRO A 88 6.56 14.77 21.75
C PRO A 88 5.37 15.43 22.46
N LYS A 89 4.79 16.50 21.90
CA LYS A 89 3.60 17.18 22.43
C LYS A 89 2.32 16.32 22.36
N LEU A 90 2.25 15.38 21.41
CA LEU A 90 1.09 14.50 21.20
C LEU A 90 0.95 13.48 22.35
N GLY A 91 -0.30 13.11 22.69
CA GLY A 91 -0.64 12.14 23.73
C GLY A 91 -0.57 10.69 23.26
N GLY A 92 -1.46 9.84 23.79
CA GLY A 92 -1.54 8.40 23.47
C GLY A 92 -2.77 7.72 24.05
ZN ZN B . 0.77 -12.59 -13.12
ZN ZN C . -16.49 5.08 2.03
N GLY A 1 4.60 21.33 7.57
CA GLY A 1 4.89 21.36 9.02
C GLY A 1 6.31 21.83 9.33
N PRO A 2 6.69 21.91 10.62
CA PRO A 2 8.01 22.34 11.08
C PRO A 2 9.15 21.47 10.53
N MET A 3 10.30 22.09 10.28
CA MET A 3 11.55 21.42 9.88
C MET A 3 12.29 20.79 11.07
N GLY A 4 13.21 19.86 10.79
CA GLY A 4 13.99 19.14 11.80
C GLY A 4 13.30 17.88 12.36
N MET A 5 12.23 17.43 11.70
CA MET A 5 11.49 16.18 12.00
C MET A 5 12.39 14.94 11.94
N GLN A 6 12.08 13.92 12.74
CA GLN A 6 12.84 12.67 12.81
C GLN A 6 12.56 11.74 11.62
N SER A 7 11.38 11.83 11.01
CA SER A 7 10.97 11.05 9.82
C SER A 7 9.66 11.60 9.22
N ILE A 8 9.20 10.98 8.13
CA ILE A 8 7.96 11.31 7.39
C ILE A 8 6.92 10.21 7.63
N ARG A 9 5.62 10.55 7.58
CA ARG A 9 4.48 9.62 7.78
C ARG A 9 4.25 8.57 6.67
N GLU A 10 5.27 8.27 5.86
CA GLU A 10 5.31 7.19 4.87
C GLU A 10 6.60 6.36 5.05
N GLN A 11 6.57 5.08 4.67
CA GLN A 11 7.61 4.12 5.05
C GLN A 11 7.95 3.14 3.93
N SER A 12 9.21 2.70 3.90
CA SER A 12 9.75 1.79 2.88
C SER A 12 9.41 0.30 3.14
N CYS A 13 9.49 -0.50 2.08
CA CYS A 13 9.20 -1.93 2.06
C CYS A 13 9.84 -2.63 0.83
N ARG A 14 9.66 -3.95 0.73
CA ARG A 14 9.90 -4.70 -0.53
C ARG A 14 8.59 -4.79 -1.33
N VAL A 15 8.71 -4.71 -2.65
CA VAL A 15 7.62 -4.63 -3.63
C VAL A 15 7.93 -5.52 -4.84
N VAL A 16 6.95 -5.71 -5.72
CA VAL A 16 7.02 -6.65 -6.86
C VAL A 16 6.36 -6.05 -8.11
N THR A 17 6.95 -6.31 -9.28
CA THR A 17 6.35 -6.11 -10.60
C THR A 17 6.03 -7.46 -11.20
N CYS A 18 4.75 -7.75 -11.44
CA CYS A 18 4.33 -8.88 -12.28
C CYS A 18 4.58 -8.51 -13.75
N LYS A 19 5.41 -9.30 -14.42
CA LYS A 19 5.75 -9.12 -15.84
C LYS A 19 4.67 -9.68 -16.78
N THR A 20 3.79 -10.56 -16.28
CA THR A 20 2.68 -11.15 -17.05
C THR A 20 1.47 -10.21 -17.13
N CYS A 21 1.14 -9.50 -16.04
CA CYS A 21 0.02 -8.56 -16.00
C CYS A 21 0.45 -7.07 -16.12
N LYS A 22 1.74 -6.78 -15.90
CA LYS A 22 2.41 -5.46 -16.03
C LYS A 22 2.05 -4.47 -14.89
N TYR A 23 1.58 -4.95 -13.72
CA TYR A 23 1.32 -4.13 -12.53
C TYR A 23 2.49 -4.15 -11.52
N THR A 24 2.55 -3.13 -10.65
CA THR A 24 3.47 -3.03 -9.51
C THR A 24 2.66 -2.99 -8.21
N HIS A 25 3.06 -3.75 -7.20
CA HIS A 25 2.38 -3.85 -5.90
C HIS A 25 3.32 -4.36 -4.79
N PHE A 26 2.82 -4.53 -3.55
CA PHE A 26 3.60 -5.03 -2.40
C PHE A 26 3.94 -6.53 -2.50
N LYS A 27 3.07 -7.32 -3.15
CA LYS A 27 3.16 -8.78 -3.28
C LYS A 27 2.30 -9.30 -4.48
N PRO A 28 2.60 -10.48 -5.04
CA PRO A 28 1.79 -11.07 -6.11
C PRO A 28 0.50 -11.64 -5.54
N LYS A 29 -0.55 -11.69 -6.36
CA LYS A 29 -1.83 -12.30 -6.00
C LYS A 29 -1.73 -13.83 -5.90
N GLU A 30 -2.66 -14.46 -5.19
CA GLU A 30 -2.78 -15.93 -5.13
C GLU A 30 -3.05 -16.52 -6.52
N THR A 31 -3.78 -15.81 -7.39
CA THR A 31 -3.96 -16.14 -8.80
C THR A 31 -2.65 -16.06 -9.58
N CYS A 32 -1.83 -15.01 -9.38
CA CYS A 32 -0.53 -14.86 -10.03
C CYS A 32 0.45 -15.97 -9.62
N VAL A 33 0.46 -16.34 -8.33
CA VAL A 33 1.26 -17.47 -7.80
C VAL A 33 0.75 -18.82 -8.34
N SER A 34 -0.57 -19.04 -8.38
CA SER A 34 -1.18 -20.30 -8.86
C SER A 34 -1.03 -20.51 -10.38
N GLU A 35 -1.23 -19.46 -11.18
CA GLU A 35 -0.99 -19.47 -12.64
C GLU A 35 0.50 -19.41 -13.00
N ASN A 36 1.39 -19.24 -12.02
CA ASN A 36 2.85 -19.19 -12.18
C ASN A 36 3.30 -18.05 -13.13
N HIS A 37 2.76 -16.85 -12.92
CA HIS A 37 3.19 -15.61 -13.57
C HIS A 37 4.66 -15.31 -13.24
N ASP A 38 5.35 -14.62 -14.15
CA ASP A 38 6.71 -14.13 -13.92
C ASP A 38 6.68 -12.80 -13.16
N PHE A 39 7.57 -12.62 -12.19
CA PHE A 39 7.71 -11.36 -11.45
C PHE A 39 9.17 -11.03 -11.10
N HIS A 40 9.45 -9.74 -10.97
CA HIS A 40 10.71 -9.20 -10.44
C HIS A 40 10.42 -8.45 -9.12
N TRP A 41 11.17 -8.78 -8.06
CA TRP A 41 11.10 -8.09 -6.76
C TRP A 41 12.16 -6.97 -6.65
N HIS A 42 11.85 -5.94 -5.87
CA HIS A 42 12.68 -4.75 -5.62
C HIS A 42 12.17 -3.98 -4.39
N ASN A 43 12.81 -2.87 -3.99
CA ASN A 43 12.34 -2.01 -2.89
C ASN A 43 11.51 -0.81 -3.38
N GLY A 44 10.63 -0.30 -2.50
CA GLY A 44 9.74 0.86 -2.74
C GLY A 44 9.28 1.54 -1.44
N VAL A 45 8.42 2.55 -1.59
CA VAL A 45 7.79 3.32 -0.48
C VAL A 45 6.29 3.40 -0.73
N LYS A 46 5.49 3.15 0.33
CA LYS A 46 4.03 3.03 0.24
C LYS A 46 3.27 4.26 0.78
N ARG A 47 2.10 4.52 0.19
CA ARG A 47 1.19 5.64 0.48
C ARG A 47 -0.12 5.09 1.04
N PHE A 48 -0.60 5.68 2.13
CA PHE A 48 -1.80 5.24 2.84
C PHE A 48 -3.01 6.11 2.48
N PHE A 49 -4.20 5.50 2.42
CA PHE A 49 -5.45 6.18 2.06
C PHE A 49 -6.62 5.81 2.99
N LYS A 50 -7.58 6.73 3.10
CA LYS A 50 -8.83 6.56 3.87
C LYS A 50 -10.06 7.00 3.05
N CYS A 51 -11.17 6.28 3.24
CA CYS A 51 -12.51 6.59 2.73
C CYS A 51 -13.37 7.27 3.83
N PRO A 52 -14.35 8.16 3.50
CA PRO A 52 -15.23 8.80 4.48
C PRO A 52 -16.05 7.84 5.37
N CYS A 53 -16.33 6.60 4.94
CA CYS A 53 -17.02 5.60 5.76
C CYS A 53 -16.14 4.96 6.87
N GLY A 54 -14.82 5.17 6.81
CA GLY A 54 -13.82 4.61 7.74
C GLY A 54 -12.94 3.51 7.16
N ASN A 55 -13.26 3.00 5.96
CA ASN A 55 -12.43 2.00 5.26
C ASN A 55 -11.05 2.56 4.85
N ARG A 56 -10.05 1.68 4.69
CA ARG A 56 -8.66 2.03 4.39
C ARG A 56 -8.13 1.24 3.17
N THR A 57 -7.07 1.75 2.54
CA THR A 57 -6.27 1.07 1.50
C THR A 57 -4.88 1.68 1.38
N ILE A 58 -4.04 1.09 0.55
CA ILE A 58 -2.61 1.43 0.38
C ILE A 58 -2.24 1.31 -1.11
N SER A 59 -1.37 2.19 -1.60
CA SER A 59 -0.80 2.11 -2.97
C SER A 59 0.70 2.49 -2.98
N LEU A 60 1.40 2.20 -4.08
CA LEU A 60 2.72 2.75 -4.40
C LEU A 60 2.63 4.03 -5.25
N ASP A 61 1.43 4.38 -5.74
CA ASP A 61 1.14 5.63 -6.46
C ASP A 61 0.52 6.69 -5.53
N ARG A 62 0.45 7.94 -6.02
CA ARG A 62 -0.14 9.09 -5.30
C ARG A 62 -1.66 8.97 -5.04
N LEU A 63 -2.35 8.02 -5.69
CA LEU A 63 -3.78 7.70 -5.50
C LEU A 63 -4.05 6.24 -5.94
N PRO A 64 -4.87 5.45 -5.20
CA PRO A 64 -5.17 4.06 -5.55
C PRO A 64 -6.12 3.99 -6.76
N LYS A 65 -6.05 2.87 -7.48
CA LYS A 65 -6.83 2.63 -8.72
C LYS A 65 -8.22 2.00 -8.49
N LYS A 66 -8.48 1.50 -7.29
CA LYS A 66 -9.62 0.62 -6.94
C LYS A 66 -10.73 1.34 -6.15
N HIS A 67 -11.96 0.83 -6.22
CA HIS A 67 -13.11 1.35 -5.47
C HIS A 67 -13.14 0.81 -4.01
N CYS A 68 -13.93 1.43 -3.14
CA CYS A 68 -14.09 1.01 -1.75
C CYS A 68 -14.66 -0.42 -1.63
N SER A 69 -14.05 -1.23 -0.76
CA SER A 69 -14.50 -2.59 -0.45
C SER A 69 -15.78 -2.63 0.42
N THR A 70 -16.13 -1.49 1.06
CA THR A 70 -17.16 -1.42 2.12
C THR A 70 -18.43 -0.72 1.64
N CYS A 71 -18.33 0.37 0.85
CA CYS A 71 -19.47 1.13 0.33
C CYS A 71 -19.52 1.31 -1.21
N GLY A 72 -18.43 0.97 -1.92
CA GLY A 72 -18.40 0.76 -3.38
C GLY A 72 -18.09 1.98 -4.24
N LEU A 73 -18.00 3.18 -3.65
CA LEU A 73 -17.67 4.42 -4.37
C LEU A 73 -16.14 4.67 -4.45
N PHE A 74 -15.76 5.85 -4.95
CA PHE A 74 -14.37 6.31 -5.06
C PHE A 74 -14.24 7.72 -4.46
N LYS A 75 -13.80 7.80 -3.19
CA LYS A 75 -13.65 9.03 -2.40
C LYS A 75 -12.39 9.01 -1.50
N TRP A 76 -11.34 8.32 -1.95
CA TRP A 76 -10.07 8.19 -1.21
C TRP A 76 -9.39 9.53 -0.93
N GLU A 77 -8.95 9.72 0.31
CA GLU A 77 -8.10 10.80 0.78
C GLU A 77 -6.73 10.23 1.16
N ARG A 78 -5.65 10.87 0.72
CA ARG A 78 -4.28 10.46 1.08
C ARG A 78 -3.97 10.84 2.54
N VAL A 79 -3.48 9.87 3.31
CA VAL A 79 -3.16 9.99 4.74
C VAL A 79 -1.77 9.38 5.03
N GLY A 80 -1.31 9.47 6.29
CA GLY A 80 -0.06 8.88 6.75
C GLY A 80 -0.24 7.67 7.68
N MET A 81 0.89 7.02 8.02
CA MET A 81 1.00 6.00 9.07
C MET A 81 2.45 5.69 9.46
N LEU A 82 2.69 5.63 10.78
CA LEU A 82 3.99 5.37 11.43
C LEU A 82 3.76 4.81 12.84
N LYS A 83 4.83 4.60 13.61
CA LYS A 83 4.78 3.93 14.94
C LYS A 83 4.01 4.68 16.05
N GLU A 84 3.83 5.97 15.86
CA GLU A 84 3.55 6.96 16.91
C GLU A 84 2.09 7.40 16.90
N LYS A 85 1.44 7.37 18.07
CA LYS A 85 0.08 7.91 18.27
C LYS A 85 0.01 9.45 18.16
N THR A 86 -1.19 9.97 17.90
CA THR A 86 -1.51 11.41 17.91
C THR A 86 -1.58 11.93 19.35
N GLY A 87 -1.62 13.26 19.50
CA GLY A 87 -1.61 13.92 20.81
C GLY A 87 -0.18 14.07 21.38
N PRO A 88 0.00 14.00 22.72
CA PRO A 88 1.30 14.14 23.38
C PRO A 88 2.36 13.18 22.86
N LYS A 89 3.57 13.69 22.64
CA LYS A 89 4.75 12.89 22.23
C LYS A 89 5.31 12.05 23.39
N LEU A 90 5.12 12.51 24.65
CA LEU A 90 5.47 11.81 25.89
C LEU A 90 4.68 10.49 26.04
N GLY A 91 5.30 9.49 26.67
CA GLY A 91 4.70 8.17 26.91
C GLY A 91 4.84 7.22 25.72
N GLY A 92 5.02 5.92 26.01
CA GLY A 92 5.14 4.82 25.04
C GLY A 92 5.53 3.50 25.70
ZN ZN B . -0.01 -11.43 -12.69
ZN ZN C . -16.11 3.59 1.75
N GLY A 1 2.48 20.11 8.16
CA GLY A 1 3.92 20.23 7.83
C GLY A 1 4.47 18.94 7.21
N PRO A 2 5.57 19.03 6.43
CA PRO A 2 6.10 17.89 5.66
C PRO A 2 6.83 16.84 6.52
N MET A 3 7.30 17.20 7.73
CA MET A 3 8.09 16.34 8.62
C MET A 3 7.28 15.25 9.35
N GLY A 4 5.96 15.16 9.11
CA GLY A 4 5.08 14.17 9.74
C GLY A 4 4.97 14.40 11.24
N MET A 5 5.34 13.39 12.04
CA MET A 5 5.42 13.47 13.51
C MET A 5 6.84 13.73 14.05
N GLN A 6 7.83 13.82 13.15
CA GLN A 6 9.30 13.89 13.27
C GLN A 6 9.90 12.92 12.23
N SER A 7 9.34 11.71 12.13
CA SER A 7 9.48 10.80 10.98
C SER A 7 8.32 11.01 9.99
N ILE A 8 8.58 10.78 8.70
CA ILE A 8 7.60 10.97 7.61
C ILE A 8 6.54 9.84 7.62
N ARG A 9 5.28 10.16 7.33
CA ARG A 9 4.13 9.24 7.43
C ARG A 9 3.97 8.25 6.25
N GLU A 10 5.11 7.76 5.75
CA GLU A 10 5.27 6.73 4.73
C GLU A 10 6.59 5.97 4.95
N GLN A 11 6.74 4.77 4.40
CA GLN A 11 7.91 3.91 4.68
C GLN A 11 8.29 3.00 3.52
N SER A 12 9.60 2.73 3.41
CA SER A 12 10.18 1.88 2.35
C SER A 12 9.84 0.39 2.53
N CYS A 13 9.78 -0.33 1.41
CA CYS A 13 9.42 -1.76 1.34
C CYS A 13 10.11 -2.43 0.14
N ARG A 14 10.21 -3.77 0.16
CA ARG A 14 10.45 -4.55 -1.06
C ARG A 14 9.12 -4.72 -1.80
N VAL A 15 9.14 -4.61 -3.12
CA VAL A 15 7.97 -4.54 -4.02
C VAL A 15 8.21 -5.41 -5.25
N VAL A 16 7.14 -5.65 -6.04
CA VAL A 16 7.12 -6.59 -7.15
C VAL A 16 6.32 -6.02 -8.33
N THR A 17 6.85 -6.20 -9.55
CA THR A 17 6.11 -6.02 -10.81
C THR A 17 5.84 -7.41 -11.39
N CYS A 18 4.56 -7.77 -11.53
CA CYS A 18 4.12 -8.94 -12.29
C CYS A 18 4.25 -8.62 -13.79
N LYS A 19 5.10 -9.36 -14.50
CA LYS A 19 5.33 -9.20 -15.94
C LYS A 19 4.17 -9.75 -16.78
N THR A 20 3.38 -10.69 -16.23
CA THR A 20 2.22 -11.31 -16.89
C THR A 20 1.02 -10.36 -16.92
N CYS A 21 0.69 -9.72 -15.79
CA CYS A 21 -0.46 -8.81 -15.67
C CYS A 21 -0.10 -7.30 -15.86
N LYS A 22 1.19 -6.95 -15.73
CA LYS A 22 1.77 -5.61 -15.95
C LYS A 22 1.41 -4.58 -14.85
N TYR A 23 1.21 -5.02 -13.60
CA TYR A 23 1.02 -4.14 -12.42
C TYR A 23 2.21 -4.21 -11.44
N THR A 24 2.38 -3.17 -10.61
CA THR A 24 3.37 -3.07 -9.53
C THR A 24 2.66 -2.91 -8.18
N HIS A 25 3.10 -3.65 -7.17
CA HIS A 25 2.59 -3.63 -5.78
C HIS A 25 3.61 -4.27 -4.81
N PHE A 26 3.30 -4.34 -3.51
CA PHE A 26 4.21 -4.87 -2.47
C PHE A 26 4.42 -6.39 -2.52
N LYS A 27 3.48 -7.14 -3.13
CA LYS A 27 3.46 -8.60 -3.20
C LYS A 27 2.54 -9.16 -4.32
N PRO A 28 2.80 -10.36 -4.85
CA PRO A 28 1.96 -10.99 -5.86
C PRO A 28 0.70 -11.59 -5.21
N LYS A 29 -0.38 -11.70 -5.98
CA LYS A 29 -1.63 -12.32 -5.53
C LYS A 29 -1.51 -13.85 -5.40
N GLU A 30 -2.43 -14.47 -4.65
CA GLU A 30 -2.54 -15.92 -4.53
C GLU A 30 -2.73 -16.60 -5.90
N THR A 31 -3.52 -15.99 -6.80
CA THR A 31 -3.69 -16.43 -8.18
C THR A 31 -2.42 -16.27 -9.00
N CYS A 32 -1.66 -15.19 -8.82
CA CYS A 32 -0.38 -14.96 -9.48
C CYS A 32 0.68 -16.01 -9.07
N VAL A 33 0.70 -16.40 -7.79
CA VAL A 33 1.59 -17.46 -7.28
C VAL A 33 1.12 -18.86 -7.73
N SER A 34 -0.20 -19.13 -7.69
CA SER A 34 -0.77 -20.44 -8.02
C SER A 34 -0.76 -20.77 -9.52
N GLU A 35 -1.03 -19.78 -10.39
CA GLU A 35 -0.82 -19.91 -11.85
C GLU A 35 0.67 -19.76 -12.22
N ASN A 36 1.48 -19.20 -11.33
CA ASN A 36 2.94 -19.11 -11.41
C ASN A 36 3.40 -18.10 -12.48
N HIS A 37 2.82 -16.89 -12.44
CA HIS A 37 3.16 -15.73 -13.27
C HIS A 37 4.64 -15.36 -13.11
N ASP A 38 5.22 -14.70 -14.12
CA ASP A 38 6.57 -14.15 -14.05
C ASP A 38 6.55 -12.80 -13.31
N PHE A 39 7.50 -12.56 -12.41
CA PHE A 39 7.65 -11.28 -11.70
C PHE A 39 9.11 -10.85 -11.54
N HIS A 40 9.32 -9.53 -11.47
CA HIS A 40 10.60 -8.92 -11.09
C HIS A 40 10.42 -8.17 -9.75
N TRP A 41 11.28 -8.47 -8.76
CA TRP A 41 11.30 -7.79 -7.45
C TRP A 41 12.31 -6.63 -7.40
N HIS A 42 12.01 -5.62 -6.60
CA HIS A 42 12.78 -4.38 -6.43
C HIS A 42 12.32 -3.64 -5.14
N ASN A 43 12.77 -2.39 -4.92
CA ASN A 43 12.37 -1.56 -3.77
C ASN A 43 11.48 -0.37 -4.15
N GLY A 44 10.63 0.07 -3.21
CA GLY A 44 9.71 1.20 -3.35
C GLY A 44 9.28 1.77 -1.99
N VAL A 45 8.28 2.66 -2.00
CA VAL A 45 7.68 3.28 -0.80
C VAL A 45 6.15 3.24 -0.92
N LYS A 46 5.47 2.91 0.18
CA LYS A 46 4.00 2.78 0.26
C LYS A 46 3.33 3.92 1.06
N ARG A 47 2.15 4.33 0.61
CA ARG A 47 1.30 5.39 1.19
C ARG A 47 -0.05 4.81 1.64
N PHE A 48 -0.65 5.42 2.65
CA PHE A 48 -1.84 4.93 3.35
C PHE A 48 -3.08 5.79 3.06
N PHE A 49 -4.25 5.18 2.86
CA PHE A 49 -5.48 5.86 2.45
C PHE A 49 -6.71 5.44 3.26
N LYS A 50 -7.68 6.35 3.38
CA LYS A 50 -8.96 6.17 4.05
C LYS A 50 -10.13 6.73 3.21
N CYS A 51 -11.26 6.03 3.21
CA CYS A 51 -12.54 6.44 2.62
C CYS A 51 -13.46 7.05 3.70
N PRO A 52 -14.34 8.03 3.40
CA PRO A 52 -15.23 8.67 4.37
C PRO A 52 -16.20 7.73 5.13
N CYS A 53 -16.48 6.51 4.63
CA CYS A 53 -17.27 5.50 5.34
C CYS A 53 -16.49 4.75 6.46
N GLY A 54 -15.16 4.89 6.49
CA GLY A 54 -14.23 4.21 7.42
C GLY A 54 -13.38 3.12 6.78
N ASN A 55 -13.64 2.70 5.53
CA ASN A 55 -12.83 1.72 4.79
C ASN A 55 -11.40 2.23 4.53
N ARG A 56 -10.43 1.31 4.35
CA ARG A 56 -9.00 1.60 4.23
C ARG A 56 -8.38 0.90 3.00
N THR A 57 -7.26 1.45 2.50
CA THR A 57 -6.39 0.83 1.48
C THR A 57 -4.97 1.41 1.50
N ILE A 58 -4.08 0.82 0.71
CA ILE A 58 -2.64 1.10 0.63
C ILE A 58 -2.23 1.07 -0.85
N SER A 59 -1.28 1.90 -1.26
CA SER A 59 -0.72 1.89 -2.62
C SER A 59 0.75 2.34 -2.63
N LEU A 60 1.48 2.03 -3.71
CA LEU A 60 2.80 2.61 -3.99
C LEU A 60 2.69 4.00 -4.64
N ASP A 61 1.55 4.34 -5.25
CA ASP A 61 1.27 5.63 -5.88
C ASP A 61 0.66 6.63 -4.88
N ARG A 62 0.68 7.92 -5.24
CA ARG A 62 0.08 9.02 -4.48
C ARG A 62 -1.46 8.93 -4.35
N LEU A 63 -2.14 8.05 -5.08
CA LEU A 63 -3.57 7.75 -5.00
C LEU A 63 -3.85 6.33 -5.54
N PRO A 64 -4.67 5.49 -4.86
CA PRO A 64 -4.98 4.13 -5.30
C PRO A 64 -5.85 4.11 -6.56
N LYS A 65 -5.79 3.00 -7.31
CA LYS A 65 -6.48 2.83 -8.59
C LYS A 65 -7.92 2.29 -8.49
N LYS A 66 -8.29 1.70 -7.33
CA LYS A 66 -9.51 0.91 -7.13
C LYS A 66 -10.63 1.68 -6.39
N HIS A 67 -11.89 1.35 -6.65
CA HIS A 67 -13.05 1.88 -5.93
C HIS A 67 -13.29 1.14 -4.59
N CYS A 68 -14.07 1.74 -3.69
CA CYS A 68 -14.36 1.21 -2.36
C CYS A 68 -15.09 -0.14 -2.40
N SER A 69 -14.67 -1.04 -1.51
CA SER A 69 -15.27 -2.37 -1.30
C SER A 69 -16.45 -2.36 -0.31
N THR A 70 -16.67 -1.23 0.40
CA THR A 70 -17.72 -1.07 1.42
C THR A 70 -18.92 -0.26 0.93
N CYS A 71 -18.69 0.83 0.17
CA CYS A 71 -19.76 1.72 -0.33
C CYS A 71 -19.78 1.96 -1.86
N GLY A 72 -18.69 1.62 -2.57
CA GLY A 72 -18.65 1.47 -4.04
C GLY A 72 -18.17 2.69 -4.83
N LEU A 73 -17.99 3.85 -4.19
CA LEU A 73 -17.51 5.10 -4.81
C LEU A 73 -15.97 5.23 -4.82
N PHE A 74 -15.47 6.40 -5.19
CA PHE A 74 -14.05 6.77 -5.22
C PHE A 74 -13.83 8.14 -4.55
N LYS A 75 -13.50 8.12 -3.26
CA LYS A 75 -13.32 9.32 -2.40
C LYS A 75 -12.12 9.17 -1.43
N TRP A 76 -11.09 8.41 -1.83
CA TRP A 76 -9.89 8.15 -1.02
C TRP A 76 -9.15 9.44 -0.61
N GLU A 77 -8.83 9.56 0.68
CA GLU A 77 -7.98 10.59 1.27
C GLU A 77 -6.65 9.95 1.69
N ARG A 78 -5.53 10.57 1.34
CA ARG A 78 -4.20 10.12 1.79
C ARG A 78 -4.00 10.50 3.26
N VAL A 79 -3.75 9.51 4.11
CA VAL A 79 -3.67 9.63 5.58
C VAL A 79 -2.31 9.17 6.13
N GLY A 80 -2.04 9.50 7.40
CA GLY A 80 -0.77 9.19 8.05
C GLY A 80 -0.76 7.85 8.79
N MET A 81 0.33 7.10 8.61
CA MET A 81 0.79 5.99 9.46
C MET A 81 2.31 5.82 9.29
N LEU A 82 2.95 5.17 10.26
CA LEU A 82 4.37 5.28 10.54
C LEU A 82 5.10 3.93 10.52
N LYS A 83 6.43 3.99 10.41
CA LYS A 83 7.34 2.89 10.73
C LYS A 83 7.38 2.59 12.25
N GLU A 84 7.66 1.34 12.59
CA GLU A 84 7.82 0.81 13.95
C GLU A 84 8.94 -0.24 14.00
N LYS A 85 9.50 -0.51 15.18
CA LYS A 85 10.52 -1.54 15.40
C LYS A 85 10.02 -2.96 15.09
N THR A 86 10.91 -3.80 14.54
CA THR A 86 10.65 -5.20 14.14
C THR A 86 11.60 -6.18 14.84
N GLY A 87 11.24 -7.47 14.82
CA GLY A 87 12.07 -8.57 15.33
C GLY A 87 13.02 -9.15 14.26
N PRO A 88 13.66 -10.31 14.55
CA PRO A 88 14.59 -10.99 13.63
C PRO A 88 13.96 -11.31 12.27
N LYS A 89 14.78 -11.28 11.21
CA LYS A 89 14.35 -11.50 9.83
C LYS A 89 14.36 -13.00 9.45
N LEU A 90 13.26 -13.70 9.73
CA LEU A 90 13.04 -15.12 9.40
C LEU A 90 12.75 -15.31 7.89
N GLY A 91 12.13 -14.32 7.24
CA GLY A 91 11.83 -14.30 5.80
C GLY A 91 13.00 -13.79 4.93
N GLY A 92 12.77 -13.73 3.62
CA GLY A 92 13.75 -13.28 2.61
C GLY A 92 13.17 -13.16 1.20
ZN ZN B . -0.13 -11.64 -12.27
ZN ZN C . -16.23 3.77 1.23
N GLY A 1 7.37 7.95 23.05
CA GLY A 1 8.78 8.34 23.28
C GLY A 1 9.40 8.97 22.03
N PRO A 2 10.50 9.74 22.17
CA PRO A 2 11.19 10.41 21.06
C PRO A 2 11.90 9.37 20.18
N MET A 3 11.54 9.36 18.89
CA MET A 3 11.95 8.38 17.87
C MET A 3 11.42 8.83 16.49
N GLY A 4 12.00 8.32 15.41
CA GLY A 4 11.60 8.61 14.02
C GLY A 4 12.31 9.80 13.39
N MET A 5 13.50 10.16 13.89
CA MET A 5 14.36 11.21 13.33
C MET A 5 14.70 10.92 11.87
N GLN A 6 14.46 11.90 10.99
CA GLN A 6 14.62 11.84 9.52
C GLN A 6 13.62 10.88 8.82
N SER A 7 12.65 10.30 9.54
CA SER A 7 11.59 9.46 8.96
C SER A 7 10.33 10.25 8.57
N ILE A 8 9.48 9.66 7.72
CA ILE A 8 8.26 10.27 7.16
C ILE A 8 7.06 9.32 7.40
N ARG A 9 5.83 9.89 7.47
CA ARG A 9 4.56 9.15 7.63
C ARG A 9 4.16 8.25 6.44
N GLU A 10 5.03 8.10 5.45
CA GLU A 10 4.95 7.09 4.38
C GLU A 10 6.37 6.55 4.14
N GLN A 11 6.49 5.22 4.01
CA GLN A 11 7.68 4.49 4.45
C GLN A 11 8.17 3.45 3.43
N SER A 12 9.48 3.32 3.31
CA SER A 12 10.13 2.41 2.35
C SER A 12 9.82 0.93 2.63
N CYS A 13 9.63 0.14 1.57
CA CYS A 13 9.18 -1.26 1.63
C CYS A 13 9.67 -2.08 0.42
N ARG A 14 9.68 -3.41 0.53
CA ARG A 14 9.94 -4.34 -0.57
C ARG A 14 8.65 -4.65 -1.33
N VAL A 15 8.74 -4.70 -2.65
CA VAL A 15 7.63 -4.78 -3.61
C VAL A 15 7.97 -5.73 -4.77
N VAL A 16 6.97 -6.08 -5.57
CA VAL A 16 7.07 -7.03 -6.68
C VAL A 16 6.23 -6.58 -7.87
N THR A 17 6.79 -6.67 -9.07
CA THR A 17 6.13 -6.36 -10.34
C THR A 17 5.96 -7.62 -11.17
N CYS A 18 4.72 -7.99 -11.48
CA CYS A 18 4.38 -9.05 -12.44
C CYS A 18 4.58 -8.52 -13.87
N LYS A 19 5.47 -9.16 -14.62
CA LYS A 19 5.82 -8.79 -15.99
C LYS A 19 4.79 -9.28 -17.03
N THR A 20 3.80 -10.08 -16.61
CA THR A 20 2.70 -10.55 -17.47
C THR A 20 1.52 -9.58 -17.38
N CYS A 21 1.11 -9.17 -16.17
CA CYS A 21 -0.09 -8.36 -15.92
C CYS A 21 0.18 -6.84 -15.80
N LYS A 22 1.43 -6.45 -15.53
CA LYS A 22 1.92 -5.05 -15.50
C LYS A 22 1.46 -4.24 -14.27
N TYR A 23 1.34 -4.89 -13.10
CA TYR A 23 1.09 -4.24 -11.80
C TYR A 23 2.33 -4.24 -10.90
N THR A 24 2.35 -3.36 -9.87
CA THR A 24 3.31 -3.39 -8.76
C THR A 24 2.55 -3.47 -7.45
N HIS A 25 2.79 -4.51 -6.66
CA HIS A 25 2.22 -4.73 -5.32
C HIS A 25 3.34 -5.05 -4.30
N PHE A 26 3.00 -5.12 -3.01
CA PHE A 26 3.92 -5.55 -1.94
C PHE A 26 4.30 -7.05 -2.08
N LYS A 27 3.34 -7.88 -2.46
CA LYS A 27 3.45 -9.34 -2.63
C LYS A 27 2.67 -9.81 -3.89
N PRO A 28 3.00 -10.97 -4.50
CA PRO A 28 2.34 -11.44 -5.71
C PRO A 28 0.98 -12.06 -5.38
N LYS A 29 0.04 -11.99 -6.32
CA LYS A 29 -1.28 -12.62 -6.19
C LYS A 29 -1.18 -14.15 -6.12
N GLU A 30 -2.09 -14.80 -5.38
CA GLU A 30 -2.15 -16.27 -5.30
C GLU A 30 -2.38 -16.91 -6.68
N THR A 31 -3.19 -16.27 -7.53
CA THR A 31 -3.42 -16.68 -8.93
C THR A 31 -2.18 -16.49 -9.81
N CYS A 32 -1.40 -15.41 -9.62
CA CYS A 32 -0.13 -15.22 -10.30
C CYS A 32 0.93 -16.25 -9.89
N VAL A 33 0.95 -16.63 -8.61
CA VAL A 33 1.81 -17.72 -8.10
C VAL A 33 1.37 -19.09 -8.66
N SER A 34 0.07 -19.40 -8.66
CA SER A 34 -0.46 -20.69 -9.13
C SER A 34 -0.45 -20.87 -10.65
N GLU A 35 -0.69 -19.81 -11.43
CA GLU A 35 -0.48 -19.81 -12.89
C GLU A 35 1.00 -19.67 -13.28
N ASN A 36 1.88 -19.36 -12.32
CA ASN A 36 3.33 -19.33 -12.44
C ASN A 36 3.84 -18.19 -13.36
N HIS A 37 3.22 -17.01 -13.26
CA HIS A 37 3.63 -15.79 -13.95
C HIS A 37 5.07 -15.39 -13.57
N ASP A 38 5.76 -14.68 -14.47
CA ASP A 38 7.08 -14.13 -14.21
C ASP A 38 6.97 -12.77 -13.51
N PHE A 39 7.63 -12.61 -12.36
CA PHE A 39 7.71 -11.35 -11.60
C PHE A 39 9.15 -11.03 -11.17
N HIS A 40 9.46 -9.74 -11.07
CA HIS A 40 10.71 -9.22 -10.52
C HIS A 40 10.45 -8.51 -9.18
N TRP A 41 11.25 -8.81 -8.15
CA TRP A 41 11.23 -8.14 -6.84
C TRP A 41 12.19 -6.94 -6.78
N HIS A 42 11.85 -5.92 -5.99
CA HIS A 42 12.57 -4.65 -5.83
C HIS A 42 12.05 -3.84 -4.62
N ASN A 43 12.55 -2.63 -4.40
CA ASN A 43 12.08 -1.73 -3.34
C ASN A 43 11.31 -0.50 -3.89
N GLY A 44 10.48 0.10 -3.02
CA GLY A 44 9.69 1.32 -3.25
C GLY A 44 9.23 1.95 -1.92
N VAL A 45 8.11 2.68 -1.95
CA VAL A 45 7.44 3.28 -0.78
C VAL A 45 5.92 3.12 -0.90
N LYS A 46 5.28 2.78 0.22
CA LYS A 46 3.83 2.63 0.34
C LYS A 46 3.15 3.89 0.92
N ARG A 47 1.99 4.23 0.35
CA ARG A 47 1.12 5.36 0.69
C ARG A 47 -0.17 4.79 1.30
N PHE A 48 -0.66 5.42 2.36
CA PHE A 48 -1.87 5.00 3.09
C PHE A 48 -3.06 5.90 2.71
N PHE A 49 -4.27 5.35 2.64
CA PHE A 49 -5.48 6.08 2.23
C PHE A 49 -6.69 5.79 3.12
N LYS A 50 -7.60 6.76 3.19
CA LYS A 50 -8.86 6.70 3.94
C LYS A 50 -10.04 7.22 3.09
N CYS A 51 -11.20 6.57 3.23
CA CYS A 51 -12.50 6.95 2.65
C CYS A 51 -13.38 7.65 3.72
N PRO A 52 -14.26 8.61 3.38
CA PRO A 52 -15.13 9.31 4.33
C PRO A 52 -16.06 8.43 5.18
N CYS A 53 -16.38 7.19 4.77
CA CYS A 53 -17.16 6.23 5.58
C CYS A 53 -16.35 5.57 6.73
N GLY A 54 -15.01 5.72 6.71
CA GLY A 54 -14.05 5.14 7.67
C GLY A 54 -13.24 3.97 7.12
N ASN A 55 -13.54 3.47 5.91
CA ASN A 55 -12.78 2.41 5.25
C ASN A 55 -11.35 2.86 4.87
N ARG A 56 -10.42 1.90 4.76
CA ARG A 56 -8.97 2.12 4.56
C ARG A 56 -8.42 1.27 3.41
N THR A 57 -7.28 1.70 2.83
CA THR A 57 -6.47 0.94 1.86
C THR A 57 -5.03 1.48 1.80
N ILE A 58 -4.17 0.79 1.06
CA ILE A 58 -2.73 1.06 0.93
C ILE A 58 -2.30 0.78 -0.52
N SER A 59 -1.43 1.60 -1.09
CA SER A 59 -0.93 1.42 -2.47
C SER A 59 0.44 2.07 -2.67
N LEU A 60 1.09 1.71 -3.78
CA LEU A 60 2.42 2.19 -4.18
C LEU A 60 2.32 3.41 -5.11
N ASP A 61 1.14 3.68 -5.66
CA ASP A 61 0.81 4.90 -6.40
C ASP A 61 0.33 6.02 -5.45
N ARG A 62 0.31 7.27 -5.95
CA ARG A 62 -0.12 8.47 -5.21
C ARG A 62 -1.63 8.54 -4.92
N LEU A 63 -2.46 7.66 -5.53
CA LEU A 63 -3.90 7.50 -5.30
C LEU A 63 -4.34 6.13 -5.91
N PRO A 64 -4.99 5.22 -5.15
CA PRO A 64 -5.38 3.90 -5.66
C PRO A 64 -6.49 4.02 -6.70
N LYS A 65 -6.48 3.12 -7.69
CA LYS A 65 -7.44 3.13 -8.82
C LYS A 65 -8.74 2.35 -8.58
N LYS A 66 -8.85 1.65 -7.44
CA LYS A 66 -9.98 0.78 -7.07
C LYS A 66 -11.07 1.49 -6.25
N HIS A 67 -12.31 1.00 -6.31
CA HIS A 67 -13.45 1.53 -5.55
C HIS A 67 -13.45 1.06 -4.08
N CYS A 68 -14.21 1.74 -3.22
CA CYS A 68 -14.41 1.35 -1.82
C CYS A 68 -15.10 -0.03 -1.70
N SER A 69 -14.60 -0.86 -0.80
CA SER A 69 -15.17 -2.17 -0.45
C SER A 69 -16.32 -2.11 0.57
N THR A 70 -16.58 -0.94 1.16
CA THR A 70 -17.62 -0.73 2.19
C THR A 70 -18.85 0.01 1.62
N CYS A 71 -18.65 1.09 0.85
CA CYS A 71 -19.76 1.90 0.31
C CYS A 71 -19.82 2.03 -1.24
N GLY A 72 -18.75 1.64 -1.95
CA GLY A 72 -18.75 1.39 -3.41
C GLY A 72 -18.36 2.58 -4.30
N LEU A 73 -18.18 3.79 -3.74
CA LEU A 73 -17.76 4.99 -4.49
C LEU A 73 -16.23 5.14 -4.58
N PHE A 74 -15.77 6.33 -5.00
CA PHE A 74 -14.36 6.69 -5.12
C PHE A 74 -14.12 8.08 -4.49
N LYS A 75 -13.66 8.10 -3.24
CA LYS A 75 -13.41 9.30 -2.42
C LYS A 75 -12.18 9.15 -1.50
N TRP A 76 -11.15 8.40 -1.94
CA TRP A 76 -9.90 8.21 -1.21
C TRP A 76 -9.14 9.54 -0.95
N GLU A 77 -8.56 9.65 0.24
CA GLU A 77 -7.69 10.74 0.67
C GLU A 77 -6.38 10.15 1.22
N ARG A 78 -5.23 10.69 0.80
CA ARG A 78 -3.92 10.26 1.30
C ARG A 78 -3.77 10.65 2.77
N VAL A 79 -3.37 9.69 3.60
CA VAL A 79 -3.11 9.83 5.04
C VAL A 79 -1.74 9.23 5.40
N GLY A 80 -1.28 9.44 6.63
CA GLY A 80 0.01 8.95 7.14
C GLY A 80 -0.12 7.72 8.04
N MET A 81 0.97 6.96 8.17
CA MET A 81 1.12 5.89 9.15
C MET A 81 2.58 5.55 9.51
N LEU A 82 2.80 5.27 10.79
CA LEU A 82 4.09 5.10 11.50
C LEU A 82 3.81 4.80 12.98
N LYS A 83 4.53 3.84 13.58
CA LYS A 83 4.21 3.27 14.90
C LYS A 83 5.39 3.08 15.86
N GLU A 84 6.61 3.28 15.38
CA GLU A 84 7.87 3.05 16.11
C GLU A 84 8.17 4.05 17.23
N LYS A 85 7.35 5.09 17.32
CA LYS A 85 7.30 6.06 18.42
C LYS A 85 6.66 5.48 19.71
N THR A 86 5.93 4.37 19.58
CA THR A 86 5.29 3.61 20.67
C THR A 86 5.84 2.18 20.73
N GLY A 87 5.90 1.50 19.58
CA GLY A 87 6.33 0.10 19.45
C GLY A 87 5.33 -0.85 20.11
N PRO A 88 4.21 -1.21 19.44
CA PRO A 88 3.12 -1.98 20.02
C PRO A 88 3.53 -3.35 20.58
N LYS A 89 2.91 -3.74 21.70
CA LYS A 89 3.21 -5.00 22.41
C LYS A 89 2.31 -6.18 21.98
N LEU A 90 1.16 -5.89 21.36
CA LEU A 90 0.15 -6.86 20.91
C LEU A 90 0.41 -7.34 19.46
N GLY A 91 -0.19 -8.48 19.09
CA GLY A 91 -0.12 -9.06 17.74
C GLY A 91 -1.14 -8.43 16.78
N GLY A 92 -1.12 -8.91 15.53
CA GLY A 92 -1.99 -8.45 14.44
C GLY A 92 -1.77 -9.23 13.14
ZN ZN B . 0.23 -11.77 -13.10
ZN ZN C . -16.23 4.17 1.60
N GLY A 1 27.49 18.05 3.31
CA GLY A 1 27.35 17.18 2.12
C GLY A 1 25.97 17.28 1.49
N PRO A 2 25.53 16.25 0.73
CA PRO A 2 24.20 16.20 0.10
C PRO A 2 23.03 16.29 1.10
N MET A 3 21.86 16.69 0.60
CA MET A 3 20.61 16.82 1.38
C MET A 3 20.01 15.48 1.82
N GLY A 4 19.21 15.49 2.89
CA GLY A 4 18.45 14.35 3.42
C GLY A 4 16.95 14.67 3.60
N MET A 5 16.15 13.62 3.79
CA MET A 5 14.70 13.67 4.04
C MET A 5 14.32 12.72 5.19
N GLN A 6 13.35 13.12 6.03
CA GLN A 6 12.95 12.36 7.22
C GLN A 6 11.43 12.47 7.48
N SER A 7 10.89 13.67 7.67
CA SER A 7 9.54 13.89 8.23
C SER A 7 8.42 13.82 7.18
N ILE A 8 8.34 12.71 6.46
CA ILE A 8 7.44 12.47 5.31
C ILE A 8 6.47 11.33 5.65
N ARG A 9 5.18 11.46 5.29
CA ARG A 9 4.13 10.49 5.64
C ARG A 9 4.07 9.27 4.70
N GLU A 10 5.15 8.53 4.70
CA GLU A 10 5.43 7.34 3.90
C GLU A 10 6.71 6.62 4.37
N GLN A 11 6.92 5.38 3.93
CA GLN A 11 8.06 4.54 4.32
C GLN A 11 8.43 3.55 3.21
N SER A 12 9.71 3.18 3.14
CA SER A 12 10.24 2.23 2.15
C SER A 12 10.00 0.76 2.56
N CYS A 13 9.83 -0.13 1.56
CA CYS A 13 9.47 -1.54 1.73
C CYS A 13 9.77 -2.33 0.44
N ARG A 14 9.91 -3.66 0.54
CA ARG A 14 10.10 -4.53 -0.62
C ARG A 14 8.78 -4.68 -1.42
N VAL A 15 8.88 -4.69 -2.74
CA VAL A 15 7.76 -4.64 -3.70
C VAL A 15 8.05 -5.53 -4.91
N VAL A 16 7.04 -5.79 -5.74
CA VAL A 16 7.09 -6.78 -6.82
C VAL A 16 6.28 -6.38 -8.04
N THR A 17 6.90 -6.53 -9.22
CA THR A 17 6.30 -6.30 -10.53
C THR A 17 5.97 -7.63 -11.19
N CYS A 18 4.69 -7.93 -11.42
CA CYS A 18 4.27 -9.01 -12.31
C CYS A 18 4.53 -8.59 -13.76
N LYS A 19 5.31 -9.37 -14.49
CA LYS A 19 5.68 -9.10 -15.88
C LYS A 19 4.56 -9.47 -16.87
N THR A 20 3.68 -10.40 -16.48
CA THR A 20 2.54 -10.87 -17.28
C THR A 20 1.41 -9.84 -17.30
N CYS A 21 1.03 -9.28 -16.15
CA CYS A 21 -0.07 -8.32 -16.01
C CYS A 21 0.41 -6.84 -16.00
N LYS A 22 1.72 -6.61 -15.82
CA LYS A 22 2.42 -5.31 -15.82
C LYS A 22 2.08 -4.42 -14.60
N TYR A 23 1.54 -4.98 -13.50
CA TYR A 23 1.29 -4.26 -12.25
C TYR A 23 2.52 -4.20 -11.33
N THR A 24 2.50 -3.32 -10.33
CA THR A 24 3.45 -3.30 -9.20
C THR A 24 2.69 -3.27 -7.88
N HIS A 25 2.91 -4.26 -7.02
CA HIS A 25 2.28 -4.43 -5.70
C HIS A 25 3.33 -4.77 -4.61
N PHE A 26 2.89 -4.89 -3.35
CA PHE A 26 3.74 -5.32 -2.21
C PHE A 26 4.07 -6.83 -2.25
N LYS A 27 3.15 -7.63 -2.79
CA LYS A 27 3.25 -9.10 -2.97
C LYS A 27 2.58 -9.53 -4.30
N PRO A 28 2.93 -10.70 -4.89
CA PRO A 28 2.22 -11.23 -6.04
C PRO A 28 0.83 -11.70 -5.60
N LYS A 29 -0.17 -11.54 -6.46
CA LYS A 29 -1.53 -12.01 -6.21
C LYS A 29 -1.60 -13.54 -6.11
N GLU A 30 -2.59 -14.05 -5.38
CA GLU A 30 -2.86 -15.47 -5.21
C GLU A 30 -3.16 -16.15 -6.56
N THR A 31 -3.82 -15.43 -7.49
CA THR A 31 -4.01 -15.83 -8.88
C THR A 31 -2.69 -15.93 -9.62
N CYS A 32 -1.79 -14.95 -9.46
CA CYS A 32 -0.50 -14.91 -10.13
C CYS A 32 0.46 -16.00 -9.61
N VAL A 33 0.41 -16.31 -8.32
CA VAL A 33 1.12 -17.45 -7.72
C VAL A 33 0.55 -18.79 -8.22
N SER A 34 -0.78 -18.93 -8.29
CA SER A 34 -1.45 -20.17 -8.76
C SER A 34 -1.25 -20.43 -10.27
N GLU A 35 -1.38 -19.40 -11.11
CA GLU A 35 -1.16 -19.46 -12.57
C GLU A 35 0.34 -19.42 -12.94
N ASN A 36 1.23 -19.21 -11.97
CA ASN A 36 2.69 -19.17 -12.13
C ASN A 36 3.15 -18.11 -13.16
N HIS A 37 2.64 -16.86 -13.01
CA HIS A 37 3.16 -15.68 -13.71
C HIS A 37 4.62 -15.42 -13.31
N ASP A 38 5.38 -14.73 -14.18
CA ASP A 38 6.73 -14.26 -13.87
C ASP A 38 6.68 -12.91 -13.14
N PHE A 39 7.48 -12.75 -12.08
CA PHE A 39 7.62 -11.47 -11.36
C PHE A 39 9.07 -11.10 -11.06
N HIS A 40 9.36 -9.79 -10.98
CA HIS A 40 10.63 -9.24 -10.51
C HIS A 40 10.43 -8.48 -9.19
N TRP A 41 11.14 -8.88 -8.13
CA TRP A 41 11.19 -8.17 -6.84
C TRP A 41 12.20 -7.00 -6.86
N HIS A 42 11.91 -5.94 -6.12
CA HIS A 42 12.77 -4.78 -5.87
C HIS A 42 12.28 -4.00 -4.64
N ASN A 43 12.87 -2.83 -4.33
CA ASN A 43 12.43 -1.97 -3.22
C ASN A 43 11.72 -0.69 -3.73
N GLY A 44 10.72 -0.23 -2.98
CA GLY A 44 9.87 0.95 -3.29
C GLY A 44 9.39 1.67 -2.04
N VAL A 45 8.36 2.52 -2.18
CA VAL A 45 7.77 3.34 -1.09
C VAL A 45 6.24 3.30 -1.17
N LYS A 46 5.58 3.20 0.00
CA LYS A 46 4.13 3.06 0.14
C LYS A 46 3.44 4.25 0.86
N ARG A 47 2.20 4.54 0.48
CA ARG A 47 1.33 5.62 1.01
C ARG A 47 -0.02 5.05 1.47
N PHE A 48 -0.67 5.74 2.42
CA PHE A 48 -1.81 5.25 3.20
C PHE A 48 -3.07 6.09 2.91
N PHE A 49 -4.23 5.45 2.72
CA PHE A 49 -5.47 6.12 2.30
C PHE A 49 -6.69 5.69 3.11
N LYS A 50 -7.62 6.63 3.32
CA LYS A 50 -8.90 6.43 4.01
C LYS A 50 -10.09 6.94 3.18
N CYS A 51 -11.22 6.23 3.27
CA CYS A 51 -12.52 6.57 2.66
C CYS A 51 -13.46 7.19 3.74
N PRO A 52 -14.38 8.13 3.40
CA PRO A 52 -15.28 8.76 4.36
C PRO A 52 -16.21 7.82 5.15
N CYS A 53 -16.47 6.58 4.70
CA CYS A 53 -17.22 5.57 5.45
C CYS A 53 -16.42 4.92 6.61
N GLY A 54 -15.09 5.11 6.63
CA GLY A 54 -14.13 4.57 7.60
C GLY A 54 -13.21 3.48 7.05
N ASN A 55 -13.43 3.01 5.82
CA ASN A 55 -12.59 2.00 5.17
C ASN A 55 -11.15 2.51 4.89
N ARG A 56 -10.18 1.60 4.83
CA ARG A 56 -8.73 1.88 4.75
C ARG A 56 -8.05 1.02 3.66
N THR A 57 -7.00 1.57 3.03
CA THR A 57 -6.17 0.90 2.02
C THR A 57 -4.76 1.50 1.97
N ILE A 58 -3.86 0.83 1.25
CA ILE A 58 -2.46 1.22 1.04
C ILE A 58 -2.15 1.10 -0.46
N SER A 59 -1.32 1.99 -1.02
CA SER A 59 -0.83 1.89 -2.41
C SER A 59 0.65 2.30 -2.53
N LEU A 60 1.30 1.88 -3.62
CA LEU A 60 2.62 2.38 -4.02
C LEU A 60 2.52 3.68 -4.82
N ASP A 61 1.39 3.92 -5.48
CA ASP A 61 1.10 5.15 -6.24
C ASP A 61 0.52 6.26 -5.34
N ARG A 62 0.50 7.49 -5.87
CA ARG A 62 -0.04 8.71 -5.21
C ARG A 62 -1.55 8.65 -4.85
N LEU A 63 -2.27 7.66 -5.39
CA LEU A 63 -3.69 7.36 -5.16
C LEU A 63 -3.99 5.93 -5.67
N PRO A 64 -4.84 5.13 -5.00
CA PRO A 64 -5.33 3.86 -5.53
C PRO A 64 -6.30 4.08 -6.71
N LYS A 65 -6.77 2.99 -7.33
CA LYS A 65 -7.70 3.05 -8.48
C LYS A 65 -8.78 1.94 -8.50
N LYS A 66 -8.85 1.13 -7.44
CA LYS A 66 -9.64 -0.12 -7.39
C LYS A 66 -10.99 0.00 -6.64
N HIS A 67 -11.41 1.21 -6.26
CA HIS A 67 -12.68 1.56 -5.57
C HIS A 67 -12.68 1.14 -4.08
N CYS A 68 -13.69 1.57 -3.33
CA CYS A 68 -13.93 1.14 -1.95
C CYS A 68 -14.49 -0.30 -1.88
N SER A 69 -13.90 -1.10 -0.99
CA SER A 69 -14.34 -2.47 -0.69
C SER A 69 -15.66 -2.52 0.09
N THR A 70 -16.07 -1.41 0.73
CA THR A 70 -17.16 -1.36 1.72
C THR A 70 -18.41 -0.65 1.20
N CYS A 71 -18.27 0.47 0.47
CA CYS A 71 -19.40 1.24 -0.09
C CYS A 71 -19.38 1.44 -1.62
N GLY A 72 -18.26 1.13 -2.28
CA GLY A 72 -18.18 0.92 -3.74
C GLY A 72 -17.85 2.16 -4.58
N LEU A 73 -17.84 3.36 -3.98
CA LEU A 73 -17.45 4.62 -4.63
C LEU A 73 -15.91 4.82 -4.69
N PHE A 74 -15.46 6.04 -5.01
CA PHE A 74 -14.05 6.42 -5.11
C PHE A 74 -13.84 7.83 -4.51
N LYS A 75 -13.55 7.87 -3.20
CA LYS A 75 -13.37 9.09 -2.39
C LYS A 75 -12.16 9.02 -1.44
N TRP A 76 -11.15 8.22 -1.81
CA TRP A 76 -9.91 8.02 -1.06
C TRP A 76 -9.16 9.34 -0.79
N GLU A 77 -8.75 9.54 0.47
CA GLU A 77 -7.95 10.66 0.96
C GLU A 77 -6.66 10.13 1.58
N ARG A 78 -5.50 10.70 1.23
CA ARG A 78 -4.21 10.30 1.81
C ARG A 78 -4.14 10.67 3.29
N VAL A 79 -3.85 9.69 4.14
CA VAL A 79 -3.67 9.84 5.61
C VAL A 79 -2.21 9.64 6.01
N GLY A 80 -1.89 9.95 7.27
CA GLY A 80 -0.52 9.98 7.80
C GLY A 80 0.10 8.61 8.03
N MET A 81 1.36 8.62 8.48
CA MET A 81 2.17 7.44 8.78
C MET A 81 1.63 6.66 9.99
N LEU A 82 1.71 5.32 9.92
CA LEU A 82 1.24 4.40 10.96
C LEU A 82 2.21 4.35 12.15
N LYS A 83 1.67 4.27 13.37
CA LYS A 83 2.45 4.24 14.63
C LYS A 83 2.96 2.85 15.03
N GLU A 84 2.29 1.83 14.51
CA GLU A 84 2.59 0.40 14.73
C GLU A 84 3.85 -0.04 13.98
N LYS A 85 4.64 -0.92 14.60
CA LYS A 85 5.95 -1.36 14.10
C LYS A 85 5.86 -2.57 13.15
N THR A 86 6.89 -2.77 12.31
CA THR A 86 6.98 -3.85 11.29
C THR A 86 7.33 -5.21 11.89
N GLY A 87 8.05 -5.24 13.01
CA GLY A 87 8.47 -6.47 13.71
C GLY A 87 9.19 -6.22 15.04
N PRO A 88 9.46 -7.28 15.82
CA PRO A 88 10.11 -7.18 17.13
C PRO A 88 11.61 -6.90 16.99
N LYS A 89 12.15 -6.11 17.94
CA LYS A 89 13.55 -5.67 18.02
C LYS A 89 13.87 -5.01 19.38
N LEU A 90 15.15 -4.75 19.66
CA LEU A 90 15.61 -3.97 20.82
C LEU A 90 15.36 -2.47 20.63
N GLY A 91 15.07 -1.76 21.73
CA GLY A 91 14.80 -0.32 21.75
C GLY A 91 16.04 0.56 22.03
N GLY A 92 17.14 -0.05 22.52
CA GLY A 92 18.39 0.63 22.89
C GLY A 92 19.40 -0.29 23.55
ZN ZN B . -0.06 -11.48 -12.94
ZN ZN C . -16.10 3.67 1.47
N GLY A 1 10.54 24.83 13.57
CA GLY A 1 10.56 23.34 13.61
C GLY A 1 11.65 22.76 12.71
N PRO A 2 11.86 21.43 12.75
CA PRO A 2 12.86 20.73 11.94
C PRO A 2 12.44 20.60 10.48
N MET A 3 13.36 20.14 9.62
CA MET A 3 13.14 19.93 8.18
C MET A 3 12.21 18.73 7.85
N GLY A 4 11.93 17.87 8.83
CA GLY A 4 11.09 16.67 8.69
C GLY A 4 11.83 15.44 8.16
N MET A 5 13.18 15.49 8.07
CA MET A 5 14.02 14.42 7.52
C MET A 5 14.16 13.19 8.44
N GLN A 6 13.86 13.33 9.74
CA GLN A 6 13.98 12.25 10.73
C GLN A 6 12.85 11.21 10.57
N SER A 7 11.61 11.66 10.36
CA SER A 7 10.40 10.83 10.38
C SER A 7 9.37 11.30 9.33
N ILE A 8 8.89 10.37 8.48
CA ILE A 8 7.92 10.64 7.41
C ILE A 8 6.77 9.61 7.51
N ARG A 9 5.53 10.05 7.27
CA ARG A 9 4.30 9.24 7.38
C ARG A 9 4.02 8.34 6.15
N GLU A 10 5.03 8.13 5.32
CA GLU A 10 5.09 7.16 4.22
C GLU A 10 6.53 6.59 4.18
N GLN A 11 6.68 5.33 3.76
CA GLN A 11 7.85 4.52 4.15
C GLN A 11 8.25 3.47 3.11
N SER A 12 9.53 3.14 3.05
CA SER A 12 10.10 2.16 2.12
C SER A 12 9.86 0.70 2.57
N CYS A 13 9.44 -0.16 1.64
CA CYS A 13 9.28 -1.62 1.79
C CYS A 13 9.72 -2.34 0.52
N ARG A 14 9.89 -3.67 0.58
CA ARG A 14 10.04 -4.49 -0.63
C ARG A 14 8.67 -4.62 -1.35
N VAL A 15 8.69 -4.54 -2.67
CA VAL A 15 7.56 -4.47 -3.60
C VAL A 15 7.82 -5.37 -4.81
N VAL A 16 6.80 -5.60 -5.63
CA VAL A 16 6.81 -6.57 -6.74
C VAL A 16 6.15 -5.99 -8.00
N THR A 17 6.70 -6.31 -9.17
CA THR A 17 6.10 -6.08 -10.49
C THR A 17 5.77 -7.43 -11.12
N CYS A 18 4.49 -7.71 -11.37
CA CYS A 18 4.07 -8.83 -12.20
C CYS A 18 4.27 -8.46 -13.68
N LYS A 19 5.09 -9.22 -14.40
CA LYS A 19 5.36 -9.03 -15.83
C LYS A 19 4.23 -9.57 -16.72
N THR A 20 3.40 -10.49 -16.21
CA THR A 20 2.26 -11.08 -16.92
C THR A 20 1.07 -10.10 -16.98
N CYS A 21 0.74 -9.42 -15.87
CA CYS A 21 -0.37 -8.48 -15.78
C CYS A 21 0.04 -6.99 -15.88
N LYS A 22 1.33 -6.69 -15.69
CA LYS A 22 1.98 -5.37 -15.81
C LYS A 22 1.62 -4.40 -14.64
N TYR A 23 1.19 -4.92 -13.48
CA TYR A 23 0.96 -4.13 -12.26
C TYR A 23 2.23 -4.00 -11.39
N THR A 24 2.21 -3.06 -10.44
CA THR A 24 3.18 -2.93 -9.34
C THR A 24 2.41 -2.97 -8.02
N HIS A 25 2.91 -3.72 -7.04
CA HIS A 25 2.21 -4.02 -5.80
C HIS A 25 3.18 -4.36 -4.65
N PHE A 26 2.66 -4.54 -3.43
CA PHE A 26 3.46 -4.93 -2.25
C PHE A 26 3.83 -6.44 -2.26
N LYS A 27 2.98 -7.24 -2.90
CA LYS A 27 3.03 -8.70 -2.99
C LYS A 27 2.11 -9.23 -4.12
N PRO A 28 2.40 -10.39 -4.74
CA PRO A 28 1.60 -10.92 -5.84
C PRO A 28 0.27 -11.49 -5.32
N LYS A 29 -0.74 -11.52 -6.18
CA LYS A 29 -2.04 -12.10 -5.86
C LYS A 29 -1.99 -13.64 -5.70
N GLU A 30 -2.99 -14.18 -5.02
CA GLU A 30 -3.19 -15.63 -4.89
C GLU A 30 -3.35 -16.29 -6.27
N THR A 31 -4.04 -15.63 -7.21
CA THR A 31 -4.19 -16.06 -8.61
C THR A 31 -2.88 -15.94 -9.39
N CYS A 32 -2.07 -14.92 -9.14
CA CYS A 32 -0.75 -14.75 -9.75
C CYS A 32 0.22 -15.85 -9.30
N VAL A 33 0.21 -16.21 -8.02
CA VAL A 33 1.01 -17.32 -7.46
C VAL A 33 0.47 -18.69 -7.96
N SER A 34 -0.85 -18.87 -7.97
CA SER A 34 -1.47 -20.15 -8.39
C SER A 34 -1.29 -20.45 -9.89
N GLU A 35 -1.40 -19.44 -10.76
CA GLU A 35 -1.13 -19.54 -12.20
C GLU A 35 0.37 -19.49 -12.55
N ASN A 36 1.23 -19.20 -11.56
CA ASN A 36 2.69 -19.09 -11.69
C ASN A 36 3.10 -18.00 -12.71
N HIS A 37 2.54 -16.79 -12.57
CA HIS A 37 2.95 -15.59 -13.31
C HIS A 37 4.41 -15.25 -13.02
N ASP A 38 5.09 -14.58 -13.95
CA ASP A 38 6.47 -14.10 -13.76
C ASP A 38 6.45 -12.73 -13.06
N PHE A 39 7.25 -12.57 -11.99
CA PHE A 39 7.39 -11.31 -11.27
C PHE A 39 8.85 -11.00 -10.90
N HIS A 40 9.14 -9.69 -10.79
CA HIS A 40 10.42 -9.16 -10.31
C HIS A 40 10.21 -8.33 -9.03
N TRP A 41 11.02 -8.60 -7.99
CA TRP A 41 10.98 -7.91 -6.71
C TRP A 41 12.07 -6.83 -6.58
N HIS A 42 11.79 -5.76 -5.82
CA HIS A 42 12.64 -4.59 -5.61
C HIS A 42 12.12 -3.73 -4.43
N ASN A 43 12.76 -2.63 -4.07
CA ASN A 43 12.28 -1.71 -3.02
C ASN A 43 11.46 -0.53 -3.60
N GLY A 44 10.46 -0.02 -2.84
CA GLY A 44 9.65 1.14 -3.17
C GLY A 44 8.91 1.74 -1.95
N VAL A 45 8.43 2.98 -2.07
CA VAL A 45 7.71 3.68 -0.97
C VAL A 45 6.20 3.49 -1.09
N LYS A 46 5.56 3.14 0.04
CA LYS A 46 4.11 3.03 0.20
C LYS A 46 3.48 4.22 0.95
N ARG A 47 2.24 4.55 0.59
CA ARG A 47 1.41 5.60 1.20
C ARG A 47 0.00 5.06 1.45
N PHE A 48 -0.65 5.59 2.48
CA PHE A 48 -1.87 5.02 3.07
C PHE A 48 -3.09 5.89 2.75
N PHE A 49 -4.27 5.28 2.67
CA PHE A 49 -5.51 5.93 2.26
C PHE A 49 -6.72 5.51 3.09
N LYS A 50 -7.66 6.43 3.25
CA LYS A 50 -8.91 6.23 3.99
C LYS A 50 -10.14 6.71 3.17
N CYS A 51 -11.23 5.95 3.23
CA CYS A 51 -12.53 6.26 2.64
C CYS A 51 -13.50 6.81 3.72
N PRO A 52 -14.45 7.71 3.39
CA PRO A 52 -15.40 8.27 4.35
C PRO A 52 -16.29 7.26 5.10
N CYS A 53 -16.49 6.04 4.59
CA CYS A 53 -17.20 4.96 5.30
C CYS A 53 -16.37 4.29 6.42
N GLY A 54 -15.05 4.57 6.50
CA GLY A 54 -14.09 4.02 7.45
C GLY A 54 -13.16 2.96 6.85
N ASN A 55 -13.39 2.51 5.62
CA ASN A 55 -12.51 1.56 4.91
C ASN A 55 -11.11 2.14 4.65
N ARG A 56 -10.10 1.27 4.53
CA ARG A 56 -8.68 1.60 4.39
C ARG A 56 -8.03 0.86 3.21
N THR A 57 -6.97 1.45 2.64
CA THR A 57 -6.09 0.81 1.64
C THR A 57 -4.72 1.48 1.60
N ILE A 58 -3.85 1.00 0.72
CA ILE A 58 -2.45 1.42 0.53
C ILE A 58 -2.18 1.51 -0.98
N SER A 59 -1.33 2.44 -1.41
CA SER A 59 -0.80 2.50 -2.78
C SER A 59 0.71 2.81 -2.79
N LEU A 60 1.39 2.44 -3.88
CA LEU A 60 2.75 2.89 -4.19
C LEU A 60 2.74 4.25 -4.92
N ASP A 61 1.62 4.63 -5.54
CA ASP A 61 1.40 5.92 -6.20
C ASP A 61 0.73 6.94 -5.26
N ARG A 62 0.67 8.20 -5.68
CA ARG A 62 0.05 9.32 -4.95
C ARG A 62 -1.44 9.14 -4.61
N LEU A 63 -2.13 8.19 -5.24
CA LEU A 63 -3.54 7.83 -5.03
C LEU A 63 -3.79 6.40 -5.54
N PRO A 64 -4.63 5.57 -4.88
CA PRO A 64 -5.01 4.25 -5.38
C PRO A 64 -5.94 4.35 -6.60
N LYS A 65 -6.10 3.24 -7.33
CA LYS A 65 -6.87 3.14 -8.59
C LYS A 65 -8.12 2.23 -8.49
N LYS A 66 -8.24 1.51 -7.38
CA LYS A 66 -8.96 0.23 -7.26
C LYS A 66 -10.46 0.33 -6.91
N HIS A 67 -10.92 1.49 -6.43
CA HIS A 67 -12.24 1.73 -5.78
C HIS A 67 -12.34 1.07 -4.39
N CYS A 68 -13.31 1.51 -3.58
CA CYS A 68 -13.60 0.96 -2.25
C CYS A 68 -14.12 -0.48 -2.32
N SER A 69 -13.60 -1.35 -1.44
CA SER A 69 -14.05 -2.73 -1.26
C SER A 69 -15.27 -2.87 -0.32
N THR A 70 -15.69 -1.79 0.37
CA THR A 70 -16.81 -1.78 1.32
C THR A 70 -18.07 -1.14 0.72
N CYS A 71 -17.96 0.03 0.07
CA CYS A 71 -19.12 0.77 -0.48
C CYS A 71 -19.09 1.01 -2.01
N GLY A 72 -17.95 0.80 -2.66
CA GLY A 72 -17.81 0.68 -4.12
C GLY A 72 -17.47 1.97 -4.87
N LEU A 73 -17.54 3.14 -4.23
CA LEU A 73 -17.21 4.43 -4.84
C LEU A 73 -15.70 4.75 -4.84
N PHE A 74 -15.34 5.98 -5.21
CA PHE A 74 -13.97 6.50 -5.22
C PHE A 74 -13.90 7.85 -4.49
N LYS A 75 -13.50 7.81 -3.21
CA LYS A 75 -13.39 8.97 -2.30
C LYS A 75 -12.16 8.85 -1.36
N TRP A 76 -11.09 8.19 -1.82
CA TRP A 76 -9.85 7.98 -1.07
C TRP A 76 -9.15 9.30 -0.69
N GLU A 77 -8.83 9.46 0.60
CA GLU A 77 -8.06 10.57 1.17
C GLU A 77 -6.65 10.10 1.55
N ARG A 78 -5.62 10.88 1.21
CA ARG A 78 -4.22 10.62 1.58
C ARG A 78 -4.05 10.73 3.11
N VAL A 79 -3.64 9.65 3.76
CA VAL A 79 -3.35 9.60 5.22
C VAL A 79 -1.97 8.98 5.48
N GLY A 80 -1.52 9.04 6.74
CA GLY A 80 -0.17 8.66 7.13
C GLY A 80 -0.09 7.41 7.99
N MET A 81 1.09 6.78 8.01
CA MET A 81 1.44 5.71 8.96
C MET A 81 2.95 5.52 9.14
N LEU A 82 3.34 5.21 10.38
CA LEU A 82 4.73 5.27 10.87
C LEU A 82 4.97 4.48 12.17
N LYS A 83 4.04 3.58 12.49
CA LYS A 83 3.96 2.84 13.77
C LYS A 83 5.25 2.06 14.09
N GLU A 84 5.96 2.51 15.13
CA GLU A 84 7.07 1.80 15.78
C GLU A 84 6.53 0.65 16.67
N LYS A 85 7.32 0.17 17.64
CA LYS A 85 7.01 -0.91 18.59
C LYS A 85 5.92 -0.59 19.65
N THR A 86 5.01 0.35 19.36
CA THR A 86 3.85 0.74 20.19
C THR A 86 2.84 -0.41 20.34
N GLY A 87 1.88 -0.27 21.26
CA GLY A 87 0.89 -1.29 21.61
C GLY A 87 -0.22 -1.47 20.56
N PRO A 88 -0.79 -2.68 20.47
CA PRO A 88 -0.23 -3.98 20.83
C PRO A 88 1.10 -4.26 20.10
N LYS A 89 2.07 -4.80 20.82
CA LYS A 89 3.48 -4.87 20.37
C LYS A 89 3.69 -5.81 19.17
N LEU A 90 4.73 -5.50 18.37
CA LEU A 90 5.10 -6.21 17.14
C LEU A 90 5.64 -7.62 17.43
N GLY A 91 5.50 -8.53 16.46
CA GLY A 91 5.95 -9.94 16.57
C GLY A 91 7.46 -10.11 16.33
N GLY A 92 7.98 -11.28 16.71
CA GLY A 92 9.39 -11.67 16.59
C GLY A 92 9.67 -13.07 17.14
ZN ZN B . -0.25 -11.40 -12.53
ZN ZN C . -15.96 3.26 1.23
N GLY A 1 19.13 9.07 14.17
CA GLY A 1 19.09 10.53 14.45
C GLY A 1 17.65 11.06 14.48
N PRO A 2 17.44 12.27 15.03
CA PRO A 2 16.11 12.85 15.21
C PRO A 2 15.43 13.27 13.90
N MET A 3 16.18 13.49 12.82
CA MET A 3 15.63 13.75 11.48
C MET A 3 14.77 12.60 10.95
N GLY A 4 15.03 11.35 11.39
CA GLY A 4 14.20 10.18 11.06
C GLY A 4 12.81 10.22 11.70
N MET A 5 12.72 10.72 12.94
CA MET A 5 11.45 10.95 13.65
C MET A 5 10.67 12.18 13.13
N GLN A 6 11.38 13.13 12.51
CA GLN A 6 10.82 14.33 11.89
C GLN A 6 10.35 14.09 10.43
N SER A 7 10.67 12.93 9.85
CA SER A 7 10.35 12.58 8.45
C SER A 7 8.85 12.26 8.20
N ILE A 8 8.49 12.09 6.92
CA ILE A 8 7.12 11.85 6.44
C ILE A 8 6.74 10.36 6.56
N ARG A 9 5.45 10.08 6.81
CA ARG A 9 4.93 8.73 7.06
C ARG A 9 5.12 7.71 5.92
N GLU A 10 5.19 8.16 4.66
CA GLU A 10 5.41 7.31 3.49
C GLU A 10 6.82 6.69 3.55
N GLN A 11 6.90 5.37 3.38
CA GLN A 11 8.02 4.57 3.92
C GLN A 11 8.44 3.45 2.96
N SER A 12 9.75 3.20 2.87
CA SER A 12 10.34 2.24 1.95
C SER A 12 9.96 0.78 2.26
N CYS A 13 9.76 -0.03 1.22
CA CYS A 13 9.27 -1.41 1.30
C CYS A 13 9.79 -2.26 0.13
N ARG A 14 9.76 -3.59 0.26
CA ARG A 14 9.94 -4.51 -0.86
C ARG A 14 8.63 -4.59 -1.67
N VAL A 15 8.74 -4.63 -2.99
CA VAL A 15 7.65 -4.56 -3.97
C VAL A 15 7.94 -5.47 -5.16
N VAL A 16 6.96 -5.68 -6.05
CA VAL A 16 7.04 -6.69 -7.13
C VAL A 16 6.24 -6.29 -8.37
N THR A 17 6.80 -6.58 -9.55
CA THR A 17 6.13 -6.46 -10.85
C THR A 17 5.98 -7.83 -11.48
N CYS A 18 4.75 -8.25 -11.76
CA CYS A 18 4.44 -9.40 -12.62
C CYS A 18 4.56 -8.99 -14.10
N LYS A 19 5.39 -9.71 -14.86
CA LYS A 19 5.69 -9.39 -16.26
C LYS A 19 4.60 -9.91 -17.23
N THR A 20 3.78 -10.87 -16.79
CA THR A 20 2.65 -11.44 -17.56
C THR A 20 1.44 -10.51 -17.53
N CYS A 21 1.06 -10.02 -16.34
CA CYS A 21 -0.12 -9.16 -16.13
C CYS A 21 0.21 -7.65 -16.16
N LYS A 22 1.49 -7.28 -15.96
CA LYS A 22 2.10 -5.96 -16.21
C LYS A 22 1.79 -4.90 -15.11
N TYR A 23 1.40 -5.34 -13.90
CA TYR A 23 1.15 -4.47 -12.73
C TYR A 23 2.30 -4.52 -11.70
N THR A 24 2.41 -3.48 -10.87
CA THR A 24 3.36 -3.36 -9.75
C THR A 24 2.60 -3.19 -8.45
N HIS A 25 2.95 -3.95 -7.42
CA HIS A 25 2.33 -3.95 -6.09
C HIS A 25 3.28 -4.53 -5.01
N PHE A 26 2.81 -4.66 -3.76
CA PHE A 26 3.60 -5.10 -2.60
C PHE A 26 3.96 -6.59 -2.64
N LYS A 27 3.13 -7.42 -3.28
CA LYS A 27 3.20 -8.89 -3.35
C LYS A 27 2.45 -9.44 -4.59
N PRO A 28 2.80 -10.63 -5.11
CA PRO A 28 2.07 -11.27 -6.20
C PRO A 28 0.75 -11.85 -5.67
N LYS A 29 -0.24 -12.00 -6.56
CA LYS A 29 -1.52 -12.65 -6.24
C LYS A 29 -1.37 -14.17 -6.04
N GLU A 30 -2.32 -14.78 -5.35
CA GLU A 30 -2.38 -16.24 -5.18
C GLU A 30 -2.52 -16.96 -6.52
N THR A 31 -3.24 -16.36 -7.48
CA THR A 31 -3.33 -16.82 -8.88
C THR A 31 -1.99 -16.71 -9.60
N CYS A 32 -1.24 -15.63 -9.42
CA CYS A 32 0.08 -15.44 -10.02
C CYS A 32 1.10 -16.46 -9.47
N VAL A 33 1.06 -16.74 -8.16
CA VAL A 33 1.90 -17.77 -7.51
C VAL A 33 1.50 -19.18 -7.98
N SER A 34 0.20 -19.50 -8.02
CA SER A 34 -0.31 -20.84 -8.39
C SER A 34 -0.12 -21.18 -9.88
N GLU A 35 -0.43 -20.24 -10.79
CA GLU A 35 -0.20 -20.37 -12.23
C GLU A 35 1.26 -20.10 -12.65
N ASN A 36 2.10 -19.67 -11.69
CA ASN A 36 3.56 -19.62 -11.81
C ASN A 36 4.07 -18.54 -12.79
N HIS A 37 3.44 -17.34 -12.75
CA HIS A 37 3.84 -16.18 -13.54
C HIS A 37 5.27 -15.74 -13.20
N ASP A 38 5.95 -15.11 -14.17
CA ASP A 38 7.29 -14.53 -13.97
C ASP A 38 7.15 -13.11 -13.38
N PHE A 39 7.71 -12.90 -12.19
CA PHE A 39 7.76 -11.60 -11.52
C PHE A 39 9.19 -11.21 -11.12
N HIS A 40 9.42 -9.91 -11.07
CA HIS A 40 10.67 -9.29 -10.58
C HIS A 40 10.40 -8.53 -9.28
N TRP A 41 11.05 -8.93 -8.19
CA TRP A 41 11.04 -8.22 -6.91
C TRP A 41 12.09 -7.08 -6.91
N HIS A 42 11.80 -5.99 -6.19
CA HIS A 42 12.67 -4.82 -5.99
C HIS A 42 12.19 -3.98 -4.79
N ASN A 43 12.84 -2.84 -4.52
CA ASN A 43 12.42 -1.89 -3.48
C ASN A 43 11.64 -0.68 -4.07
N GLY A 44 10.71 -0.17 -3.27
CA GLY A 44 9.83 0.98 -3.58
C GLY A 44 9.37 1.70 -2.31
N VAL A 45 8.25 2.42 -2.37
CA VAL A 45 7.67 3.20 -1.26
C VAL A 45 6.14 3.27 -1.36
N LYS A 46 5.47 3.20 -0.21
CA LYS A 46 4.01 3.13 -0.07
C LYS A 46 3.42 4.29 0.75
N ARG A 47 2.14 4.60 0.50
CA ARG A 47 1.33 5.64 1.16
C ARG A 47 -0.06 5.07 1.56
N PHE A 48 -0.67 5.69 2.57
CA PHE A 48 -1.84 5.18 3.29
C PHE A 48 -3.06 6.11 3.13
N PHE A 49 -4.25 5.53 2.92
CA PHE A 49 -5.46 6.27 2.54
C PHE A 49 -6.70 5.82 3.32
N LYS A 50 -7.63 6.76 3.51
CA LYS A 50 -8.92 6.57 4.20
C LYS A 50 -10.09 7.09 3.34
N CYS A 51 -11.24 6.42 3.45
CA CYS A 51 -12.54 6.82 2.90
C CYS A 51 -13.41 7.51 3.99
N PRO A 52 -14.33 8.43 3.65
CA PRO A 52 -15.22 9.08 4.62
C PRO A 52 -16.12 8.13 5.44
N CYS A 53 -16.42 6.91 4.97
CA CYS A 53 -17.15 5.89 5.76
C CYS A 53 -16.30 5.18 6.85
N GLY A 54 -14.97 5.36 6.81
CA GLY A 54 -13.97 4.77 7.73
C GLY A 54 -13.10 3.67 7.11
N ASN A 55 -13.48 3.12 5.95
CA ASN A 55 -12.69 2.11 5.21
C ASN A 55 -11.29 2.64 4.83
N ARG A 56 -10.32 1.72 4.65
CA ARG A 56 -8.89 2.02 4.45
C ARG A 56 -8.31 1.28 3.24
N THR A 57 -7.20 1.80 2.69
CA THR A 57 -6.37 1.15 1.65
C THR A 57 -4.95 1.72 1.64
N ILE A 58 -4.09 1.13 0.81
CA ILE A 58 -2.65 1.42 0.67
C ILE A 58 -2.31 1.43 -0.83
N SER A 59 -1.38 2.28 -1.27
CA SER A 59 -0.90 2.29 -2.67
C SER A 59 0.60 2.58 -2.76
N LEU A 60 1.24 2.16 -3.86
CA LEU A 60 2.58 2.59 -4.26
C LEU A 60 2.56 3.93 -5.01
N ASP A 61 1.39 4.41 -5.46
CA ASP A 61 1.21 5.73 -6.09
C ASP A 61 0.61 6.75 -5.11
N ARG A 62 0.60 8.03 -5.49
CA ARG A 62 0.06 9.13 -4.67
C ARG A 62 -1.47 9.09 -4.43
N LEU A 63 -2.18 8.15 -5.06
CA LEU A 63 -3.62 7.89 -4.90
C LEU A 63 -3.92 6.44 -5.36
N PRO A 64 -4.76 5.66 -4.65
CA PRO A 64 -5.09 4.28 -5.04
C PRO A 64 -5.97 4.24 -6.29
N LYS A 65 -5.91 3.11 -7.01
CA LYS A 65 -6.60 2.91 -8.30
C LYS A 65 -8.05 2.41 -8.19
N LYS A 66 -8.42 1.87 -7.02
CA LYS A 66 -9.64 1.07 -6.80
C LYS A 66 -10.73 1.84 -6.03
N HIS A 67 -12.00 1.50 -6.25
CA HIS A 67 -13.14 2.03 -5.49
C HIS A 67 -13.30 1.33 -4.13
N CYS A 68 -14.07 1.92 -3.21
CA CYS A 68 -14.31 1.42 -1.85
C CYS A 68 -14.98 0.03 -1.83
N SER A 69 -14.52 -0.82 -0.93
CA SER A 69 -15.09 -2.15 -0.66
C SER A 69 -16.37 -2.10 0.20
N THR A 70 -16.62 -0.98 0.90
CA THR A 70 -17.63 -0.85 1.96
C THR A 70 -18.84 -0.02 1.53
N CYS A 71 -18.65 1.02 0.70
CA CYS A 71 -19.73 1.88 0.18
C CYS A 71 -19.75 2.08 -1.35
N GLY A 72 -18.67 1.72 -2.05
CA GLY A 72 -18.62 1.54 -3.50
C GLY A 72 -18.21 2.76 -4.34
N LEU A 73 -18.02 3.94 -3.72
CA LEU A 73 -17.60 5.17 -4.39
C LEU A 73 -16.06 5.34 -4.44
N PHE A 74 -15.60 6.52 -4.85
CA PHE A 74 -14.18 6.91 -4.89
C PHE A 74 -13.98 8.30 -4.27
N LYS A 75 -13.60 8.34 -2.98
CA LYS A 75 -13.41 9.56 -2.18
C LYS A 75 -12.19 9.44 -1.22
N TRP A 76 -11.16 8.71 -1.65
CA TRP A 76 -9.93 8.49 -0.87
C TRP A 76 -9.18 9.79 -0.52
N GLU A 77 -8.66 9.84 0.71
CA GLU A 77 -7.82 10.92 1.24
C GLU A 77 -6.58 10.32 1.89
N ARG A 78 -5.40 10.89 1.65
CA ARG A 78 -4.13 10.39 2.20
C ARG A 78 -4.04 10.72 3.70
N VAL A 79 -3.66 9.75 4.52
CA VAL A 79 -3.60 9.84 6.00
C VAL A 79 -2.19 9.55 6.54
N GLY A 80 -2.01 9.68 7.86
CA GLY A 80 -0.74 9.48 8.56
C GLY A 80 -0.35 8.02 8.73
N MET A 81 0.68 7.80 9.55
CA MET A 81 1.26 6.48 9.75
C MET A 81 0.29 5.57 10.54
N LEU A 82 -0.08 4.46 9.90
CA LEU A 82 -0.91 3.39 10.44
C LEU A 82 -0.26 2.60 11.59
N LYS A 83 -1.11 1.94 12.38
CA LYS A 83 -0.75 0.82 13.26
C LYS A 83 -1.62 -0.43 12.99
N GLU A 84 -1.01 -1.60 13.14
CA GLU A 84 -1.71 -2.88 13.24
C GLU A 84 -2.48 -3.01 14.57
N LYS A 85 -3.29 -4.07 14.71
CA LYS A 85 -3.91 -4.47 15.97
C LYS A 85 -2.86 -4.95 17.00
N THR A 86 -3.09 -4.68 18.28
CA THR A 86 -2.20 -5.03 19.42
C THR A 86 -2.31 -6.50 19.78
N GLY A 87 -1.34 -7.00 20.55
CA GLY A 87 -1.26 -8.37 21.07
C GLY A 87 -0.52 -8.47 22.41
N PRO A 88 -0.30 -9.69 22.93
CA PRO A 88 0.38 -9.94 24.21
C PRO A 88 1.92 -9.86 24.13
N LYS A 89 2.48 -9.70 22.92
CA LYS A 89 3.93 -9.68 22.69
C LYS A 89 4.65 -8.48 23.37
N LEU A 90 5.88 -8.72 23.83
CA LEU A 90 6.76 -7.72 24.45
C LEU A 90 7.40 -6.80 23.39
N GLY A 91 7.69 -5.54 23.78
CA GLY A 91 8.36 -4.54 22.94
C GLY A 91 9.89 -4.65 22.94
N GLY A 92 10.57 -3.59 22.48
CA GLY A 92 12.03 -3.48 22.38
C GLY A 92 12.50 -2.09 21.97
ZN ZN B . 0.33 -12.23 -12.94
ZN ZN C . -16.22 4.02 1.68
#